data_5BKK
#
_entry.id   5BKK
#
_cell.length_a   1.00
_cell.length_b   1.00
_cell.length_c   1.00
_cell.angle_alpha   90.00
_cell.angle_beta   90.00
_cell.angle_gamma   90.00
#
_symmetry.space_group_name_H-M   'P 1'
#
loop_
_entity.id
_entity.type
_entity.pdbx_description
1 polymer 'Calcium-gated potassium channel MthK'
2 non-polymer '(1R)-2-{[(S)-{[(2S)-2,3-dihydroxypropyl]oxy}(hydroxy)phosphoryl]oxy}-1-[(hexadecanoyloxy)methyl]ethyl (9Z)-octadec-9-enoate'
3 non-polymer 'POTASSIUM ION'
4 non-polymer (~{R})-phenyl-[4-[(tributyl-$l^{4}-azanyl)methyl]phenyl]methanol
#
_entity_poly.entity_id   1
_entity_poly.type   'polypeptide(L)'
_entity_poly.pdbx_seq_one_letter_code
;MVLVIEIIRKHLPRVLKVPATRILLLVLAVIIYGTAGFHFIEGESWTVSLYWTFVTIATVGYGDYSPSTPLGMYFTVTLI
VLGIGTFAVAVERLLEFLINREQMKLMGLIDVAKSRHVVICGWSESTLECLRELRGSEVFVLAEDENVRKKVLRSGANFV
HGDPTRVSDLEKANVRGARAVIVDLESDSETIHCILGIRKIDESVRIIAEAERYENIEQLRMAGADQVISPFVISGRLMS
RSIDDGYEAMFVQDVLAEESTRRMVEVPIPEGSKLEGVSVLDADIHDVTGVIIIGVGRGDELIIDPPRDYSFRAGDIILG
IGKPEEIERLKNYISA
;
_entity_poly.pdbx_strand_id   A,B,C,D,E,F,G,H
#
# COMPACT_ATOMS: atom_id res chain seq x y z
N ALA A 20 -22.61 26.23 8.54
CA ALA A 20 -21.67 26.65 9.58
C ALA A 20 -22.30 27.72 10.46
N THR A 21 -22.49 28.92 9.90
CA THR A 21 -23.12 30.02 10.60
C THR A 21 -24.60 30.15 10.25
N ARG A 22 -25.00 29.65 9.06
CA ARG A 22 -26.39 29.70 8.62
C ARG A 22 -27.33 28.85 9.47
N ILE A 23 -26.78 27.91 10.25
CA ILE A 23 -27.60 27.12 11.16
C ILE A 23 -28.16 28.02 12.26
N LEU A 24 -27.32 28.93 12.78
CA LEU A 24 -27.78 29.89 13.78
C LEU A 24 -28.77 30.88 13.17
N LEU A 25 -28.58 31.24 11.89
CA LEU A 25 -29.54 32.10 11.21
C LEU A 25 -30.90 31.41 11.06
N LEU A 26 -30.90 30.11 10.76
CA LEU A 26 -32.16 29.39 10.64
C LEU A 26 -32.82 29.19 12.00
N VAL A 27 -32.01 29.00 13.05
CA VAL A 27 -32.54 28.93 14.41
C VAL A 27 -33.23 30.24 14.80
N LEU A 28 -32.56 31.37 14.53
CA LEU A 28 -33.15 32.67 14.84
C LEU A 28 -34.37 32.97 13.97
N ALA A 29 -34.38 32.48 12.72
CA ALA A 29 -35.54 32.67 11.85
C ALA A 29 -36.75 31.91 12.37
N VAL A 30 -36.56 30.65 12.78
CA VAL A 30 -37.67 29.87 13.31
C VAL A 30 -38.13 30.43 14.67
N ILE A 31 -37.20 30.97 15.45
CA ILE A 31 -37.56 31.56 16.75
C ILE A 31 -38.39 32.84 16.55
N ILE A 32 -37.98 33.71 15.63
CA ILE A 32 -38.74 34.93 15.42
C ILE A 32 -40.07 34.63 14.73
N TYR A 33 -40.12 33.58 13.90
CA TYR A 33 -41.40 33.17 13.32
C TYR A 33 -42.35 32.65 14.38
N GLY A 34 -41.84 31.86 15.33
CA GLY A 34 -42.68 31.35 16.40
C GLY A 34 -43.19 32.44 17.33
N THR A 35 -42.33 33.41 17.66
CA THR A 35 -42.74 34.49 18.55
C THR A 35 -43.74 35.41 17.85
N ALA A 36 -43.46 35.81 16.61
CA ALA A 36 -44.35 36.69 15.86
C ALA A 36 -45.66 36.00 15.49
N GLY A 37 -45.68 34.67 15.43
CA GLY A 37 -46.94 33.98 15.22
C GLY A 37 -47.75 33.88 16.50
N PHE A 38 -47.10 33.49 17.61
CA PHE A 38 -47.83 33.27 18.85
C PHE A 38 -48.36 34.58 19.44
N HIS A 39 -47.62 35.67 19.29
CA HIS A 39 -48.09 36.95 19.81
C HIS A 39 -49.24 37.49 18.96
N PHE A 40 -49.16 37.34 17.64
CA PHE A 40 -50.20 37.87 16.76
C PHE A 40 -51.41 36.95 16.63
N ILE A 41 -51.34 35.72 17.12
CA ILE A 41 -52.47 34.81 17.09
C ILE A 41 -53.09 34.61 18.46
N GLU A 42 -52.29 34.18 19.44
CA GLU A 42 -52.83 33.90 20.78
C GLU A 42 -53.08 35.18 21.57
N GLY A 43 -52.22 36.18 21.42
CA GLY A 43 -52.42 37.44 22.10
C GLY A 43 -51.74 37.49 23.45
N GLU A 44 -50.53 36.94 23.54
CA GLU A 44 -49.73 36.97 24.75
C GLU A 44 -48.60 37.98 24.60
N SER A 45 -48.01 38.36 25.73
CA SER A 45 -46.90 39.30 25.70
C SER A 45 -45.64 38.62 25.14
N TRP A 46 -44.64 39.42 24.81
CA TRP A 46 -43.50 38.92 24.06
C TRP A 46 -42.57 38.06 24.91
N THR A 47 -42.53 38.31 26.22
CA THR A 47 -41.71 37.50 27.12
C THR A 47 -42.24 36.07 27.21
N VAL A 48 -43.54 35.92 27.48
CA VAL A 48 -44.13 34.59 27.59
C VAL A 48 -44.24 33.94 26.21
N SER A 49 -44.31 34.73 25.14
CA SER A 49 -44.30 34.16 23.79
C SER A 49 -42.93 33.60 23.44
N LEU A 50 -41.86 34.29 23.83
CA LEU A 50 -40.51 33.76 23.62
C LEU A 50 -40.26 32.54 24.49
N TYR A 51 -40.79 32.55 25.72
CA TYR A 51 -40.66 31.40 26.61
C TYR A 51 -41.39 30.18 26.05
N TRP A 52 -42.60 30.38 25.52
CA TRP A 52 -43.33 29.28 24.89
C TRP A 52 -42.67 28.84 23.59
N THR A 53 -42.02 29.75 22.88
CA THR A 53 -41.30 29.39 21.67
C THR A 53 -40.10 28.50 21.99
N PHE A 54 -39.34 28.85 23.02
CA PHE A 54 -38.23 27.99 23.44
C PHE A 54 -38.70 26.69 24.08
N VAL A 55 -39.91 26.67 24.66
CA VAL A 55 -40.46 25.42 25.18
C VAL A 55 -40.92 24.52 24.05
N THR A 56 -41.49 25.07 22.98
CA THR A 56 -42.02 24.27 21.88
C THR A 56 -40.90 23.80 20.95
N ILE A 57 -39.92 24.67 20.67
CA ILE A 57 -38.82 24.31 19.78
C ILE A 57 -37.97 23.20 20.39
N ALA A 58 -37.70 23.27 21.69
CA ALA A 58 -36.88 22.27 22.34
C ALA A 58 -37.67 21.03 22.75
N THR A 59 -38.94 20.92 22.35
CA THR A 59 -39.82 19.77 22.57
C THR A 59 -39.96 19.44 24.06
N VAL A 60 -40.34 20.44 24.83
CA VAL A 60 -40.62 20.27 26.25
C VAL A 60 -42.11 20.22 26.53
N GLY A 61 -42.85 21.25 26.09
CA GLY A 61 -44.29 21.27 26.19
C GLY A 61 -44.86 21.26 27.59
N TYR A 62 -44.69 22.35 28.33
CA TYR A 62 -45.26 22.44 29.66
C TYR A 62 -46.78 22.48 29.62
N GLY A 63 -47.36 23.04 28.56
CA GLY A 63 -48.79 23.16 28.47
C GLY A 63 -49.40 24.27 29.29
N ASP A 64 -48.57 25.10 29.92
CA ASP A 64 -49.08 26.24 30.68
C ASP A 64 -49.51 27.39 29.79
N TYR A 65 -49.03 27.44 28.54
CA TYR A 65 -49.40 28.47 27.59
C TYR A 65 -49.63 27.85 26.22
N SER A 66 -50.34 26.72 26.19
CA SER A 66 -50.70 26.07 24.94
C SER A 66 -51.71 26.93 24.18
N PRO A 67 -51.68 26.88 22.84
CA PRO A 67 -52.67 27.63 22.07
C PRO A 67 -54.06 27.03 22.19
N SER A 68 -55.02 27.88 22.53
CA SER A 68 -56.42 27.48 22.61
C SER A 68 -57.23 27.88 21.39
N THR A 69 -56.70 28.73 20.53
CA THR A 69 -57.39 29.11 19.31
C THR A 69 -57.18 28.06 18.23
N PRO A 70 -58.13 27.93 17.29
CA PRO A 70 -57.89 27.01 16.15
C PRO A 70 -56.75 27.46 15.25
N LEU A 71 -56.59 28.78 15.07
CA LEU A 71 -55.48 29.30 14.26
C LEU A 71 -54.15 29.03 14.95
N GLY A 72 -54.10 29.14 16.27
CA GLY A 72 -52.92 28.74 16.99
C GLY A 72 -52.69 27.25 16.96
N MET A 73 -53.77 26.46 16.95
CA MET A 73 -53.68 25.02 16.85
C MET A 73 -53.18 24.56 15.48
N TYR A 74 -53.37 25.37 14.44
CA TYR A 74 -52.83 25.06 13.13
C TYR A 74 -51.49 25.74 12.87
N PHE A 75 -51.13 26.74 13.67
CA PHE A 75 -49.82 27.39 13.53
C PHE A 75 -48.75 26.64 14.32
N THR A 76 -49.14 26.05 15.46
CA THR A 76 -48.19 25.30 16.28
C THR A 76 -47.70 24.06 15.54
N VAL A 77 -48.53 23.49 14.65
CA VAL A 77 -48.10 22.41 13.77
C VAL A 77 -46.94 22.86 12.88
N THR A 78 -47.07 24.06 12.30
CA THR A 78 -46.02 24.57 11.42
C THR A 78 -44.75 24.92 12.21
N LEU A 79 -44.92 25.45 13.42
CA LEU A 79 -43.75 25.75 14.25
C LEU A 79 -43.05 24.48 14.71
N ILE A 80 -43.82 23.42 14.99
CA ILE A 80 -43.25 22.14 15.38
C ILE A 80 -42.50 21.48 14.23
N VAL A 81 -43.08 21.52 13.01
CA VAL A 81 -42.38 20.90 11.88
C VAL A 81 -41.15 21.72 11.48
N LEU A 82 -41.19 23.05 11.67
CA LEU A 82 -39.99 23.86 11.47
C LEU A 82 -38.94 23.59 12.54
N GLY A 83 -39.36 23.31 13.77
CA GLY A 83 -38.41 22.96 14.81
C GLY A 83 -37.76 21.60 14.59
N ILE A 84 -38.55 20.63 14.11
CA ILE A 84 -37.99 19.32 13.79
C ILE A 84 -37.07 19.40 12.58
N GLY A 85 -37.38 20.27 11.61
CA GLY A 85 -36.46 20.48 10.50
C GLY A 85 -35.20 21.18 10.92
N THR A 86 -35.31 22.12 11.87
CA THR A 86 -34.14 22.80 12.43
C THR A 86 -33.23 21.81 13.16
N PHE A 87 -33.84 20.96 13.99
CA PHE A 87 -33.09 19.91 14.69
C PHE A 87 -32.47 18.92 13.72
N ALA A 88 -33.16 18.61 12.63
CA ALA A 88 -32.63 17.67 11.64
C ALA A 88 -31.43 18.23 10.90
N VAL A 89 -31.53 19.49 10.47
CA VAL A 89 -30.43 20.13 9.75
C VAL A 89 -29.24 20.35 10.68
N ALA A 90 -29.51 20.73 11.95
CA ALA A 90 -28.44 20.95 12.92
C ALA A 90 -27.72 19.65 13.27
N VAL A 91 -28.47 18.56 13.47
CA VAL A 91 -27.85 17.29 13.78
C VAL A 91 -27.18 16.67 12.57
N GLU A 92 -27.66 16.96 11.36
CA GLU A 92 -26.96 16.49 10.15
C GLU A 92 -25.63 17.21 9.99
N ARG A 93 -25.60 18.53 10.23
CA ARG A 93 -24.34 19.28 10.17
C ARG A 93 -23.40 18.85 11.29
N LEU A 94 -23.94 18.56 12.48
CA LEU A 94 -23.13 18.12 13.60
C LEU A 94 -22.50 16.75 13.33
N LEU A 95 -23.29 15.81 12.80
CA LEU A 95 -22.78 14.48 12.54
C LEU A 95 -21.82 14.48 11.35
N GLU A 96 -22.06 15.32 10.35
CA GLU A 96 -21.13 15.44 9.23
C GLU A 96 -19.81 16.04 9.69
N PHE A 97 -19.86 17.06 10.55
CA PHE A 97 -18.64 17.66 11.07
C PHE A 97 -17.89 16.70 11.98
N LEU A 98 -18.61 15.93 12.79
CA LEU A 98 -17.99 14.94 13.67
C LEU A 98 -17.34 13.82 12.87
N ILE A 99 -18.02 13.32 11.84
CA ILE A 99 -17.48 12.23 11.03
C ILE A 99 -16.29 12.71 10.21
N ASN A 100 -16.34 13.94 9.69
CA ASN A 100 -15.22 14.47 8.92
C ASN A 100 -14.02 14.75 9.81
N ARG A 101 -14.24 15.32 10.99
CA ARG A 101 -13.14 15.57 11.91
C ARG A 101 -12.56 14.29 12.48
N GLU A 102 -13.36 13.23 12.63
CA GLU A 102 -12.83 11.97 13.10
C GLU A 102 -12.15 11.16 12.01
N GLN A 103 -12.52 11.37 10.74
CA GLN A 103 -11.75 10.78 9.66
C GLN A 103 -10.43 11.52 9.45
N MET A 104 -10.43 12.84 9.63
CA MET A 104 -9.18 13.59 9.51
C MET A 104 -8.27 13.38 10.71
N LYS A 105 -8.83 13.11 11.89
CA LYS A 105 -8.01 12.76 13.05
C LYS A 105 -7.52 11.33 12.99
N LEU A 106 -8.16 10.48 12.17
CA LEU A 106 -7.78 9.07 12.10
C LEU A 106 -6.45 8.89 11.39
N MET A 107 -6.32 9.44 10.18
CA MET A 107 -5.08 9.36 9.42
C MET A 107 -4.11 10.49 9.78
N GLY A 108 -4.36 11.21 10.87
CA GLY A 108 -3.41 12.20 11.34
C GLY A 108 -3.33 13.46 10.53
N LEU A 109 -4.44 13.91 9.94
CA LEU A 109 -4.47 15.14 9.17
C LEU A 109 -4.93 16.33 10.00
N ILE A 110 -4.60 16.33 11.29
CA ILE A 110 -5.05 17.36 12.20
C ILE A 110 -3.86 18.27 12.51
N ASP A 111 -4.16 19.50 12.94
CA ASP A 111 -3.15 20.39 13.48
C ASP A 111 -2.95 20.07 14.97
N VAL A 112 -1.92 20.69 15.55
CA VAL A 112 -1.56 20.48 16.94
C VAL A 112 -1.67 21.81 17.66
N ALA A 113 -2.35 21.80 18.82
CA ALA A 113 -2.54 23.02 19.61
C ALA A 113 -1.98 22.90 21.01
N LYS A 114 -1.10 21.94 21.28
CA LYS A 114 -0.47 21.84 22.58
C LYS A 114 0.67 22.85 22.69
N SER A 115 1.24 22.96 23.90
CA SER A 115 2.25 23.96 24.16
C SER A 115 3.47 23.44 24.91
N ARG A 116 3.44 22.22 25.45
CA ARG A 116 4.60 21.66 26.14
C ARG A 116 4.82 20.23 25.71
N HIS A 117 4.67 19.97 24.41
CA HIS A 117 4.74 18.63 23.85
C HIS A 117 6.11 18.37 23.24
N VAL A 118 6.35 17.11 22.89
CA VAL A 118 7.62 16.66 22.35
C VAL A 118 7.35 16.10 20.97
N VAL A 119 7.65 16.87 19.92
CA VAL A 119 7.51 16.39 18.56
C VAL A 119 8.62 15.39 18.27
N ILE A 120 8.25 14.24 17.71
CA ILE A 120 9.21 13.23 17.30
C ILE A 120 9.10 13.09 15.79
N CYS A 121 10.03 13.68 15.07
CA CYS A 121 10.04 13.59 13.61
C CYS A 121 10.63 12.25 13.21
N GLY A 122 9.83 11.44 12.53
CA GLY A 122 10.24 10.10 12.15
C GLY A 122 9.99 9.09 13.24
N TRP A 123 10.24 7.83 12.90
CA TRP A 123 9.93 6.74 13.81
C TRP A 123 10.89 5.58 13.58
N SER A 124 11.52 5.12 14.65
CA SER A 124 12.43 3.99 14.61
C SER A 124 12.40 3.32 15.97
N GLU A 125 13.30 2.36 16.18
CA GLU A 125 13.39 1.70 17.47
C GLU A 125 13.99 2.62 18.52
N SER A 126 14.86 3.56 18.10
CA SER A 126 15.42 4.52 19.05
C SER A 126 14.40 5.54 19.52
N THR A 127 13.34 5.78 18.75
CA THR A 127 12.25 6.61 19.21
C THR A 127 11.19 5.83 19.96
N LEU A 128 11.14 4.51 19.80
CA LEU A 128 10.23 3.71 20.60
C LEU A 128 10.74 3.57 22.03
N GLU A 129 12.05 3.50 22.21
CA GLU A 129 12.61 3.42 23.55
C GLU A 129 12.54 4.75 24.29
N CYS A 130 12.35 5.85 23.59
CA CYS A 130 12.14 7.14 24.25
C CYS A 130 10.67 7.43 24.49
N LEU A 131 9.79 6.48 24.20
CA LEU A 131 8.40 6.56 24.65
C LEU A 131 8.17 5.81 25.95
N ARG A 132 9.06 4.88 26.30
CA ARG A 132 8.99 4.17 27.57
C ARG A 132 9.57 4.98 28.72
N GLU A 133 10.12 6.17 28.44
CA GLU A 133 10.56 7.07 29.49
C GLU A 133 9.89 8.44 29.38
N LEU A 134 8.84 8.57 28.56
CA LEU A 134 8.02 9.76 28.49
C LEU A 134 6.56 9.34 28.65
N ARG A 135 5.66 10.31 28.48
CA ARG A 135 4.23 10.05 28.54
C ARG A 135 3.67 9.88 27.14
N GLY A 136 2.68 9.00 27.01
CA GLY A 136 2.10 8.65 25.73
C GLY A 136 1.38 9.77 25.02
N SER A 137 0.41 10.41 25.68
CA SER A 137 -0.34 11.49 25.07
C SER A 137 0.44 12.80 24.98
N GLU A 138 1.63 12.86 25.58
CA GLU A 138 2.43 14.09 25.56
C GLU A 138 3.20 14.25 24.26
N VAL A 139 3.62 13.16 23.64
CA VAL A 139 4.50 13.23 22.48
C VAL A 139 3.67 13.15 21.20
N PHE A 140 4.24 13.68 20.12
CA PHE A 140 3.59 13.75 18.81
C PHE A 140 4.56 13.24 17.77
N VAL A 141 4.20 12.16 17.08
CA VAL A 141 5.05 11.59 16.04
C VAL A 141 4.63 12.18 14.70
N LEU A 142 5.56 12.84 14.02
CA LEU A 142 5.32 13.45 12.71
C LEU A 142 6.04 12.60 11.67
N ALA A 143 5.31 11.68 11.05
CA ALA A 143 5.86 10.81 10.02
C ALA A 143 4.93 10.81 8.82
N GLU A 144 5.27 9.99 7.82
CA GLU A 144 4.54 9.98 6.56
C GLU A 144 4.11 8.59 6.11
N ASP A 145 4.78 7.52 6.54
CA ASP A 145 4.42 6.18 6.12
C ASP A 145 3.10 5.74 6.76
N GLU A 146 2.51 4.70 6.19
CA GLU A 146 1.21 4.23 6.62
C GLU A 146 1.30 3.24 7.79
N ASN A 147 2.24 2.31 7.74
CA ASN A 147 2.42 1.36 8.83
C ASN A 147 3.09 1.96 10.04
N VAL A 148 3.62 3.19 9.94
CA VAL A 148 4.09 3.91 11.11
C VAL A 148 2.91 4.34 11.97
N ARG A 149 1.81 4.76 11.33
CA ARG A 149 0.65 5.28 12.04
C ARG A 149 0.00 4.21 12.91
N LYS A 150 -0.02 2.97 12.44
CA LYS A 150 -0.47 1.88 13.30
C LYS A 150 0.56 1.55 14.37
N LYS A 151 1.85 1.71 14.06
CA LYS A 151 2.89 1.45 15.05
C LYS A 151 2.91 2.50 16.16
N VAL A 152 2.46 3.72 15.84
CA VAL A 152 2.48 4.80 16.83
C VAL A 152 1.38 4.60 17.87
N LEU A 153 0.17 4.27 17.42
CA LEU A 153 -0.97 4.17 18.32
C LEU A 153 -0.92 2.96 19.23
N ARG A 154 -0.16 1.93 18.87
CA ARG A 154 0.04 0.81 19.80
C ARG A 154 0.94 1.22 20.96
N SER A 155 1.85 2.16 20.74
CA SER A 155 2.68 2.70 21.81
C SER A 155 2.00 3.82 22.56
N GLY A 156 0.89 4.35 22.05
CA GLY A 156 0.11 5.33 22.78
C GLY A 156 0.40 6.77 22.45
N ALA A 157 1.10 7.05 21.37
CA ALA A 157 1.43 8.42 21.00
C ALA A 157 0.41 8.97 20.01
N ASN A 158 0.57 10.24 19.65
CA ASN A 158 -0.33 10.91 18.71
C ASN A 158 0.37 11.04 17.38
N PHE A 159 -0.23 10.49 16.33
CA PHE A 159 0.34 10.55 14.99
C PHE A 159 -0.15 11.79 14.26
N VAL A 160 0.77 12.51 13.66
CA VAL A 160 0.47 13.66 12.82
C VAL A 160 1.06 13.37 11.44
N HIS A 161 0.20 13.20 10.45
CA HIS A 161 0.68 12.92 9.10
C HIS A 161 1.30 14.17 8.48
N GLY A 162 2.46 14.01 7.88
CA GLY A 162 3.13 15.12 7.23
C GLY A 162 4.50 14.69 6.77
N ASP A 163 5.11 15.57 5.97
CA ASP A 163 6.49 15.38 5.55
C ASP A 163 7.37 16.16 6.52
N PRO A 164 8.14 15.50 7.37
CA PRO A 164 8.91 16.23 8.40
C PRO A 164 10.07 17.03 7.86
N THR A 165 10.46 16.85 6.60
CA THR A 165 11.44 17.73 5.97
C THR A 165 10.82 18.99 5.40
N ARG A 166 9.49 19.05 5.32
CA ARG A 166 8.80 20.22 4.80
C ARG A 166 8.52 21.19 5.94
N VAL A 167 8.77 22.48 5.69
CA VAL A 167 8.60 23.50 6.72
C VAL A 167 7.12 23.71 7.02
N SER A 168 6.27 23.67 6.00
CA SER A 168 4.84 23.87 6.20
C SER A 168 4.14 22.65 6.79
N ASP A 169 4.85 21.55 7.01
CA ASP A 169 4.29 20.39 7.70
C ASP A 169 4.92 20.17 9.07
N LEU A 170 5.91 20.97 9.44
CA LEU A 170 6.33 21.04 10.84
C LEU A 170 5.48 22.03 11.61
N GLU A 171 4.90 23.02 10.92
CA GLU A 171 4.00 23.97 11.56
C GLU A 171 2.68 23.33 11.96
N LYS A 172 2.29 22.24 11.29
CA LYS A 172 1.11 21.49 11.71
C LYS A 172 1.40 20.60 12.91
N ALA A 173 2.66 20.40 13.27
CA ALA A 173 3.04 19.69 14.48
C ALA A 173 3.29 20.64 15.64
N ASN A 174 3.08 21.94 15.43
CA ASN A 174 3.28 23.00 16.43
C ASN A 174 4.70 23.00 16.97
N VAL A 175 5.67 22.98 16.05
CA VAL A 175 7.08 22.90 16.43
C VAL A 175 7.60 24.21 16.99
N ARG A 176 6.87 25.32 16.80
CA ARG A 176 7.26 26.57 17.41
C ARG A 176 6.99 26.58 18.91
N GLY A 177 5.95 25.87 19.35
CA GLY A 177 5.63 25.81 20.76
C GLY A 177 5.88 24.43 21.36
N ALA A 178 6.97 23.80 20.95
CA ALA A 178 7.32 22.47 21.43
C ALA A 178 8.33 22.55 22.55
N ARG A 179 8.28 21.55 23.44
CA ARG A 179 9.24 21.48 24.54
C ARG A 179 10.61 21.07 24.04
N ALA A 180 10.68 19.96 23.31
CA ALA A 180 11.88 19.56 22.59
C ALA A 180 11.45 18.81 21.34
N VAL A 181 12.36 18.69 20.39
CA VAL A 181 12.11 17.97 19.15
C VAL A 181 13.13 16.86 19.00
N ILE A 182 12.66 15.63 18.83
CA ILE A 182 13.53 14.48 18.62
C ILE A 182 13.46 14.11 17.15
N VAL A 183 14.59 14.22 16.45
CA VAL A 183 14.66 13.99 15.01
C VAL A 183 15.38 12.67 14.77
N ASP A 184 14.68 11.73 14.15
CA ASP A 184 15.26 10.44 13.78
C ASP A 184 14.54 9.95 12.53
N LEU A 185 15.11 10.23 11.37
CA LEU A 185 14.47 9.97 10.09
C LEU A 185 15.10 8.75 9.43
N GLU A 186 14.57 8.40 8.25
CA GLU A 186 14.94 7.15 7.59
C GLU A 186 16.33 7.18 6.99
N SER A 187 16.85 8.37 6.67
CA SER A 187 18.20 8.49 6.15
C SER A 187 18.86 9.67 6.82
N ASP A 188 20.18 9.75 6.67
CA ASP A 188 20.95 10.82 7.29
C ASP A 188 20.95 12.09 6.44
N SER A 189 20.41 12.02 5.22
CA SER A 189 20.25 13.20 4.39
C SER A 189 18.97 13.95 4.70
N GLU A 190 18.00 13.30 5.35
CA GLU A 190 16.76 13.95 5.76
C GLU A 190 16.81 14.46 7.19
N THR A 191 17.73 13.95 8.02
CA THR A 191 17.93 14.50 9.35
C THR A 191 18.51 15.91 9.29
N ILE A 192 19.37 16.17 8.31
CA ILE A 192 19.90 17.51 8.13
C ILE A 192 18.84 18.44 7.56
N HIS A 193 17.95 17.92 6.73
CA HIS A 193 16.90 18.74 6.17
C HIS A 193 15.79 19.03 7.16
N CYS A 194 15.51 18.09 8.06
CA CYS A 194 14.49 18.32 9.07
C CYS A 194 14.96 19.33 10.11
N ILE A 195 16.25 19.30 10.45
CA ILE A 195 16.79 20.24 11.43
C ILE A 195 16.88 21.64 10.85
N LEU A 196 17.26 21.74 9.57
CA LEU A 196 17.32 23.04 8.91
C LEU A 196 15.95 23.65 8.71
N GLY A 197 14.89 22.84 8.71
CA GLY A 197 13.54 23.36 8.60
C GLY A 197 13.01 23.85 9.94
N ILE A 198 13.37 23.16 11.02
CA ILE A 198 12.93 23.57 12.35
C ILE A 198 13.66 24.84 12.78
N ARG A 199 14.95 24.95 12.47
CA ARG A 199 15.73 26.12 12.86
C ARG A 199 15.38 27.36 12.05
N LYS A 200 14.56 27.25 11.01
CA LYS A 200 13.96 28.43 10.40
C LYS A 200 12.68 28.82 11.13
N ILE A 201 11.92 27.83 11.60
CA ILE A 201 10.67 28.11 12.30
C ILE A 201 10.96 28.65 13.69
N ASP A 202 11.62 27.86 14.53
CA ASP A 202 11.99 28.25 15.89
C ASP A 202 13.49 28.12 16.02
N GLU A 203 14.15 29.23 16.38
CA GLU A 203 15.59 29.22 16.58
C GLU A 203 16.00 28.58 17.90
N SER A 204 15.20 28.74 18.95
CA SER A 204 15.62 28.39 20.30
C SER A 204 15.03 27.09 20.83
N VAL A 205 14.26 26.36 20.02
CA VAL A 205 13.72 25.09 20.48
C VAL A 205 14.84 24.05 20.50
N ARG A 206 14.75 23.10 21.43
CA ARG A 206 15.81 22.13 21.62
C ARG A 206 15.62 20.94 20.67
N ILE A 207 16.61 20.71 19.82
CA ILE A 207 16.56 19.63 18.85
C ILE A 207 17.54 18.54 19.26
N ILE A 208 17.04 17.31 19.35
CA ILE A 208 17.87 16.14 19.60
C ILE A 208 17.84 15.28 18.34
N ALA A 209 19.03 14.90 17.87
CA ALA A 209 19.17 14.28 16.57
C ALA A 209 19.83 12.92 16.69
N GLU A 210 19.65 12.11 15.65
CA GLU A 210 20.29 10.80 15.55
C GLU A 210 21.11 10.77 14.27
N ALA A 211 22.42 10.73 14.40
CA ALA A 211 23.33 10.69 13.26
C ALA A 211 23.66 9.25 12.91
N GLU A 212 23.49 8.90 11.64
CA GLU A 212 23.85 7.57 11.17
C GLU A 212 25.35 7.48 10.87
N ARG A 213 25.84 8.30 9.95
CA ARG A 213 27.25 8.29 9.61
C ARG A 213 28.05 9.14 10.59
N TYR A 214 29.33 8.80 10.71
CA TYR A 214 30.22 9.60 11.55
C TYR A 214 30.53 10.94 10.90
N GLU A 215 30.59 10.97 9.57
CA GLU A 215 30.94 12.19 8.85
C GLU A 215 29.84 13.24 8.89
N ASN A 216 28.63 12.88 9.29
CA ASN A 216 27.51 13.80 9.33
C ASN A 216 27.22 14.33 10.71
N ILE A 217 28.10 14.09 11.68
CA ILE A 217 27.89 14.62 13.03
C ILE A 217 28.15 16.12 13.04
N GLU A 218 29.18 16.57 12.32
CA GLU A 218 29.44 18.00 12.21
C GLU A 218 28.42 18.72 11.34
N GLN A 219 27.64 18.00 10.53
CA GLN A 219 26.58 18.65 9.77
C GLN A 219 25.34 18.90 10.63
N LEU A 220 25.07 18.03 11.60
CA LEU A 220 23.93 18.23 12.46
C LEU A 220 24.19 19.32 13.48
N ARG A 221 25.43 19.47 13.95
CA ARG A 221 25.75 20.58 14.83
C ARG A 221 25.77 21.91 14.09
N MET A 222 26.14 21.89 12.80
CA MET A 222 26.10 23.12 12.02
C MET A 222 24.68 23.49 11.63
N ALA A 223 23.83 22.50 11.34
CA ALA A 223 22.45 22.79 11.00
C ALA A 223 21.63 23.26 12.19
N GLY A 224 22.03 22.90 13.42
CA GLY A 224 21.40 23.46 14.58
C GLY A 224 20.87 22.46 15.60
N ALA A 225 21.31 21.22 15.54
CA ALA A 225 20.92 20.25 16.56
C ALA A 225 21.63 20.55 17.86
N ASP A 226 20.86 20.71 18.93
CA ASP A 226 21.45 21.02 20.23
C ASP A 226 22.11 19.81 20.87
N GLN A 227 21.74 18.60 20.46
CA GLN A 227 22.38 17.39 20.97
C GLN A 227 22.34 16.32 19.90
N VAL A 228 23.52 15.95 19.40
CA VAL A 228 23.64 14.94 18.36
C VAL A 228 24.01 13.61 19.02
N ILE A 229 23.21 12.59 18.80
CA ILE A 229 23.50 11.23 19.23
C ILE A 229 23.86 10.42 17.99
N SER A 230 24.88 9.59 18.09
CA SER A 230 25.31 8.74 16.98
C SER A 230 25.36 7.30 17.46
N PRO A 231 24.25 6.56 17.36
CA PRO A 231 24.25 5.16 17.83
C PRO A 231 25.03 4.22 16.93
N PHE A 232 25.31 4.59 15.68
CA PHE A 232 26.02 3.70 14.77
C PHE A 232 27.52 3.88 14.85
N VAL A 233 27.98 5.02 15.34
CA VAL A 233 29.41 5.22 15.56
C VAL A 233 29.83 4.57 16.87
N ILE A 234 28.92 4.51 17.85
CA ILE A 234 29.21 3.87 19.12
C ILE A 234 29.34 2.36 18.95
N SER A 235 28.43 1.76 18.18
CA SER A 235 28.52 0.33 17.93
C SER A 235 29.69 -0.03 17.02
N GLY A 236 30.01 0.86 16.08
CA GLY A 236 31.14 0.60 15.19
C GLY A 236 32.49 0.69 15.85
N ARG A 237 32.57 1.31 17.03
CA ARG A 237 33.79 1.27 17.82
C ARG A 237 33.74 0.16 18.87
N LEU A 238 32.55 -0.17 19.37
CA LEU A 238 32.44 -1.26 20.33
C LEU A 238 32.52 -2.63 19.67
N MET A 239 32.16 -2.72 18.38
CA MET A 239 32.30 -4.00 17.69
C MET A 239 33.75 -4.32 17.35
N SER A 240 34.54 -3.31 17.04
CA SER A 240 35.90 -3.52 16.59
C SER A 240 36.91 -3.61 17.73
N ARG A 241 36.55 -3.13 18.91
CA ARG A 241 37.43 -3.23 20.07
C ARG A 241 37.06 -4.39 20.99
N SER A 242 35.99 -5.12 20.69
CA SER A 242 35.58 -6.27 21.47
C SER A 242 35.80 -7.59 20.73
N ILE A 243 36.63 -7.57 19.68
CA ILE A 243 36.96 -8.79 18.97
C ILE A 243 37.86 -9.67 19.81
N ASP A 244 38.89 -9.09 20.41
CA ASP A 244 39.84 -9.88 21.19
C ASP A 244 39.34 -10.14 22.61
N ASP A 245 39.22 -9.09 23.43
CA ASP A 245 38.80 -9.27 24.82
C ASP A 245 37.52 -8.53 25.16
N GLY A 246 37.47 -7.22 24.91
CA GLY A 246 36.24 -6.46 25.05
C GLY A 246 35.67 -6.24 26.43
N TYR A 247 36.37 -5.46 27.27
CA TYR A 247 35.79 -4.97 28.51
C TYR A 247 35.16 -3.60 28.37
N GLU A 248 35.39 -2.90 27.27
CA GLU A 248 34.74 -1.60 27.06
C GLU A 248 33.27 -1.75 26.73
N ALA A 249 32.91 -2.76 25.94
CA ALA A 249 31.52 -2.98 25.59
C ALA A 249 30.71 -3.65 26.68
N MET A 250 31.36 -4.07 27.76
CA MET A 250 30.61 -4.53 28.93
C MET A 250 30.21 -3.38 29.83
N PHE A 251 31.02 -2.32 29.87
CA PHE A 251 30.66 -1.15 30.66
C PHE A 251 29.51 -0.37 30.03
N VAL A 252 29.56 -0.18 28.71
CA VAL A 252 28.53 0.60 28.01
C VAL A 252 27.20 -0.14 28.03
N GLN A 253 27.24 -1.47 28.00
CA GLN A 253 26.00 -2.23 28.04
C GLN A 253 25.40 -2.29 29.44
N ASP A 254 26.25 -2.42 30.47
CA ASP A 254 25.72 -2.60 31.83
C ASP A 254 25.37 -1.28 32.51
N VAL A 255 25.82 -0.15 31.99
CA VAL A 255 25.58 1.14 32.62
C VAL A 255 24.63 1.99 31.77
N LEU A 256 24.95 2.17 30.49
CA LEU A 256 24.15 3.05 29.65
C LEU A 256 22.95 2.33 29.04
N ALA A 257 23.10 1.04 28.71
CA ALA A 257 22.07 0.33 27.97
C ALA A 257 21.10 -0.39 28.88
N GLU A 258 21.59 -1.31 29.70
CA GLU A 258 20.72 -2.15 30.52
C GLU A 258 20.45 -1.55 31.90
N GLU A 259 21.41 -0.79 32.43
CA GLU A 259 21.42 -0.30 33.82
C GLU A 259 21.26 -1.46 34.80
N SER A 260 22.07 -2.50 34.59
CA SER A 260 21.94 -3.72 35.36
C SER A 260 22.38 -3.52 36.81
N THR A 261 23.64 -3.14 37.01
CA THR A 261 24.15 -2.85 38.34
C THR A 261 24.24 -1.36 38.63
N ARG A 262 24.81 -0.59 37.71
CA ARG A 262 25.00 0.84 37.89
C ARG A 262 23.95 1.60 37.07
N ARG A 263 24.10 2.92 37.06
CA ARG A 263 23.28 3.81 36.25
C ARG A 263 24.03 5.14 36.16
N MET A 264 24.11 5.70 34.96
CA MET A 264 24.72 7.02 34.79
C MET A 264 23.68 8.06 35.16
N VAL A 265 23.82 8.66 36.33
CA VAL A 265 22.80 9.55 36.88
C VAL A 265 23.34 10.98 36.84
N GLU A 266 22.43 11.93 36.68
CA GLU A 266 22.73 13.35 36.73
C GLU A 266 21.90 13.99 37.83
N VAL A 267 22.57 14.59 38.81
CA VAL A 267 21.91 15.22 39.94
C VAL A 267 22.13 16.73 39.84
N PRO A 268 21.08 17.54 39.98
CA PRO A 268 21.27 18.99 40.00
C PRO A 268 21.59 19.50 41.40
N ILE A 269 22.47 20.50 41.46
CA ILE A 269 22.82 21.15 42.72
C ILE A 269 21.88 22.34 42.91
N PRO A 270 21.04 22.33 43.94
CA PRO A 270 20.17 23.48 44.20
C PRO A 270 20.92 24.57 44.99
N GLU A 271 20.19 25.63 45.32
CA GLU A 271 20.74 26.70 46.14
C GLU A 271 20.91 26.21 47.58
N GLY A 272 21.99 26.64 48.22
CA GLY A 272 22.27 26.16 49.57
C GLY A 272 23.02 24.86 49.51
N SER A 273 22.29 23.75 49.61
CA SER A 273 22.69 22.40 49.22
C SER A 273 23.81 21.79 50.05
N LYS A 274 24.31 22.48 51.09
CA LYS A 274 25.38 22.10 52.01
C LYS A 274 26.74 21.82 51.35
N LEU A 275 26.80 22.08 50.04
CA LEU A 275 28.01 21.95 49.24
C LEU A 275 28.28 23.16 48.31
N GLU A 276 27.70 24.33 48.59
CA GLU A 276 27.87 25.47 47.71
C GLU A 276 29.23 26.12 47.91
N GLY A 277 29.97 26.28 46.82
CA GLY A 277 31.26 26.93 46.84
C GLY A 277 32.43 26.03 47.22
N VAL A 278 32.17 24.80 47.65
CA VAL A 278 33.26 23.94 48.09
C VAL A 278 34.00 23.38 46.87
N SER A 279 35.29 23.13 47.05
CA SER A 279 36.08 22.47 46.02
C SER A 279 35.82 20.96 46.08
N VAL A 280 36.31 20.23 45.07
CA VAL A 280 36.11 18.79 45.04
C VAL A 280 37.08 18.04 45.94
N LEU A 281 38.12 18.71 46.45
CA LEU A 281 38.99 18.09 47.43
C LEU A 281 38.28 17.93 48.77
N ASP A 282 37.61 18.98 49.23
CA ASP A 282 36.86 18.91 50.47
C ASP A 282 35.48 18.31 50.29
N ALA A 283 34.98 18.22 49.06
CA ALA A 283 33.69 17.57 48.83
C ALA A 283 33.81 16.06 49.04
N ASP A 284 34.75 15.43 48.32
CA ASP A 284 35.10 14.01 48.43
C ASP A 284 33.87 13.14 48.15
N ILE A 285 33.31 13.30 46.96
CA ILE A 285 32.00 12.74 46.66
C ILE A 285 32.07 11.24 46.43
N HIS A 286 33.20 10.75 45.89
CA HIS A 286 33.29 9.32 45.62
C HIS A 286 33.56 8.51 46.88
N ASP A 287 34.39 9.04 47.79
CA ASP A 287 34.84 8.22 48.91
C ASP A 287 33.82 8.15 50.04
N VAL A 288 32.93 9.14 50.16
CA VAL A 288 31.92 9.07 51.21
C VAL A 288 30.57 8.55 50.70
N THR A 289 30.37 8.50 49.39
CA THR A 289 29.10 8.04 48.82
C THR A 289 29.26 6.81 47.95
N GLY A 290 30.16 6.85 46.96
CA GLY A 290 30.37 5.70 46.10
C GLY A 290 30.07 5.96 44.64
N VAL A 291 29.89 7.23 44.28
CA VAL A 291 29.56 7.63 42.93
C VAL A 291 30.83 8.16 42.27
N ILE A 292 31.20 7.58 41.14
CA ILE A 292 32.37 8.02 40.38
C ILE A 292 31.96 9.29 39.63
N ILE A 293 32.43 10.44 40.10
CA ILE A 293 32.08 11.73 39.50
C ILE A 293 32.81 11.86 38.15
N ILE A 294 32.03 11.79 37.07
CA ILE A 294 32.59 11.88 35.72
C ILE A 294 32.80 13.34 35.31
N GLY A 295 31.77 14.15 35.43
CA GLY A 295 31.87 15.55 35.03
C GLY A 295 30.75 16.38 35.61
N VAL A 296 30.96 17.69 35.58
CA VAL A 296 29.98 18.65 36.08
C VAL A 296 29.37 19.41 34.90
N GLY A 297 28.11 19.78 35.05
CA GLY A 297 27.37 20.46 34.00
C GLY A 297 27.30 21.97 34.11
N ARG A 298 28.45 22.65 34.17
CA ARG A 298 28.48 24.10 34.36
C ARG A 298 28.19 24.79 33.03
N GLY A 299 26.89 24.97 32.74
CA GLY A 299 26.47 25.86 31.68
C GLY A 299 26.77 25.44 30.26
N ASP A 300 26.09 24.38 29.78
CA ASP A 300 26.13 23.90 28.40
C ASP A 300 27.53 23.45 27.97
N GLU A 301 28.35 23.02 28.93
CA GLU A 301 29.62 22.40 28.64
C GLU A 301 29.95 21.45 29.78
N LEU A 302 30.33 20.22 29.44
CA LEU A 302 30.55 19.17 30.42
C LEU A 302 32.03 19.08 30.73
N ILE A 303 32.43 19.61 31.89
CA ILE A 303 33.83 19.61 32.30
C ILE A 303 34.12 18.21 32.86
N ILE A 304 34.58 17.32 31.98
CA ILE A 304 34.91 15.96 32.39
C ILE A 304 36.21 15.98 33.17
N ASP A 305 36.21 15.31 34.35
CA ASP A 305 37.28 15.28 35.34
C ASP A 305 37.69 16.69 35.73
N PRO A 306 36.88 17.37 36.55
CA PRO A 306 37.22 18.75 36.95
C PRO A 306 38.47 18.76 37.81
N PRO A 307 39.23 19.87 37.81
CA PRO A 307 40.52 19.88 38.52
C PRO A 307 40.39 19.93 40.03
N ARG A 308 41.53 20.03 40.71
CA ARG A 308 41.54 19.94 42.17
C ARG A 308 40.96 21.18 42.83
N ASP A 309 41.02 22.34 42.18
CA ASP A 309 40.49 23.58 42.72
C ASP A 309 39.31 24.09 41.90
N TYR A 310 38.46 23.18 41.42
CA TYR A 310 37.22 23.60 40.78
C TYR A 310 36.18 23.91 41.86
N SER A 311 35.49 25.02 41.70
CA SER A 311 34.50 25.48 42.68
C SER A 311 33.10 25.23 42.15
N PHE A 312 32.26 24.59 42.96
CA PHE A 312 30.89 24.32 42.57
C PHE A 312 30.07 25.61 42.56
N ARG A 313 28.98 25.59 41.81
CA ARG A 313 28.10 26.75 41.68
C ARG A 313 26.65 26.28 41.72
N ALA A 314 25.73 27.24 41.58
CA ALA A 314 24.30 26.98 41.68
C ALA A 314 23.78 26.50 40.34
N GLY A 315 22.94 25.46 40.37
CA GLY A 315 22.40 24.88 39.16
C GLY A 315 23.33 23.95 38.44
N ASP A 316 24.43 23.53 39.07
CA ASP A 316 25.35 22.58 38.46
C ASP A 316 24.73 21.20 38.38
N ILE A 317 25.06 20.48 37.32
CA ILE A 317 24.58 19.12 37.11
C ILE A 317 25.78 18.21 37.25
N ILE A 318 25.82 17.43 38.33
CA ILE A 318 26.90 16.48 38.56
C ILE A 318 26.53 15.18 37.87
N LEU A 319 27.40 14.75 36.94
CA LEU A 319 27.19 13.54 36.16
C LEU A 319 28.10 12.45 36.71
N GLY A 320 27.52 11.40 37.25
CA GLY A 320 28.29 10.34 37.86
C GLY A 320 27.61 9.01 37.74
N ILE A 321 28.41 7.95 37.80
CA ILE A 321 27.93 6.59 37.71
C ILE A 321 28.03 5.93 39.07
N GLY A 322 27.10 5.03 39.35
CA GLY A 322 27.08 4.34 40.61
C GLY A 322 25.84 3.49 40.73
N LYS A 323 25.82 2.69 41.79
CA LYS A 323 24.67 1.86 42.11
C LYS A 323 23.47 2.75 42.46
N PRO A 324 22.24 2.25 42.25
CA PRO A 324 21.07 3.05 42.64
C PRO A 324 20.92 3.23 44.14
N GLU A 325 21.57 2.39 44.95
CA GLU A 325 21.70 2.69 46.37
C GLU A 325 22.65 3.85 46.59
N GLU A 326 23.71 3.97 45.79
CA GLU A 326 24.68 5.04 45.92
C GLU A 326 24.19 6.37 45.39
N ILE A 327 23.07 6.40 44.65
CA ILE A 327 22.47 7.68 44.29
C ILE A 327 21.64 8.22 45.44
N GLU A 328 20.98 7.32 46.19
CA GLU A 328 20.22 7.73 47.37
C GLU A 328 21.10 8.23 48.49
N ARG A 329 22.36 7.80 48.55
CA ARG A 329 23.32 8.41 49.46
C ARG A 329 23.93 9.68 48.89
N LEU A 330 23.67 9.99 47.62
CA LEU A 330 24.14 11.23 47.00
C LEU A 330 23.04 12.28 46.94
N LYS A 331 21.80 11.85 46.64
CA LYS A 331 20.69 12.79 46.57
C LYS A 331 20.31 13.36 47.94
N ASN A 332 20.66 12.65 49.03
CA ASN A 332 20.52 13.21 50.36
C ASN A 332 21.74 14.00 50.80
N TYR A 333 22.91 13.65 50.27
CA TYR A 333 24.13 14.42 50.55
C TYR A 333 24.14 15.76 49.81
N ILE A 334 23.36 15.88 48.73
CA ILE A 334 23.39 17.06 47.89
C ILE A 334 22.25 18.04 48.21
N SER A 335 21.26 17.62 49.01
CA SER A 335 20.14 18.47 49.36
C SER A 335 20.24 18.88 50.83
N ALA A 336 19.81 20.10 51.12
CA ALA A 336 19.83 20.63 52.48
C ALA A 336 18.72 21.66 52.66
N SER B 115 43.24 -18.72 13.09
CA SER B 115 42.15 -17.76 13.28
C SER B 115 42.65 -16.34 13.13
N ARG B 116 42.62 -15.83 11.89
CA ARG B 116 43.00 -14.47 11.59
C ARG B 116 42.06 -13.86 10.55
N HIS B 117 40.80 -14.29 10.56
CA HIS B 117 39.78 -13.67 9.74
C HIS B 117 38.53 -13.43 10.57
N VAL B 118 37.85 -12.33 10.28
CA VAL B 118 36.67 -11.92 11.02
C VAL B 118 35.49 -11.91 10.05
N VAL B 119 34.53 -12.79 10.28
CA VAL B 119 33.35 -12.89 9.43
C VAL B 119 32.23 -12.03 10.02
N ILE B 120 31.67 -11.15 9.21
CA ILE B 120 30.67 -10.19 9.66
C ILE B 120 29.38 -10.48 8.90
N CYS B 121 28.44 -11.15 9.55
CA CYS B 121 27.15 -11.45 8.94
C CYS B 121 26.30 -10.19 8.86
N GLY B 122 25.95 -9.78 7.66
CA GLY B 122 25.10 -8.64 7.46
C GLY B 122 25.89 -7.36 7.23
N TRP B 123 25.16 -6.32 6.82
CA TRP B 123 25.79 -5.04 6.49
C TRP B 123 24.88 -3.91 6.92
N SER B 124 25.45 -2.94 7.63
CA SER B 124 24.75 -1.74 8.05
C SER B 124 25.82 -0.67 8.30
N GLU B 125 25.40 0.46 8.86
CA GLU B 125 26.36 1.51 9.19
C GLU B 125 27.20 1.17 10.42
N SER B 126 26.70 0.26 11.27
CA SER B 126 27.51 -0.23 12.39
C SER B 126 28.71 -1.02 11.91
N THR B 127 28.56 -1.73 10.79
CA THR B 127 29.64 -2.55 10.25
C THR B 127 30.65 -1.71 9.49
N LEU B 128 30.19 -0.67 8.78
CA LEU B 128 31.11 0.19 8.05
C LEU B 128 32.01 1.00 8.97
N GLU B 129 31.54 1.31 10.18
CA GLU B 129 32.41 1.89 11.18
C GLU B 129 33.24 0.86 11.91
N CYS B 130 32.86 -0.42 11.83
CA CYS B 130 33.70 -1.48 12.37
C CYS B 130 34.89 -1.77 11.46
N LEU B 131 34.76 -1.50 10.17
CA LEU B 131 35.87 -1.66 9.23
C LEU B 131 36.75 -0.43 9.15
N ARG B 132 36.45 0.61 9.93
CA ARG B 132 37.30 1.80 9.93
C ARG B 132 38.58 1.59 10.72
N GLU B 133 38.59 0.63 11.67
CA GLU B 133 39.79 0.31 12.41
C GLU B 133 40.04 -1.20 12.41
N LEU B 134 39.47 -1.90 11.44
CA LEU B 134 39.80 -3.29 11.17
C LEU B 134 40.59 -3.37 9.87
N ARG B 135 41.35 -4.44 9.72
CA ARG B 135 42.19 -4.61 8.54
C ARG B 135 41.32 -4.95 7.33
N GLY B 136 41.69 -4.39 6.18
CA GLY B 136 40.89 -4.55 4.98
C GLY B 136 41.20 -5.77 4.14
N SER B 137 41.77 -6.80 4.76
CA SER B 137 42.13 -8.01 4.05
C SER B 137 41.69 -9.28 4.77
N GLU B 138 41.00 -9.17 5.91
CA GLU B 138 40.64 -10.33 6.71
C GLU B 138 39.17 -10.31 7.10
N VAL B 139 38.33 -9.63 6.34
CA VAL B 139 36.91 -9.48 6.66
C VAL B 139 36.09 -10.21 5.61
N PHE B 140 35.22 -11.12 6.07
CA PHE B 140 34.32 -11.86 5.19
C PHE B 140 32.88 -11.43 5.51
N VAL B 141 32.36 -10.49 4.74
CA VAL B 141 30.99 -10.03 4.93
C VAL B 141 30.05 -11.00 4.23
N LEU B 142 29.12 -11.57 4.98
CA LEU B 142 28.17 -12.54 4.47
C LEU B 142 26.78 -11.93 4.52
N ALA B 143 26.21 -11.64 3.35
CA ALA B 143 24.90 -11.01 3.26
C ALA B 143 24.14 -11.58 2.08
N GLU B 144 22.82 -11.57 2.19
CA GLU B 144 21.97 -12.15 1.16
C GLU B 144 21.87 -11.26 -0.08
N ASP B 145 21.83 -9.94 0.13
CA ASP B 145 21.58 -9.01 -0.96
C ASP B 145 22.81 -8.88 -1.85
N GLU B 146 22.60 -8.98 -3.16
CA GLU B 146 23.68 -8.78 -4.12
C GLU B 146 24.07 -7.31 -4.22
N ASN B 147 23.12 -6.40 -3.93
CA ASN B 147 23.39 -4.97 -3.94
C ASN B 147 24.38 -4.56 -2.86
N VAL B 148 24.49 -5.33 -1.78
CA VAL B 148 25.42 -5.07 -0.70
C VAL B 148 26.87 -5.22 -1.14
N ARG B 149 27.13 -6.02 -2.19
CA ARG B 149 28.49 -6.32 -2.64
C ARG B 149 29.24 -5.09 -3.12
N LYS B 150 28.54 -4.13 -3.74
CA LYS B 150 29.19 -2.91 -4.21
C LYS B 150 29.67 -2.04 -3.05
N LYS B 151 28.94 -2.07 -1.93
CA LYS B 151 29.37 -1.32 -0.75
C LYS B 151 30.47 -2.04 0.02
N VAL B 152 30.45 -3.38 0.02
CA VAL B 152 31.43 -4.14 0.78
C VAL B 152 32.81 -4.05 0.13
N LEU B 153 32.86 -4.21 -1.20
CA LEU B 153 34.12 -4.08 -1.92
C LEU B 153 34.64 -2.65 -1.94
N ARG B 154 33.73 -1.67 -1.80
CA ARG B 154 34.15 -0.28 -1.65
C ARG B 154 34.86 -0.05 -0.32
N SER B 155 34.42 -0.74 0.73
CA SER B 155 35.05 -0.64 2.04
C SER B 155 36.28 -1.54 2.18
N GLY B 156 36.58 -2.34 1.18
CA GLY B 156 37.73 -3.22 1.25
C GLY B 156 37.50 -4.44 2.11
N ALA B 157 36.48 -5.23 1.80
CA ALA B 157 36.21 -6.46 2.50
C ALA B 157 35.72 -7.51 1.52
N ASN B 158 36.01 -8.77 1.82
CA ASN B 158 35.65 -9.88 0.94
C ASN B 158 34.17 -10.18 1.11
N PHE B 159 33.37 -9.88 0.09
CA PHE B 159 31.96 -10.20 0.16
C PHE B 159 31.75 -11.68 -0.12
N VAL B 160 30.81 -12.28 0.62
CA VAL B 160 30.41 -13.67 0.41
C VAL B 160 28.89 -13.70 0.29
N HIS B 161 28.40 -14.13 -0.87
CA HIS B 161 26.96 -14.18 -1.10
C HIS B 161 26.36 -15.39 -0.39
N GLY B 162 25.24 -15.16 0.28
CA GLY B 162 24.54 -16.27 0.90
C GLY B 162 23.69 -15.80 2.06
N ASP B 163 22.80 -16.69 2.48
CA ASP B 163 21.92 -16.41 3.61
C ASP B 163 22.70 -16.59 4.91
N PRO B 164 22.82 -15.56 5.75
CA PRO B 164 23.57 -15.71 7.00
C PRO B 164 22.85 -16.50 8.07
N THR B 165 21.58 -16.83 7.88
CA THR B 165 20.82 -17.62 8.85
C THR B 165 20.88 -19.12 8.60
N ARG B 166 21.41 -19.54 7.46
CA ARG B 166 21.46 -20.95 7.11
C ARG B 166 22.76 -21.56 7.64
N VAL B 167 22.64 -22.74 8.25
CA VAL B 167 23.79 -23.38 8.88
C VAL B 167 24.79 -23.87 7.84
N SER B 168 24.31 -24.38 6.71
CA SER B 168 25.20 -24.83 5.65
C SER B 168 25.82 -23.67 4.89
N ASP B 169 25.23 -22.48 4.98
CA ASP B 169 25.77 -21.31 4.31
C ASP B 169 26.76 -20.54 5.17
N LEU B 170 26.64 -20.64 6.50
CA LEU B 170 27.63 -20.04 7.39
C LEU B 170 28.96 -20.77 7.29
N GLU B 171 28.94 -22.07 6.99
CA GLU B 171 30.18 -22.81 6.76
C GLU B 171 30.89 -22.37 5.49
N LYS B 172 30.15 -21.83 4.52
CA LYS B 172 30.78 -21.31 3.31
C LYS B 172 31.57 -20.04 3.58
N ALA B 173 31.13 -19.24 4.54
CA ALA B 173 31.82 -18.02 4.93
C ALA B 173 32.90 -18.26 5.98
N ASN B 174 33.15 -19.52 6.34
CA ASN B 174 34.20 -19.95 7.27
C ASN B 174 34.03 -19.30 8.65
N VAL B 175 32.91 -19.60 9.30
CA VAL B 175 32.69 -19.14 10.66
C VAL B 175 33.33 -20.07 11.68
N ARG B 176 33.83 -21.22 11.26
CA ARG B 176 34.49 -22.15 12.16
C ARG B 176 35.95 -21.77 12.30
N GLY B 177 36.37 -21.46 13.52
CA GLY B 177 37.73 -21.04 13.75
C GLY B 177 38.03 -19.67 13.21
N ALA B 178 37.36 -18.66 13.75
CA ALA B 178 37.60 -17.26 13.40
C ALA B 178 38.04 -16.50 14.64
N ARG B 179 38.47 -15.25 14.44
CA ARG B 179 38.77 -14.38 15.57
C ARG B 179 37.50 -14.05 16.34
N ALA B 180 36.55 -13.42 15.66
CA ALA B 180 35.25 -13.11 16.22
C ALA B 180 34.26 -13.03 15.07
N VAL B 181 32.98 -13.20 15.39
CA VAL B 181 31.91 -13.14 14.40
C VAL B 181 30.99 -12.00 14.79
N ILE B 182 31.08 -10.89 14.07
CA ILE B 182 30.18 -9.76 14.29
C ILE B 182 28.87 -10.03 13.57
N VAL B 183 27.76 -9.96 14.30
CA VAL B 183 26.45 -10.27 13.76
C VAL B 183 25.57 -9.03 13.89
N ASP B 184 25.15 -8.49 12.75
CA ASP B 184 24.12 -7.45 12.75
C ASP B 184 23.31 -7.60 11.46
N LEU B 185 22.01 -7.74 11.60
CA LEU B 185 21.14 -8.06 10.48
C LEU B 185 19.97 -7.08 10.44
N GLU B 186 19.02 -7.34 9.53
CA GLU B 186 17.93 -6.41 9.28
C GLU B 186 16.94 -6.33 10.43
N SER B 187 16.87 -7.36 11.28
CA SER B 187 15.96 -7.35 12.40
C SER B 187 16.55 -8.21 13.51
N ASP B 188 15.93 -8.15 14.69
CA ASP B 188 16.35 -9.02 15.79
C ASP B 188 15.95 -10.46 15.57
N SER B 189 14.94 -10.71 14.73
CA SER B 189 14.50 -12.08 14.48
C SER B 189 15.55 -12.88 13.72
N GLU B 190 16.32 -12.23 12.85
CA GLU B 190 17.39 -12.88 12.13
C GLU B 190 18.70 -12.90 12.90
N THR B 191 18.86 -11.98 13.86
CA THR B 191 20.09 -11.94 14.65
C THR B 191 20.16 -13.11 15.61
N ILE B 192 19.02 -13.51 16.18
CA ILE B 192 18.99 -14.67 17.07
C ILE B 192 19.23 -15.95 16.28
N HIS B 193 18.65 -16.04 15.08
CA HIS B 193 18.81 -17.24 14.27
C HIS B 193 20.21 -17.35 13.70
N CYS B 194 20.89 -16.23 13.48
CA CYS B 194 22.26 -16.28 12.99
C CYS B 194 23.21 -16.76 14.07
N ILE B 195 22.97 -16.36 15.32
CA ILE B 195 23.78 -16.81 16.44
C ILE B 195 23.56 -18.30 16.70
N LEU B 196 22.31 -18.75 16.65
CA LEU B 196 22.00 -20.16 16.80
C LEU B 196 22.54 -21.00 15.64
N GLY B 197 22.73 -20.40 14.47
CA GLY B 197 23.38 -21.11 13.38
C GLY B 197 24.88 -21.17 13.51
N ILE B 198 25.48 -20.22 14.21
CA ILE B 198 26.92 -20.25 14.42
C ILE B 198 27.27 -21.21 15.55
N ARG B 199 26.44 -21.29 16.59
CA ARG B 199 26.68 -22.23 17.68
C ARG B 199 26.46 -23.69 17.29
N LYS B 200 25.84 -23.95 16.14
CA LYS B 200 25.81 -25.29 15.58
C LYS B 200 27.09 -25.62 14.84
N ILE B 201 27.98 -24.66 14.63
CA ILE B 201 29.21 -24.86 13.88
C ILE B 201 30.43 -24.77 14.80
N ASP B 202 30.60 -23.63 15.47
CA ASP B 202 31.66 -23.47 16.46
C ASP B 202 31.04 -22.97 17.75
N GLU B 203 31.33 -23.66 18.85
CA GLU B 203 30.79 -23.32 20.16
C GLU B 203 31.75 -22.49 20.99
N SER B 204 32.92 -22.13 20.44
CA SER B 204 33.89 -21.35 21.16
C SER B 204 34.23 -20.02 20.51
N VAL B 205 33.79 -19.79 19.27
CA VAL B 205 34.10 -18.55 18.57
C VAL B 205 33.29 -17.41 19.18
N ARG B 206 33.89 -16.22 19.20
CA ARG B 206 33.30 -15.07 19.87
C ARG B 206 32.27 -14.42 18.96
N ILE B 207 31.04 -14.28 19.45
CA ILE B 207 29.97 -13.64 18.70
C ILE B 207 29.71 -12.28 19.31
N ILE B 208 29.71 -11.25 18.48
CA ILE B 208 29.44 -9.87 18.90
C ILE B 208 28.18 -9.44 18.18
N ALA B 209 27.03 -9.58 18.84
CA ALA B 209 25.76 -9.34 18.20
C ALA B 209 25.41 -7.85 18.24
N GLU B 210 24.24 -7.49 17.71
CA GLU B 210 23.75 -6.12 17.78
C GLU B 210 22.25 -6.17 18.04
N ALA B 211 21.87 -5.99 19.30
CA ALA B 211 20.46 -5.99 19.66
C ALA B 211 19.78 -4.71 19.18
N GLU B 212 18.60 -4.86 18.58
CA GLU B 212 17.85 -3.69 18.16
C GLU B 212 16.90 -3.22 19.25
N ARG B 213 16.06 -4.10 19.75
CA ARG B 213 15.13 -3.77 20.82
C ARG B 213 15.73 -4.11 22.18
N TYR B 214 15.11 -3.58 23.23
CA TYR B 214 15.63 -3.83 24.56
C TYR B 214 15.29 -5.21 25.07
N GLU B 215 14.10 -5.74 24.75
CA GLU B 215 13.71 -7.04 25.27
C GLU B 215 14.46 -8.19 24.61
N ASN B 216 15.12 -7.95 23.49
CA ASN B 216 15.87 -8.98 22.78
C ASN B 216 17.33 -9.03 23.19
N ILE B 217 17.71 -8.31 24.25
CA ILE B 217 19.10 -8.35 24.68
C ILE B 217 19.40 -9.65 25.41
N GLU B 218 18.53 -10.08 26.31
CA GLU B 218 18.74 -11.34 27.00
C GLU B 218 18.45 -12.55 26.13
N GLN B 219 17.82 -12.37 24.97
CA GLN B 219 17.66 -13.48 24.04
C GLN B 219 18.91 -13.72 23.21
N LEU B 220 19.80 -12.73 23.10
CA LEU B 220 21.06 -12.95 22.41
C LEU B 220 22.09 -13.60 23.32
N ARG B 221 22.00 -13.37 24.62
CA ARG B 221 22.92 -14.03 25.54
C ARG B 221 22.57 -15.50 25.75
N MET B 222 21.28 -15.82 25.74
CA MET B 222 20.87 -17.22 25.80
C MET B 222 21.15 -17.94 24.49
N ALA B 223 21.12 -17.22 23.37
CA ALA B 223 21.45 -17.83 22.09
C ALA B 223 22.95 -18.12 21.98
N GLY B 224 23.79 -17.32 22.63
CA GLY B 224 25.20 -17.63 22.68
C GLY B 224 26.14 -16.49 22.34
N ALA B 225 25.62 -15.27 22.23
CA ALA B 225 26.47 -14.14 21.90
C ALA B 225 27.36 -13.76 23.07
N ASP B 226 28.66 -13.71 22.84
CA ASP B 226 29.60 -13.38 23.89
C ASP B 226 29.61 -11.90 24.23
N GLN B 227 29.07 -11.05 23.36
CA GLN B 227 28.94 -9.63 23.65
C GLN B 227 27.72 -9.10 22.91
N VAL B 228 26.85 -8.40 23.62
CA VAL B 228 25.64 -7.84 23.06
C VAL B 228 25.74 -6.33 23.12
N ILE B 229 25.68 -5.68 21.97
CA ILE B 229 25.69 -4.24 21.87
C ILE B 229 24.29 -3.81 21.44
N SER B 230 23.77 -2.75 22.06
CA SER B 230 22.40 -2.29 21.80
C SER B 230 22.43 -0.80 21.50
N PRO B 231 22.53 -0.42 20.22
CA PRO B 231 22.61 1.02 19.90
C PRO B 231 21.30 1.77 20.09
N PHE B 232 20.17 1.16 19.75
CA PHE B 232 18.89 1.84 19.86
C PHE B 232 18.32 1.80 21.26
N VAL B 233 18.99 1.14 22.20
CA VAL B 233 18.61 1.24 23.60
C VAL B 233 19.43 2.33 24.29
N ILE B 234 20.69 2.50 23.91
CA ILE B 234 21.48 3.63 24.39
C ILE B 234 20.95 4.93 23.82
N SER B 235 20.75 4.98 22.50
CA SER B 235 20.21 6.18 21.86
C SER B 235 18.75 6.41 22.19
N GLY B 236 18.03 5.39 22.61
CA GLY B 236 16.67 5.57 23.07
C GLY B 236 16.65 6.22 24.44
N ARG B 237 17.52 5.74 25.33
CA ARG B 237 17.60 6.29 26.68
C ARG B 237 18.35 7.62 26.72
N LEU B 238 19.06 7.99 25.67
CA LEU B 238 19.72 9.29 25.61
C LEU B 238 18.91 10.34 24.87
N MET B 239 17.79 9.95 24.26
CA MET B 239 16.89 10.91 23.65
C MET B 239 15.85 11.41 24.66
N SER B 240 15.36 10.52 25.52
CA SER B 240 14.38 10.89 26.53
C SER B 240 14.98 11.66 27.68
N ARG B 241 16.29 11.57 27.89
CA ARG B 241 16.96 12.28 28.98
C ARG B 241 17.58 13.60 28.54
N SER B 242 17.78 13.80 27.24
CA SER B 242 18.36 15.03 26.72
C SER B 242 17.31 16.09 26.43
N ILE B 243 16.09 15.92 26.93
CA ILE B 243 15.04 16.88 26.66
C ILE B 243 15.25 18.14 27.48
N ASP B 244 15.51 17.98 28.78
CA ASP B 244 15.66 19.14 29.66
C ASP B 244 17.11 19.60 29.79
N ASP B 245 18.01 18.73 30.27
CA ASP B 245 19.38 19.17 30.51
C ASP B 245 20.33 18.71 29.41
N GLY B 246 20.40 17.41 29.17
CA GLY B 246 21.24 16.89 28.11
C GLY B 246 22.72 16.86 28.41
N TYR B 247 23.09 16.55 29.65
CA TYR B 247 24.50 16.42 30.00
C TYR B 247 24.98 14.99 30.01
N GLU B 248 24.07 14.01 30.00
CA GLU B 248 24.50 12.62 29.97
C GLU B 248 24.85 12.19 28.55
N ALA B 249 24.10 12.67 27.55
CA ALA B 249 24.44 12.38 26.17
C ALA B 249 25.63 13.17 25.68
N MET B 250 25.96 14.28 26.34
CA MET B 250 27.17 15.01 25.99
C MET B 250 28.43 14.30 26.46
N PHE B 251 28.32 13.35 27.38
CA PHE B 251 29.46 12.53 27.75
C PHE B 251 29.64 11.37 26.77
N VAL B 252 28.54 10.72 26.39
CA VAL B 252 28.60 9.56 25.51
C VAL B 252 29.04 9.97 24.11
N GLN B 253 28.60 11.14 23.65
CA GLN B 253 28.97 11.59 22.32
C GLN B 253 30.42 12.06 22.26
N ASP B 254 30.91 12.70 23.32
CA ASP B 254 32.24 13.29 23.29
C ASP B 254 33.32 12.36 23.82
N VAL B 255 32.97 11.15 24.24
CA VAL B 255 33.95 10.15 24.69
C VAL B 255 33.80 8.84 23.93
N LEU B 256 32.58 8.28 23.91
CA LEU B 256 32.38 6.98 23.29
C LEU B 256 32.26 7.06 21.78
N ALA B 257 31.66 8.13 21.27
CA ALA B 257 31.35 8.20 19.84
C ALA B 257 32.46 8.89 19.05
N GLU B 258 32.74 10.15 19.36
CA GLU B 258 33.66 10.93 18.55
C GLU B 258 35.09 10.89 19.05
N GLU B 259 35.29 10.75 20.37
CA GLU B 259 36.57 10.90 21.05
C GLU B 259 37.21 12.25 20.72
N SER B 260 36.53 13.32 21.16
CA SER B 260 37.00 14.67 20.88
C SER B 260 38.28 14.97 21.65
N THR B 261 38.22 14.98 22.98
CA THR B 261 39.41 15.11 23.80
C THR B 261 39.65 13.89 24.67
N ARG B 262 38.65 13.47 25.44
CA ARG B 262 38.75 12.25 26.22
C ARG B 262 38.31 11.06 25.37
N ARG B 263 38.79 9.87 25.74
CA ARG B 263 38.36 8.65 25.08
C ARG B 263 38.50 7.48 26.04
N MET B 264 37.62 6.49 25.89
CA MET B 264 37.64 5.31 26.74
C MET B 264 38.72 4.36 26.26
N VAL B 265 39.52 3.85 27.19
CA VAL B 265 40.66 3.00 26.87
C VAL B 265 40.63 1.80 27.82
N GLU B 266 41.27 0.72 27.38
CA GLU B 266 41.48 -0.45 28.22
C GLU B 266 42.91 -0.93 28.03
N VAL B 267 43.65 -1.03 29.13
CA VAL B 267 45.07 -1.40 29.08
C VAL B 267 45.32 -2.61 29.98
N PRO B 268 46.24 -3.49 29.62
CA PRO B 268 46.55 -4.64 30.48
C PRO B 268 47.70 -4.37 31.43
N ILE B 269 47.79 -5.20 32.45
CA ILE B 269 48.88 -5.19 33.42
C ILE B 269 49.81 -6.36 33.09
N PRO B 270 51.02 -6.12 32.58
CA PRO B 270 51.95 -7.23 32.33
C PRO B 270 52.56 -7.80 33.61
N GLU B 271 53.43 -8.79 33.46
CA GLU B 271 53.92 -9.55 34.60
C GLU B 271 54.93 -8.73 35.40
N GLY B 272 54.59 -8.44 36.66
CA GLY B 272 55.52 -7.90 37.64
C GLY B 272 56.06 -6.52 37.33
N SER B 273 55.20 -5.59 36.94
CA SER B 273 55.62 -4.24 36.55
C SER B 273 54.81 -3.22 37.36
N LYS B 274 55.39 -2.77 38.47
CA LYS B 274 54.98 -1.59 39.24
C LYS B 274 53.63 -1.69 39.94
N LEU B 275 52.86 -2.74 39.67
CA LEU B 275 51.52 -2.86 40.23
C LEU B 275 51.16 -4.28 40.64
N GLU B 276 52.08 -5.23 40.56
CA GLU B 276 51.77 -6.62 40.88
C GLU B 276 51.61 -6.79 42.38
N GLY B 277 50.38 -7.04 42.83
CA GLY B 277 50.11 -7.28 44.23
C GLY B 277 49.78 -6.07 45.06
N VAL B 278 49.83 -4.87 44.47
CA VAL B 278 49.55 -3.65 45.23
C VAL B 278 48.04 -3.48 45.37
N SER B 279 47.62 -2.79 46.42
CA SER B 279 46.23 -2.40 46.56
C SER B 279 45.96 -1.17 45.69
N VAL B 280 44.71 -0.71 45.69
CA VAL B 280 44.33 0.46 44.92
C VAL B 280 44.42 1.74 45.75
N LEU B 281 44.63 1.63 47.06
CA LEU B 281 44.79 2.81 47.90
C LEU B 281 46.09 3.53 47.61
N ASP B 282 47.23 2.84 47.78
CA ASP B 282 48.52 3.43 47.50
C ASP B 282 48.98 3.21 46.08
N ALA B 283 48.10 2.70 45.20
CA ALA B 283 48.39 2.73 43.77
C ALA B 283 48.37 4.16 43.26
N ASP B 284 47.45 4.98 43.80
CA ASP B 284 47.31 6.42 43.52
C ASP B 284 47.07 6.65 42.03
N ILE B 285 46.13 5.88 41.47
CA ILE B 285 46.02 5.73 40.03
C ILE B 285 45.44 6.97 39.35
N HIS B 286 44.68 7.79 40.08
CA HIS B 286 44.02 8.93 39.47
C HIS B 286 44.89 10.19 39.49
N ASP B 287 45.75 10.35 40.49
CA ASP B 287 46.48 11.59 40.65
C ASP B 287 47.67 11.67 39.69
N VAL B 288 48.51 10.63 39.65
CA VAL B 288 49.74 10.68 38.87
C VAL B 288 49.52 10.53 37.38
N THR B 289 48.31 10.16 36.96
CA THR B 289 48.01 9.98 35.54
C THR B 289 46.93 10.95 35.05
N GLY B 290 45.81 11.05 35.76
CA GLY B 290 44.71 11.89 35.34
C GLY B 290 43.58 11.14 34.67
N VAL B 291 43.67 9.83 34.56
CA VAL B 291 42.66 9.01 33.90
C VAL B 291 41.67 8.49 34.94
N ILE B 292 40.37 8.68 34.68
CA ILE B 292 39.35 8.20 35.58
C ILE B 292 39.22 6.69 35.44
N ILE B 293 39.35 5.97 36.54
CA ILE B 293 39.32 4.52 36.53
C ILE B 293 37.88 4.06 36.74
N ILE B 294 37.29 3.46 35.71
CA ILE B 294 35.92 2.98 35.81
C ILE B 294 35.88 1.59 36.43
N GLY B 295 36.62 0.64 35.86
CA GLY B 295 36.56 -0.71 36.34
C GLY B 295 37.79 -1.50 35.98
N VAL B 296 37.90 -2.68 36.60
CA VAL B 296 39.01 -3.61 36.38
C VAL B 296 38.40 -4.96 36.04
N GLY B 297 38.77 -5.53 34.89
CA GLY B 297 38.20 -6.76 34.41
C GLY B 297 39.19 -7.91 34.52
N ARG B 298 38.69 -9.04 35.01
CA ARG B 298 39.51 -10.26 35.17
C ARG B 298 38.70 -11.44 34.67
N GLY B 299 38.96 -11.87 33.43
CA GLY B 299 38.34 -13.05 32.88
C GLY B 299 36.86 -12.92 32.59
N ASP B 300 36.52 -11.98 31.69
CA ASP B 300 35.15 -11.69 31.26
C ASP B 300 34.24 -11.30 32.43
N GLU B 301 34.79 -10.62 33.42
CA GLU B 301 34.04 -10.15 34.59
C GLU B 301 34.54 -8.76 34.92
N LEU B 302 33.74 -7.74 34.59
CA LEU B 302 34.10 -6.35 34.83
C LEU B 302 33.64 -5.95 36.22
N ILE B 303 34.58 -5.54 37.06
CA ILE B 303 34.27 -5.03 38.40
C ILE B 303 34.31 -3.51 38.29
N ILE B 304 33.16 -2.92 37.97
CA ILE B 304 33.04 -1.47 37.89
C ILE B 304 33.14 -0.90 39.30
N ASP B 305 33.95 0.16 39.46
CA ASP B 305 34.32 0.79 40.73
C ASP B 305 34.87 -0.23 41.72
N PRO B 306 36.13 -0.67 41.54
CA PRO B 306 36.71 -1.61 42.50
C PRO B 306 36.93 -0.95 43.84
N PRO B 307 36.69 -1.66 44.93
CA PRO B 307 36.76 -1.05 46.27
C PRO B 307 38.20 -0.85 46.70
N ARG B 308 38.36 -0.25 47.89
CA ARG B 308 39.69 -0.01 48.43
C ARG B 308 40.39 -1.31 48.78
N ASP B 309 39.64 -2.27 49.33
CA ASP B 309 40.17 -3.60 49.62
C ASP B 309 40.13 -4.41 48.32
N TYR B 310 41.10 -4.13 47.44
CA TYR B 310 41.21 -4.81 46.17
C TYR B 310 42.66 -4.74 45.70
N SER B 311 43.20 -5.88 45.32
CA SER B 311 44.58 -5.99 44.86
C SER B 311 44.61 -6.11 43.34
N PHE B 312 45.77 -5.78 42.77
CA PHE B 312 45.98 -5.87 41.34
C PHE B 312 46.90 -7.04 41.03
N ARG B 313 46.49 -7.87 40.07
CA ARG B 313 47.31 -8.97 39.59
C ARG B 313 47.63 -8.77 38.12
N ALA B 314 48.47 -9.65 37.59
CA ALA B 314 48.80 -9.61 36.17
C ALA B 314 47.61 -10.11 35.36
N GLY B 315 47.43 -9.54 34.18
CA GLY B 315 46.33 -9.89 33.31
C GLY B 315 45.07 -9.10 33.53
N ASP B 316 45.00 -8.31 34.60
CA ASP B 316 43.83 -7.47 34.87
C ASP B 316 43.80 -6.31 33.89
N ILE B 317 42.69 -6.18 33.17
CA ILE B 317 42.51 -5.11 32.19
C ILE B 317 41.93 -3.91 32.93
N ILE B 318 42.68 -2.81 32.95
CA ILE B 318 42.25 -1.59 33.60
C ILE B 318 41.49 -0.74 32.58
N LEU B 319 40.24 -0.43 32.88
CA LEU B 319 39.38 0.33 31.99
C LEU B 319 39.34 1.78 32.47
N GLY B 320 39.75 2.71 31.60
CA GLY B 320 39.90 4.09 31.99
C GLY B 320 39.34 5.06 30.97
N ILE B 321 39.15 6.28 31.43
CA ILE B 321 38.67 7.39 30.60
C ILE B 321 39.67 8.54 30.74
N GLY B 322 40.34 8.89 29.64
CA GLY B 322 41.31 9.96 29.73
C GLY B 322 41.71 10.50 28.38
N LYS B 323 42.41 11.64 28.42
CA LYS B 323 43.00 12.24 27.25
C LYS B 323 44.14 11.35 26.73
N PRO B 324 44.48 11.45 25.43
CA PRO B 324 45.56 10.59 24.91
C PRO B 324 46.95 10.95 25.43
N GLU B 325 47.14 12.14 26.00
CA GLU B 325 48.39 12.44 26.68
C GLU B 325 48.44 11.81 28.07
N GLU B 326 47.30 11.42 28.62
CA GLU B 326 47.23 10.83 29.96
C GLU B 326 47.24 9.32 29.95
N ILE B 327 46.72 8.70 28.89
CA ILE B 327 46.79 7.24 28.76
C ILE B 327 48.22 6.79 28.52
N GLU B 328 49.00 7.58 27.77
CA GLU B 328 50.41 7.28 27.58
C GLU B 328 51.21 7.50 28.87
N ARG B 329 50.71 8.31 29.79
CA ARG B 329 51.28 8.34 31.14
C ARG B 329 50.83 7.15 31.95
N LEU B 330 49.62 6.64 31.68
CA LEU B 330 49.11 5.48 32.41
C LEU B 330 49.84 4.21 31.99
N LYS B 331 50.06 4.05 30.69
CA LYS B 331 50.80 2.89 30.19
C LYS B 331 52.27 2.93 30.60
N ASN B 332 52.81 4.14 30.81
CA ASN B 332 54.15 4.27 31.37
C ASN B 332 54.15 3.96 32.87
N TYR B 333 53.08 4.30 33.57
CA TYR B 333 52.97 3.97 34.98
C TYR B 333 52.73 2.49 35.21
N ILE B 334 52.16 1.80 34.23
CA ILE B 334 51.92 0.36 34.35
C ILE B 334 53.16 -0.45 33.97
N SER B 335 53.97 0.04 33.04
CA SER B 335 55.15 -0.70 32.59
C SER B 335 56.25 -0.67 33.66
N ALA B 336 57.32 -1.42 33.39
CA ALA B 336 58.41 -1.58 34.35
C ALA B 336 59.53 -0.57 34.11
N ALA C 20 -13.31 12.80 28.96
CA ALA C 20 -14.44 11.91 29.19
C ALA C 20 -15.14 12.23 30.51
N THR C 21 -14.46 13.00 31.35
CA THR C 21 -15.01 13.39 32.65
C THR C 21 -15.50 14.82 32.67
N ARG C 22 -15.25 15.60 31.61
CA ARG C 22 -15.81 16.95 31.54
C ARG C 22 -17.31 16.93 31.28
N ILE C 23 -17.83 15.87 30.66
CA ILE C 23 -19.25 15.80 30.32
C ILE C 23 -20.10 15.64 31.56
N LEU C 24 -19.70 14.72 32.45
CA LEU C 24 -20.44 14.54 33.70
C LEU C 24 -20.28 15.75 34.61
N LEU C 25 -19.14 16.43 34.53
CA LEU C 25 -18.93 17.66 35.29
C LEU C 25 -19.88 18.76 34.81
N LEU C 26 -20.02 18.92 33.49
CA LEU C 26 -20.93 19.93 32.96
C LEU C 26 -22.39 19.56 33.19
N VAL C 27 -22.70 18.25 33.19
CA VAL C 27 -24.06 17.80 33.47
C VAL C 27 -24.42 18.07 34.93
N LEU C 28 -23.49 17.81 35.86
CA LEU C 28 -23.74 18.16 37.26
C LEU C 28 -23.79 19.66 37.46
N ALA C 29 -23.03 20.42 36.66
CA ALA C 29 -23.06 21.88 36.75
C ALA C 29 -24.41 22.44 36.31
N VAL C 30 -24.94 21.95 35.18
CA VAL C 30 -26.25 22.42 34.74
C VAL C 30 -27.37 21.88 35.63
N ILE C 31 -27.17 20.74 36.29
CA ILE C 31 -28.17 20.24 37.25
C ILE C 31 -28.21 21.13 38.49
N ILE C 32 -27.05 21.50 39.03
CA ILE C 32 -27.07 22.35 40.22
C ILE C 32 -27.46 23.77 39.86
N TYR C 33 -27.22 24.18 38.61
CA TYR C 33 -27.72 25.47 38.12
C TYR C 33 -29.24 25.47 38.04
N GLY C 34 -29.82 24.36 37.56
CA GLY C 34 -31.27 24.25 37.52
C GLY C 34 -31.92 24.26 38.89
N THR C 35 -31.33 23.53 39.85
CA THR C 35 -31.89 23.51 41.20
C THR C 35 -31.72 24.86 41.89
N ALA C 36 -30.52 25.46 41.82
CA ALA C 36 -30.24 26.73 42.46
C ALA C 36 -30.81 27.92 41.70
N GLY C 37 -31.40 27.69 40.53
CA GLY C 37 -32.17 28.75 39.91
C GLY C 37 -33.65 28.61 40.21
N PHE C 38 -34.18 27.38 40.19
CA PHE C 38 -35.60 27.21 40.47
C PHE C 38 -35.93 27.50 41.93
N HIS C 39 -35.08 27.04 42.86
CA HIS C 39 -35.32 27.31 44.27
C HIS C 39 -35.14 28.78 44.61
N PHE C 40 -34.17 29.44 43.98
CA PHE C 40 -33.82 30.81 44.35
C PHE C 40 -34.43 31.86 43.43
N ILE C 41 -35.30 31.46 42.50
CA ILE C 41 -36.15 32.39 41.75
C ILE C 41 -37.63 32.11 42.00
N GLU C 42 -38.07 30.86 41.77
CA GLU C 42 -39.48 30.57 41.95
C GLU C 42 -39.83 30.42 43.42
N GLY C 43 -39.05 29.65 44.17
CA GLY C 43 -39.26 29.50 45.58
C GLY C 43 -39.91 28.21 46.03
N GLU C 44 -39.74 27.12 45.29
CA GLU C 44 -40.21 25.82 45.71
C GLU C 44 -39.15 25.14 46.59
N SER C 45 -39.43 23.91 47.00
CA SER C 45 -38.51 23.18 47.85
C SER C 45 -37.36 22.61 47.02
N TRP C 46 -36.43 21.94 47.70
CA TRP C 46 -35.22 21.47 47.03
C TRP C 46 -35.49 20.23 46.18
N THR C 47 -36.21 19.25 46.73
CA THR C 47 -36.53 18.04 45.98
C THR C 47 -37.48 18.32 44.81
N VAL C 48 -38.39 19.29 44.97
CA VAL C 48 -39.29 19.63 43.88
C VAL C 48 -38.54 20.36 42.77
N SER C 49 -37.54 21.17 43.12
CA SER C 49 -36.74 21.82 42.10
C SER C 49 -35.80 20.84 41.40
N LEU C 50 -35.32 19.81 42.13
CA LEU C 50 -34.53 18.76 41.49
C LEU C 50 -35.39 17.97 40.50
N TYR C 51 -36.62 17.64 40.91
CA TYR C 51 -37.55 16.97 40.02
C TYR C 51 -37.87 17.83 38.80
N TRP C 52 -38.02 19.15 39.00
CA TRP C 52 -38.33 20.04 37.89
C TRP C 52 -37.16 20.17 36.92
N THR C 53 -35.93 20.26 37.44
CA THR C 53 -34.82 20.42 36.51
C THR C 53 -34.48 19.12 35.79
N PHE C 54 -34.73 17.95 36.41
CA PHE C 54 -34.59 16.70 35.68
C PHE C 54 -35.73 16.47 34.69
N VAL C 55 -36.91 17.04 34.92
CA VAL C 55 -37.96 16.99 33.90
C VAL C 55 -37.64 17.95 32.75
N THR C 56 -37.09 19.12 33.07
CA THR C 56 -36.84 20.14 32.05
C THR C 56 -35.66 19.76 31.15
N ILE C 57 -34.55 19.28 31.72
CA ILE C 57 -33.37 19.00 30.91
C ILE C 57 -33.57 17.77 30.03
N ALA C 58 -34.48 16.88 30.37
CA ALA C 58 -34.72 15.66 29.61
C ALA C 58 -35.82 15.84 28.58
N THR C 59 -36.29 17.08 28.39
CA THR C 59 -37.33 17.44 27.41
C THR C 59 -38.62 16.66 27.61
N VAL C 60 -38.97 16.41 28.87
CA VAL C 60 -40.21 15.71 29.18
C VAL C 60 -41.33 16.74 29.30
N GLY C 61 -41.18 17.65 30.25
CA GLY C 61 -42.11 18.76 30.38
C GLY C 61 -43.49 18.38 30.84
N TYR C 62 -43.61 17.96 32.11
CA TYR C 62 -44.93 17.66 32.66
C TYR C 62 -45.78 18.91 32.78
N GLY C 63 -45.20 20.00 33.29
CA GLY C 63 -45.92 21.25 33.36
C GLY C 63 -46.80 21.41 34.57
N ASP C 64 -46.54 20.67 35.63
CA ASP C 64 -47.21 20.89 36.90
C ASP C 64 -46.48 21.91 37.77
N TYR C 65 -45.21 22.18 37.46
CA TYR C 65 -44.38 23.13 38.19
C TYR C 65 -43.77 24.14 37.23
N SER C 66 -44.62 24.72 36.38
CA SER C 66 -44.18 25.73 35.43
C SER C 66 -43.74 27.00 36.16
N PRO C 67 -42.76 27.73 35.59
CA PRO C 67 -42.37 29.01 36.18
C PRO C 67 -43.47 30.05 36.04
N SER C 68 -43.61 30.90 37.05
CA SER C 68 -44.66 31.90 37.10
C SER C 68 -44.20 33.27 36.65
N THR C 69 -43.16 33.82 37.27
CA THR C 69 -42.65 35.13 36.92
C THR C 69 -41.87 35.08 35.61
N PRO C 70 -41.86 36.18 34.85
CA PRO C 70 -41.08 36.20 33.60
C PRO C 70 -39.58 36.07 33.79
N LEU C 71 -39.05 36.46 34.95
CA LEU C 71 -37.64 36.20 35.25
C LEU C 71 -37.38 34.70 35.34
N GLY C 72 -38.30 33.96 35.95
CA GLY C 72 -38.23 32.51 35.91
C GLY C 72 -38.40 31.94 34.53
N MET C 73 -39.17 32.62 33.67
CA MET C 73 -39.31 32.20 32.28
C MET C 73 -37.98 32.34 31.53
N TYR C 74 -37.28 33.47 31.72
CA TYR C 74 -35.99 33.64 31.08
C TYR C 74 -34.94 32.70 31.66
N PHE C 75 -35.02 32.40 32.96
CA PHE C 75 -34.17 31.36 33.53
C PHE C 75 -34.46 29.99 32.92
N THR C 76 -35.73 29.71 32.63
CA THR C 76 -36.09 28.46 31.97
C THR C 76 -35.55 28.41 30.54
N VAL C 77 -35.54 29.56 29.84
CA VAL C 77 -34.93 29.63 28.50
C VAL C 77 -33.42 29.37 28.57
N THR C 78 -32.76 29.94 29.58
CA THR C 78 -31.31 29.69 29.73
C THR C 78 -31.03 28.24 30.08
N LEU C 79 -31.86 27.63 30.93
CA LEU C 79 -31.71 26.21 31.25
C LEU C 79 -31.99 25.33 30.04
N ILE C 80 -32.92 25.75 29.18
CA ILE C 80 -33.25 24.99 27.99
C ILE C 80 -32.09 25.02 26.99
N VAL C 81 -31.52 26.20 26.76
CA VAL C 81 -30.43 26.27 25.79
C VAL C 81 -29.16 25.62 26.34
N LEU C 82 -28.95 25.67 27.66
CA LEU C 82 -27.80 24.98 28.23
C LEU C 82 -28.01 23.47 28.26
N GLY C 83 -29.26 23.01 28.37
CA GLY C 83 -29.52 21.58 28.28
C GLY C 83 -29.37 21.04 26.87
N ILE C 84 -29.79 21.83 25.88
CA ILE C 84 -29.54 21.44 24.49
C ILE C 84 -28.05 21.45 24.19
N GLY C 85 -27.32 22.39 24.79
CA GLY C 85 -25.87 22.40 24.62
C GLY C 85 -25.17 21.22 25.27
N THR C 86 -25.63 20.81 26.47
CA THR C 86 -24.96 19.68 27.09
C THR C 86 -25.37 18.36 26.45
N PHE C 87 -26.58 18.26 25.90
CA PHE C 87 -26.92 17.09 25.07
C PHE C 87 -26.09 17.06 23.80
N ALA C 88 -25.82 18.23 23.21
CA ALA C 88 -25.02 18.30 22.00
C ALA C 88 -23.58 17.88 22.26
N VAL C 89 -22.99 18.37 23.35
CA VAL C 89 -21.59 18.01 23.61
C VAL C 89 -21.49 16.56 24.12
N ALA C 90 -22.54 16.05 24.77
CA ALA C 90 -22.50 14.65 25.20
C ALA C 90 -22.62 13.71 24.00
N VAL C 91 -23.49 14.03 23.04
CA VAL C 91 -23.60 13.23 21.83
C VAL C 91 -22.34 13.38 20.97
N GLU C 92 -21.70 14.56 21.01
CA GLU C 92 -20.43 14.77 20.31
C GLU C 92 -19.31 13.88 20.87
N ARG C 93 -19.18 13.85 22.20
CA ARG C 93 -18.12 13.01 22.80
C ARG C 93 -18.44 11.53 22.67
N LEU C 94 -19.72 11.16 22.72
CA LEU C 94 -20.10 9.76 22.53
C LEU C 94 -19.81 9.31 21.10
N LEU C 95 -20.08 10.17 20.12
CA LEU C 95 -19.76 9.86 18.73
C LEU C 95 -18.26 9.81 18.50
N GLU C 96 -17.49 10.68 19.16
CA GLU C 96 -16.04 10.65 19.04
C GLU C 96 -15.47 9.34 19.59
N PHE C 97 -15.91 8.95 20.80
CA PHE C 97 -15.46 7.70 21.40
C PHE C 97 -15.91 6.50 20.59
N LEU C 98 -17.11 6.55 20.00
CA LEU C 98 -17.62 5.38 19.29
C LEU C 98 -16.96 5.20 17.93
N ILE C 99 -16.74 6.29 17.19
CA ILE C 99 -16.06 6.16 15.90
C ILE C 99 -14.59 5.80 16.12
N ASN C 100 -13.96 6.35 17.18
CA ASN C 100 -12.58 5.97 17.49
C ASN C 100 -12.46 4.52 17.91
N ARG C 101 -13.46 4.01 18.66
CA ARG C 101 -13.45 2.60 19.05
C ARG C 101 -13.71 1.69 17.86
N GLU C 102 -14.67 2.05 17.00
CA GLU C 102 -15.01 1.19 15.88
C GLU C 102 -13.96 1.21 14.79
N GLN C 103 -13.16 2.26 14.68
CA GLN C 103 -12.03 2.22 13.77
C GLN C 103 -10.76 1.69 14.40
N MET C 104 -10.68 1.65 15.74
CA MET C 104 -9.59 0.96 16.42
C MET C 104 -9.99 -0.45 16.86
N LYS C 105 -10.95 -1.07 16.18
CA LYS C 105 -11.34 -2.45 16.42
C LYS C 105 -11.46 -3.15 15.08
N LEU C 106 -11.74 -2.38 14.03
CA LEU C 106 -11.83 -2.94 12.68
C LEU C 106 -10.47 -3.41 12.18
N MET C 107 -9.43 -2.60 12.37
CA MET C 107 -8.08 -2.92 11.91
C MET C 107 -7.18 -3.37 13.05
N GLY C 108 -7.72 -4.15 13.99
CA GLY C 108 -6.91 -4.63 15.10
C GLY C 108 -6.80 -3.58 16.17
N LEU C 109 -5.56 -3.34 16.63
CA LEU C 109 -5.20 -2.30 17.60
C LEU C 109 -5.96 -2.45 18.92
N ILE C 110 -6.30 -3.67 19.30
CA ILE C 110 -7.16 -3.93 20.44
C ILE C 110 -6.53 -5.08 21.25
N ASP C 111 -6.94 -5.19 22.50
CA ASP C 111 -6.48 -6.25 23.38
C ASP C 111 -7.50 -7.38 23.43
N VAL C 112 -7.02 -8.57 23.73
CA VAL C 112 -7.86 -9.74 23.85
C VAL C 112 -8.27 -9.92 25.30
N ALA C 113 -9.57 -10.13 25.52
CA ALA C 113 -10.12 -10.29 26.86
C ALA C 113 -10.49 -11.73 27.19
N LYS C 114 -10.49 -12.63 26.22
CA LYS C 114 -10.79 -14.02 26.52
C LYS C 114 -9.56 -14.70 27.13
N SER C 115 -9.80 -15.81 27.83
CA SER C 115 -8.72 -16.44 28.57
C SER C 115 -8.70 -17.96 28.41
N ARG C 116 -9.27 -18.49 27.33
CA ARG C 116 -9.03 -19.87 26.92
C ARG C 116 -8.93 -19.95 25.41
N HIS C 117 -8.47 -18.88 24.77
CA HIS C 117 -8.44 -18.74 23.33
C HIS C 117 -7.14 -19.29 22.75
N VAL C 118 -7.07 -19.32 21.42
CA VAL C 118 -5.93 -19.82 20.68
C VAL C 118 -5.37 -18.68 19.84
N VAL C 119 -4.09 -18.37 20.03
CA VAL C 119 -3.42 -17.31 19.29
C VAL C 119 -2.65 -17.94 18.14
N ILE C 120 -2.90 -17.47 16.93
CA ILE C 120 -2.20 -17.95 15.74
C ILE C 120 -1.31 -16.82 15.24
N CYS C 121 0.00 -16.96 15.46
CA CYS C 121 0.96 -15.94 15.04
C CYS C 121 1.36 -16.21 13.61
N GLY C 122 1.00 -15.30 12.71
CA GLY C 122 1.22 -15.48 11.29
C GLY C 122 0.02 -16.13 10.62
N TRP C 123 0.08 -16.18 9.29
CA TRP C 123 -1.06 -16.66 8.51
C TRP C 123 -0.56 -17.31 7.23
N SER C 124 -0.86 -18.59 7.06
CA SER C 124 -0.56 -19.31 5.84
C SER C 124 -1.72 -20.26 5.56
N GLU C 125 -1.55 -21.13 4.56
CA GLU C 125 -2.56 -22.14 4.29
C GLU C 125 -2.53 -23.26 5.33
N SER C 126 -1.42 -23.42 6.05
CA SER C 126 -1.36 -24.41 7.10
C SER C 126 -2.08 -23.95 8.37
N THR C 127 -2.44 -22.68 8.47
CA THR C 127 -3.31 -22.21 9.55
C THR C 127 -4.71 -21.86 9.08
N LEU C 128 -4.92 -21.77 7.76
CA LEU C 128 -6.28 -21.69 7.25
C LEU C 128 -6.98 -23.03 7.38
N GLU C 129 -6.24 -24.13 7.22
CA GLU C 129 -6.78 -25.45 7.52
C GLU C 129 -6.95 -25.68 9.01
N CYS C 130 -6.25 -24.89 9.85
CA CYS C 130 -6.42 -25.00 11.28
C CYS C 130 -7.71 -24.34 11.77
N LEU C 131 -8.40 -23.58 10.93
CA LEU C 131 -9.66 -22.98 11.31
C LEU C 131 -10.86 -23.81 10.89
N ARG C 132 -10.65 -24.88 10.13
CA ARG C 132 -11.72 -25.80 9.79
C ARG C 132 -11.94 -26.86 10.86
N GLU C 133 -11.07 -26.92 11.87
CA GLU C 133 -11.22 -27.84 12.98
C GLU C 133 -11.26 -27.10 14.32
N LEU C 134 -11.45 -25.80 14.30
CA LEU C 134 -11.62 -24.98 15.49
C LEU C 134 -12.85 -24.10 15.29
N ARG C 135 -13.20 -23.35 16.34
CA ARG C 135 -14.33 -22.44 16.23
C ARG C 135 -13.90 -21.13 15.57
N GLY C 136 -14.90 -20.35 15.17
CA GLY C 136 -14.65 -19.11 14.47
C GLY C 136 -14.10 -18.01 15.36
N SER C 137 -14.88 -17.59 16.36
CA SER C 137 -14.51 -16.49 17.23
C SER C 137 -13.64 -16.92 18.40
N GLU C 138 -13.16 -18.16 18.42
CA GLU C 138 -12.27 -18.60 19.48
C GLU C 138 -10.84 -18.19 19.21
N VAL C 139 -10.43 -18.12 17.95
CA VAL C 139 -9.03 -17.93 17.58
C VAL C 139 -8.75 -16.47 17.31
N PHE C 140 -7.52 -16.06 17.58
CA PHE C 140 -7.07 -14.67 17.40
C PHE C 140 -5.79 -14.69 16.58
N VAL C 141 -5.89 -14.29 15.31
CA VAL C 141 -4.72 -14.29 14.43
C VAL C 141 -3.94 -13.01 14.63
N LEU C 142 -2.71 -13.13 15.10
CA LEU C 142 -1.85 -11.99 15.39
C LEU C 142 -0.87 -11.81 14.24
N ALA C 143 -1.08 -10.78 13.43
CA ALA C 143 -0.24 -10.52 12.27
C ALA C 143 -0.14 -9.01 12.10
N GLU C 144 0.47 -8.57 11.00
CA GLU C 144 0.73 -7.16 10.80
C GLU C 144 0.22 -6.67 9.46
N ASP C 145 0.20 -7.54 8.45
CA ASP C 145 -0.16 -7.13 7.10
C ASP C 145 -1.66 -6.88 6.98
N GLU C 146 -2.02 -6.03 6.01
CA GLU C 146 -3.41 -5.70 5.76
C GLU C 146 -4.09 -6.71 4.85
N ASN C 147 -3.33 -7.36 3.96
CA ASN C 147 -3.88 -8.43 3.14
C ASN C 147 -4.22 -9.65 4.00
N VAL C 148 -3.54 -9.82 5.13
CA VAL C 148 -3.87 -10.88 6.06
C VAL C 148 -5.21 -10.62 6.72
N ARG C 149 -5.49 -9.36 7.07
CA ARG C 149 -6.67 -9.00 7.86
C ARG C 149 -7.96 -9.31 7.12
N LYS C 150 -8.03 -8.99 5.83
CA LYS C 150 -9.23 -9.32 5.07
C LYS C 150 -9.33 -10.81 4.81
N LYS C 151 -8.21 -11.52 4.82
CA LYS C 151 -8.24 -12.99 4.71
C LYS C 151 -8.64 -13.62 6.03
N VAL C 152 -8.38 -12.97 7.15
CA VAL C 152 -8.72 -13.52 8.45
C VAL C 152 -10.22 -13.39 8.71
N LEU C 153 -10.78 -12.21 8.44
CA LEU C 153 -12.18 -11.95 8.72
C LEU C 153 -13.11 -12.73 7.80
N ARG C 154 -12.64 -13.09 6.60
CA ARG C 154 -13.45 -13.90 5.70
C ARG C 154 -13.55 -15.34 6.19
N SER C 155 -12.62 -15.78 7.02
CA SER C 155 -12.61 -17.15 7.50
C SER C 155 -13.14 -17.30 8.91
N GLY C 156 -13.64 -16.21 9.51
CA GLY C 156 -14.31 -16.27 10.79
C GLY C 156 -13.47 -15.92 12.00
N ALA C 157 -12.15 -15.80 11.86
CA ALA C 157 -11.30 -15.53 13.00
C ALA C 157 -11.30 -14.04 13.35
N ASN C 158 -10.71 -13.73 14.50
CA ASN C 158 -10.52 -12.36 14.93
C ASN C 158 -9.08 -11.94 14.67
N PHE C 159 -8.89 -10.72 14.20
CA PHE C 159 -7.57 -10.23 13.81
C PHE C 159 -7.07 -9.24 14.86
N VAL C 160 -5.93 -9.53 15.45
CA VAL C 160 -5.24 -8.63 16.38
C VAL C 160 -4.01 -8.12 15.66
N HIS C 161 -4.01 -6.85 15.28
CA HIS C 161 -2.88 -6.30 14.54
C HIS C 161 -1.71 -6.06 15.50
N GLY C 162 -0.61 -6.74 15.25
CA GLY C 162 0.58 -6.58 16.06
C GLY C 162 1.73 -7.44 15.57
N ASP C 163 2.95 -7.00 15.82
CA ASP C 163 4.15 -7.74 15.45
C ASP C 163 4.27 -8.96 16.36
N PRO C 164 4.12 -10.19 15.85
CA PRO C 164 4.17 -11.36 16.74
C PRO C 164 5.55 -11.67 17.27
N THR C 165 6.61 -11.15 16.65
CA THR C 165 7.96 -11.32 17.16
C THR C 165 8.25 -10.40 18.33
N ARG C 166 7.44 -9.37 18.54
CA ARG C 166 7.63 -8.44 19.64
C ARG C 166 6.88 -8.91 20.87
N VAL C 167 7.55 -8.85 22.03
CA VAL C 167 6.94 -9.30 23.29
C VAL C 167 5.86 -8.33 23.72
N SER C 168 5.96 -7.06 23.35
CA SER C 168 4.95 -6.08 23.70
C SER C 168 3.63 -6.30 22.96
N ASP C 169 3.67 -6.93 21.79
CA ASP C 169 2.46 -7.23 21.04
C ASP C 169 2.00 -8.68 21.19
N LEU C 170 2.78 -9.52 21.87
CA LEU C 170 2.28 -10.82 22.26
C LEU C 170 1.41 -10.73 23.50
N GLU C 171 1.66 -9.74 24.36
CA GLU C 171 0.79 -9.49 25.50
C GLU C 171 -0.51 -8.81 25.09
N LYS C 172 -0.55 -8.19 23.92
CA LYS C 172 -1.81 -7.67 23.41
C LYS C 172 -2.70 -8.79 22.88
N ALA C 173 -2.15 -9.96 22.60
CA ALA C 173 -2.92 -11.11 22.19
C ALA C 173 -3.31 -12.00 23.36
N ASN C 174 -2.99 -11.57 24.59
CA ASN C 174 -3.30 -12.28 25.85
C ASN C 174 -2.72 -13.69 25.84
N VAL C 175 -1.44 -13.79 25.47
CA VAL C 175 -0.80 -15.08 25.32
C VAL C 175 -0.44 -15.72 26.66
N ARG C 176 -0.51 -14.95 27.75
CA ARG C 176 -0.27 -15.52 29.07
C ARG C 176 -1.40 -16.42 29.51
N GLY C 177 -2.63 -16.10 29.11
CA GLY C 177 -3.78 -16.92 29.47
C GLY C 177 -4.37 -17.64 28.28
N ALA C 178 -3.62 -17.74 27.19
CA ALA C 178 -4.09 -18.45 26.02
C ALA C 178 -4.07 -19.95 26.26
N ARG C 179 -4.84 -20.68 25.46
CA ARG C 179 -4.98 -22.12 25.64
C ARG C 179 -3.85 -22.87 24.94
N ALA C 180 -3.59 -22.52 23.68
CA ALA C 180 -2.46 -23.05 22.93
C ALA C 180 -2.12 -22.05 21.83
N VAL C 181 -0.83 -21.88 21.57
CA VAL C 181 -0.35 -20.90 20.61
C VAL C 181 0.19 -21.62 19.39
N ILE C 182 -0.11 -21.09 18.21
CA ILE C 182 0.29 -21.69 16.95
C ILE C 182 1.14 -20.67 16.20
N VAL C 183 2.42 -20.98 16.02
CA VAL C 183 3.37 -20.05 15.42
C VAL C 183 3.71 -20.55 14.02
N ASP C 184 3.20 -19.86 13.00
CA ASP C 184 3.52 -20.16 11.60
C ASP C 184 3.78 -18.81 10.95
N LEU C 185 5.03 -18.35 11.00
CA LEU C 185 5.38 -17.06 10.48
C LEU C 185 6.01 -17.19 9.10
N GLU C 186 6.06 -16.07 8.37
CA GLU C 186 6.40 -16.07 6.95
C GLU C 186 7.87 -16.33 6.68
N SER C 187 8.72 -16.33 7.71
CA SER C 187 10.09 -16.79 7.57
C SER C 187 10.33 -17.89 8.59
N ASP C 188 11.56 -18.34 8.74
CA ASP C 188 11.88 -19.30 9.78
C ASP C 188 12.67 -18.71 10.92
N SER C 189 13.37 -17.60 10.68
CA SER C 189 14.05 -16.88 11.75
C SER C 189 13.06 -16.19 12.68
N GLU C 190 11.86 -15.89 12.20
CA GLU C 190 10.84 -15.27 13.03
C GLU C 190 10.02 -16.28 13.80
N THR C 191 10.01 -17.55 13.38
CA THR C 191 9.36 -18.59 14.16
C THR C 191 10.13 -18.87 15.44
N ILE C 192 11.47 -18.84 15.37
CA ILE C 192 12.28 -19.03 16.57
C ILE C 192 12.15 -17.81 17.49
N HIS C 193 12.07 -16.62 16.91
CA HIS C 193 11.97 -15.41 17.70
C HIS C 193 10.61 -15.28 18.37
N CYS C 194 9.54 -15.76 17.72
CA CYS C 194 8.23 -15.63 18.32
C CYS C 194 8.05 -16.60 19.49
N ILE C 195 8.73 -17.75 19.46
CA ILE C 195 8.66 -18.69 20.57
C ILE C 195 9.42 -18.15 21.77
N LEU C 196 10.59 -17.56 21.53
CA LEU C 196 11.35 -16.94 22.62
C LEU C 196 10.65 -15.73 23.21
N GLY C 197 9.73 -15.10 22.45
CA GLY C 197 8.90 -14.06 23.02
C GLY C 197 7.77 -14.60 23.86
N ILE C 198 7.22 -15.76 23.48
CA ILE C 198 6.12 -16.35 24.25
C ILE C 198 6.65 -16.97 25.54
N ARG C 199 7.78 -17.67 25.46
CA ARG C 199 8.35 -18.34 26.63
C ARG C 199 8.87 -17.36 27.68
N LYS C 200 9.13 -16.10 27.29
CA LYS C 200 9.39 -15.08 28.29
C LYS C 200 8.11 -14.73 29.04
N ILE C 201 6.95 -14.84 28.40
CA ILE C 201 5.69 -14.43 28.98
C ILE C 201 5.06 -15.56 29.80
N ASP C 202 4.78 -16.69 29.16
CA ASP C 202 4.19 -17.84 29.84
C ASP C 202 5.01 -19.08 29.53
N GLU C 203 5.66 -19.64 30.55
CA GLU C 203 6.55 -20.76 30.37
C GLU C 203 5.84 -22.11 30.32
N SER C 204 4.51 -22.13 30.42
CA SER C 204 3.78 -23.40 30.43
C SER C 204 2.70 -23.50 29.36
N VAL C 205 2.50 -22.45 28.55
CA VAL C 205 1.53 -22.54 27.46
C VAL C 205 2.08 -23.44 26.36
N ARG C 206 1.17 -24.01 25.57
CA ARG C 206 1.54 -24.95 24.52
C ARG C 206 1.79 -24.20 23.23
N ILE C 207 3.01 -24.29 22.73
CA ILE C 207 3.39 -23.66 21.47
C ILE C 207 3.49 -24.75 20.40
N ILE C 208 2.78 -24.56 19.29
CA ILE C 208 2.80 -25.49 18.17
C ILE C 208 3.38 -24.72 16.98
N ALA C 209 4.62 -24.99 16.64
CA ALA C 209 5.35 -24.19 15.67
C ALA C 209 5.50 -24.93 14.35
N GLU C 210 5.70 -24.18 13.28
CA GLU C 210 5.95 -24.74 11.96
C GLU C 210 7.41 -24.49 11.57
N ALA C 211 8.18 -25.55 11.45
CA ALA C 211 9.54 -25.48 10.94
C ALA C 211 9.54 -25.59 9.43
N GLU C 212 10.36 -24.78 8.78
CA GLU C 212 10.50 -24.82 7.34
C GLU C 212 11.71 -25.64 6.91
N ARG C 213 12.90 -25.28 7.39
CA ARG C 213 14.12 -26.01 7.06
C ARG C 213 14.35 -27.12 8.07
N TYR C 214 15.21 -28.07 7.70
CA TYR C 214 15.42 -29.24 8.55
C TYR C 214 16.33 -28.93 9.74
N GLU C 215 17.31 -28.04 9.56
CA GLU C 215 18.24 -27.75 10.65
C GLU C 215 17.62 -26.89 11.75
N ASN C 216 16.40 -26.40 11.57
CA ASN C 216 15.73 -25.58 12.58
C ASN C 216 14.71 -26.34 13.38
N ILE C 217 14.57 -27.65 13.18
CA ILE C 217 13.66 -28.43 14.02
C ILE C 217 14.24 -28.57 15.42
N GLU C 218 15.56 -28.77 15.52
CA GLU C 218 16.20 -28.80 16.83
C GLU C 218 16.30 -27.41 17.45
N GLN C 219 16.27 -26.35 16.64
CA GLN C 219 16.31 -24.99 17.17
C GLN C 219 14.95 -24.49 17.61
N LEU C 220 13.87 -25.12 17.16
CA LEU C 220 12.54 -24.74 17.64
C LEU C 220 12.24 -25.38 18.98
N ARG C 221 12.85 -26.53 19.27
CA ARG C 221 12.61 -27.18 20.56
C ARG C 221 13.43 -26.55 21.68
N MET C 222 14.66 -26.11 21.38
CA MET C 222 15.45 -25.38 22.36
C MET C 222 14.88 -24.00 22.61
N ALA C 223 14.13 -23.44 21.66
CA ALA C 223 13.44 -22.18 21.91
C ALA C 223 12.25 -22.37 22.84
N GLY C 224 11.61 -23.54 22.79
CA GLY C 224 10.55 -23.84 23.73
C GLY C 224 9.25 -24.33 23.13
N ALA C 225 9.26 -24.72 21.85
CA ALA C 225 8.04 -25.22 21.23
C ALA C 225 7.72 -26.61 21.75
N ASP C 226 6.48 -26.79 22.23
CA ASP C 226 6.07 -28.09 22.74
C ASP C 226 5.88 -29.10 21.62
N GLN C 227 5.55 -28.64 20.42
CA GLN C 227 5.34 -29.52 19.30
C GLN C 227 5.74 -28.82 18.01
N VAL C 228 6.75 -29.34 17.34
CA VAL C 228 7.20 -28.83 16.05
C VAL C 228 6.49 -29.62 14.97
N ILE C 229 6.10 -28.94 13.89
CA ILE C 229 5.55 -29.58 12.70
C ILE C 229 6.34 -29.07 11.51
N SER C 230 7.03 -29.97 10.81
CA SER C 230 7.85 -29.57 9.67
C SER C 230 7.23 -30.11 8.39
N PRO C 231 6.40 -29.32 7.69
CA PRO C 231 5.77 -29.85 6.48
C PRO C 231 6.67 -29.85 5.25
N PHE C 232 7.70 -29.00 5.21
CA PHE C 232 8.59 -28.99 4.05
C PHE C 232 9.66 -30.06 4.14
N VAL C 233 9.98 -30.53 5.35
CA VAL C 233 10.83 -31.70 5.49
C VAL C 233 10.06 -32.97 5.12
N ILE C 234 8.75 -32.99 5.40
CA ILE C 234 7.91 -34.12 5.04
C ILE C 234 7.80 -34.25 3.52
N SER C 235 7.50 -33.14 2.84
CA SER C 235 7.37 -33.17 1.39
C SER C 235 8.70 -33.40 0.69
N GLY C 236 9.82 -33.00 1.31
CA GLY C 236 11.11 -33.30 0.72
C GLY C 236 11.48 -34.77 0.83
N ARG C 237 11.02 -35.44 1.89
CA ARG C 237 11.25 -36.87 2.02
C ARG C 237 10.22 -37.69 1.26
N LEU C 238 9.17 -37.07 0.71
CA LEU C 238 8.21 -37.79 -0.11
C LEU C 238 8.36 -37.49 -1.60
N MET C 239 8.95 -36.35 -1.96
CA MET C 239 9.20 -36.06 -3.37
C MET C 239 10.44 -36.78 -3.89
N SER C 240 11.31 -37.25 -3.01
CA SER C 240 12.51 -37.97 -3.40
C SER C 240 12.37 -39.48 -3.25
N ARG C 241 11.27 -39.94 -2.65
CA ARG C 241 10.99 -41.37 -2.52
C ARG C 241 9.80 -41.80 -3.36
N SER C 242 9.22 -40.89 -4.16
CA SER C 242 8.10 -41.23 -5.02
C SER C 242 8.47 -41.18 -6.49
N ILE C 243 9.75 -41.04 -6.82
CA ILE C 243 10.16 -41.01 -8.22
C ILE C 243 10.07 -42.39 -8.83
N ASP C 244 10.55 -43.41 -8.10
CA ASP C 244 10.59 -44.76 -8.67
C ASP C 244 9.22 -45.45 -8.58
N ASP C 245 8.74 -45.75 -7.37
CA ASP C 245 7.46 -46.41 -7.18
C ASP C 245 6.46 -45.58 -6.40
N GLY C 246 6.85 -45.11 -5.22
CA GLY C 246 6.02 -44.19 -4.46
C GLY C 246 4.80 -44.79 -3.78
N TYR C 247 5.02 -45.73 -2.88
CA TYR C 247 3.95 -46.21 -2.01
C TYR C 247 3.97 -45.54 -0.65
N GLU C 248 5.05 -44.83 -0.31
CA GLU C 248 5.09 -44.11 0.95
C GLU C 248 4.19 -42.89 0.91
N ALA C 249 4.21 -42.14 -0.19
CA ALA C 249 3.38 -40.94 -0.30
C ALA C 249 1.91 -41.24 -0.57
N MET C 250 1.58 -42.47 -0.93
CA MET C 250 0.17 -42.84 -1.05
C MET C 250 -0.44 -43.09 0.32
N PHE C 251 0.36 -43.57 1.28
CA PHE C 251 -0.15 -43.75 2.63
C PHE C 251 -0.30 -42.42 3.34
N VAL C 252 0.64 -41.50 3.13
CA VAL C 252 0.60 -40.20 3.81
C VAL C 252 -0.55 -39.34 3.28
N GLN C 253 -0.82 -39.42 1.99
CA GLN C 253 -1.88 -38.61 1.41
C GLN C 253 -3.26 -39.17 1.73
N ASP C 254 -3.40 -40.49 1.82
CA ASP C 254 -4.72 -41.07 2.04
C ASP C 254 -5.10 -41.11 3.51
N VAL C 255 -4.13 -41.11 4.42
CA VAL C 255 -4.41 -41.20 5.85
C VAL C 255 -4.26 -39.84 6.52
N LEU C 256 -3.15 -39.15 6.30
CA LEU C 256 -2.86 -37.92 7.02
C LEU C 256 -3.40 -36.68 6.33
N ALA C 257 -3.54 -36.69 5.01
CA ALA C 257 -3.97 -35.48 4.30
C ALA C 257 -5.48 -35.45 4.08
N GLU C 258 -6.02 -36.45 3.39
CA GLU C 258 -7.43 -36.43 3.00
C GLU C 258 -8.33 -37.18 3.95
N GLU C 259 -7.81 -38.24 4.59
CA GLU C 259 -8.59 -39.24 5.32
C GLU C 259 -9.70 -39.82 4.43
N SER C 260 -9.27 -40.36 3.29
CA SER C 260 -10.22 -40.85 2.29
C SER C 260 -10.91 -42.12 2.77
N THR C 261 -10.15 -43.18 2.99
CA THR C 261 -10.69 -44.45 3.47
C THR C 261 -10.24 -44.78 4.88
N ARG C 262 -8.93 -44.71 5.15
CA ARG C 262 -8.40 -44.88 6.48
C ARG C 262 -8.30 -43.52 7.17
N ARG C 263 -7.97 -43.54 8.45
CA ARG C 263 -7.90 -42.33 9.25
C ARG C 263 -7.08 -42.62 10.50
N MET C 264 -6.19 -41.70 10.86
CA MET C 264 -5.39 -41.82 12.06
C MET C 264 -6.09 -41.09 13.20
N VAL C 265 -6.35 -41.80 14.29
CA VAL C 265 -7.02 -41.23 15.45
C VAL C 265 -6.12 -41.37 16.67
N GLU C 266 -6.50 -40.65 17.72
CA GLU C 266 -5.84 -40.74 19.02
C GLU C 266 -6.93 -40.82 20.09
N VAL C 267 -7.06 -41.99 20.70
CA VAL C 267 -8.11 -42.26 21.68
C VAL C 267 -7.45 -42.49 23.03
N PRO C 268 -7.98 -41.92 24.11
CA PRO C 268 -7.41 -42.16 25.44
C PRO C 268 -7.86 -43.51 26.00
N ILE C 269 -7.42 -43.75 27.23
CA ILE C 269 -7.97 -44.83 28.05
C ILE C 269 -8.73 -44.18 29.21
N PRO C 270 -10.06 -44.27 29.24
CA PRO C 270 -10.83 -43.61 30.31
C PRO C 270 -10.74 -44.39 31.61
N GLU C 271 -11.45 -43.90 32.61
CA GLU C 271 -11.42 -44.54 33.93
C GLU C 271 -12.26 -45.81 33.91
N GLY C 272 -11.71 -46.89 34.46
CA GLY C 272 -12.29 -48.20 34.30
C GLY C 272 -11.75 -48.88 33.06
N SER C 273 -12.49 -48.76 31.96
CA SER C 273 -12.09 -49.05 30.58
C SER C 273 -11.84 -50.53 30.27
N LYS C 274 -11.91 -51.42 31.26
CA LYS C 274 -11.87 -52.89 31.20
C LYS C 274 -10.52 -53.48 30.77
N LEU C 275 -9.59 -52.65 30.32
CA LEU C 275 -8.26 -53.11 29.91
C LEU C 275 -7.09 -52.60 30.77
N GLU C 276 -7.39 -52.05 31.96
CA GLU C 276 -6.34 -51.50 32.82
C GLU C 276 -5.50 -52.61 33.41
N GLY C 277 -4.31 -52.82 32.86
CA GLY C 277 -3.35 -53.77 33.40
C GLY C 277 -2.92 -54.87 32.45
N VAL C 278 -3.73 -55.18 31.43
CA VAL C 278 -3.44 -56.31 30.56
C VAL C 278 -2.33 -55.93 29.58
N SER C 279 -1.75 -56.94 28.93
CA SER C 279 -0.71 -56.74 27.94
C SER C 279 -1.33 -56.46 26.58
N VAL C 280 -0.47 -56.26 25.57
CA VAL C 280 -0.95 -56.04 24.21
C VAL C 280 -1.44 -57.35 23.61
N LEU C 281 -0.89 -58.48 24.06
CA LEU C 281 -1.35 -59.78 23.58
C LEU C 281 -2.75 -60.10 24.12
N ASP C 282 -3.05 -59.69 25.34
CA ASP C 282 -4.34 -59.99 25.95
C ASP C 282 -5.43 -59.01 25.51
N ALA C 283 -5.06 -57.77 25.18
CA ALA C 283 -6.06 -56.84 24.65
C ALA C 283 -6.45 -57.21 23.23
N ASP C 284 -5.45 -57.50 22.38
CA ASP C 284 -5.62 -57.93 20.99
C ASP C 284 -6.42 -56.91 20.19
N ILE C 285 -5.93 -55.67 20.16
CA ILE C 285 -6.68 -54.55 19.59
C ILE C 285 -6.71 -54.64 18.06
N HIS C 286 -5.68 -55.25 17.46
CA HIS C 286 -5.61 -55.33 16.00
C HIS C 286 -6.64 -56.31 15.44
N ASP C 287 -7.02 -57.33 16.21
CA ASP C 287 -7.91 -58.37 15.70
C ASP C 287 -9.37 -58.13 16.05
N VAL C 288 -9.66 -57.50 17.18
CA VAL C 288 -11.06 -57.31 17.56
C VAL C 288 -11.65 -56.03 16.97
N THR C 289 -10.82 -55.09 16.53
CA THR C 289 -11.27 -53.83 15.96
C THR C 289 -10.82 -53.60 14.54
N GLY C 290 -9.64 -54.09 14.17
CA GLY C 290 -9.06 -53.80 12.89
C GLY C 290 -8.19 -52.56 12.86
N VAL C 291 -7.90 -51.96 14.01
CA VAL C 291 -7.11 -50.75 14.11
C VAL C 291 -5.66 -51.15 14.38
N ILE C 292 -4.75 -50.72 13.51
CA ILE C 292 -3.34 -51.00 13.67
C ILE C 292 -2.78 -50.11 14.77
N ILE C 293 -2.22 -50.71 15.80
CA ILE C 293 -1.65 -49.95 16.91
C ILE C 293 -0.28 -49.46 16.51
N ILE C 294 -0.09 -48.15 16.51
CA ILE C 294 1.19 -47.52 16.19
C ILE C 294 1.98 -47.20 17.45
N GLY C 295 1.35 -46.50 18.39
CA GLY C 295 2.03 -46.13 19.62
C GLY C 295 1.05 -45.74 20.69
N VAL C 296 1.54 -45.73 21.93
CA VAL C 296 0.75 -45.38 23.10
C VAL C 296 1.31 -44.11 23.73
N GLY C 297 0.43 -43.28 24.28
CA GLY C 297 0.81 -42.02 24.86
C GLY C 297 1.00 -41.98 26.37
N ARG C 298 1.96 -42.74 26.90
CA ARG C 298 2.18 -42.79 28.34
C ARG C 298 3.02 -41.58 28.75
N GLY C 299 2.35 -40.48 29.09
CA GLY C 299 2.98 -39.36 29.78
C GLY C 299 3.99 -38.55 28.98
N ASP C 300 3.51 -37.81 27.98
CA ASP C 300 4.30 -36.83 27.21
C ASP C 300 5.44 -37.46 26.41
N GLU C 301 5.35 -38.76 26.14
CA GLU C 301 6.22 -39.39 25.15
C GLU C 301 5.40 -40.43 24.40
N LEU C 302 5.92 -40.83 23.25
CA LEU C 302 5.24 -41.79 22.38
C LEU C 302 6.07 -43.07 22.33
N ILE C 303 5.52 -44.15 22.85
CA ILE C 303 6.17 -45.46 22.79
C ILE C 303 5.65 -46.12 21.52
N ILE C 304 6.34 -45.89 20.41
CA ILE C 304 5.94 -46.46 19.13
C ILE C 304 6.26 -47.95 19.14
N ASP C 305 5.28 -48.77 18.69
CA ASP C 305 5.28 -50.23 18.71
C ASP C 305 5.55 -50.75 20.11
N PRO C 306 4.56 -50.71 21.00
CA PRO C 306 4.76 -51.16 22.38
C PRO C 306 4.99 -52.66 22.42
N PRO C 307 5.92 -53.13 23.25
CA PRO C 307 6.35 -54.54 23.19
C PRO C 307 5.34 -55.51 23.78
N ARG C 308 5.75 -56.77 23.86
CA ARG C 308 4.88 -57.81 24.40
C ARG C 308 4.62 -57.61 25.89
N ASP C 309 5.63 -57.18 26.64
CA ASP C 309 5.55 -57.06 28.08
C ASP C 309 5.02 -55.69 28.54
N TYR C 310 4.53 -54.87 27.63
CA TYR C 310 4.00 -53.57 28.02
C TYR C 310 2.65 -53.74 28.69
N SER C 311 2.40 -52.88 29.69
CA SER C 311 1.16 -52.90 30.46
C SER C 311 0.41 -51.60 30.24
N PHE C 312 -0.87 -51.69 29.87
CA PHE C 312 -1.69 -50.51 29.67
C PHE C 312 -2.06 -49.88 31.01
N ARG C 313 -2.20 -48.56 31.01
CA ARG C 313 -2.58 -47.82 32.20
C ARG C 313 -3.76 -46.91 31.90
N ALA C 314 -4.10 -46.02 32.83
CA ALA C 314 -5.19 -45.08 32.62
C ALA C 314 -4.63 -43.78 32.07
N GLY C 315 -5.39 -43.17 31.15
CA GLY C 315 -4.96 -41.95 30.51
C GLY C 315 -4.00 -42.12 29.35
N ASP C 316 -3.65 -43.35 29.00
CA ASP C 316 -2.76 -43.58 27.86
C ASP C 316 -3.50 -43.31 26.55
N ILE C 317 -2.86 -42.54 25.68
CA ILE C 317 -3.46 -42.17 24.40
C ILE C 317 -3.06 -43.22 23.38
N ILE C 318 -4.03 -44.01 22.94
CA ILE C 318 -3.81 -45.03 21.91
C ILE C 318 -3.87 -44.34 20.56
N LEU C 319 -2.79 -44.45 19.78
CA LEU C 319 -2.69 -43.85 18.46
C LEU C 319 -2.78 -44.96 17.42
N GLY C 320 -3.82 -44.94 16.61
CA GLY C 320 -4.05 -46.01 15.66
C GLY C 320 -4.70 -45.51 14.39
N ILE C 321 -4.51 -46.30 13.32
CA ILE C 321 -5.09 -46.00 12.02
C ILE C 321 -6.18 -47.03 11.73
N GLY C 322 -7.21 -46.61 11.02
CA GLY C 322 -8.29 -47.53 10.67
C GLY C 322 -9.39 -46.77 9.96
N LYS C 323 -10.38 -47.54 9.50
CA LYS C 323 -11.57 -46.98 8.89
C LYS C 323 -12.46 -46.39 9.96
N PRO C 324 -13.31 -45.41 9.62
CA PRO C 324 -14.28 -44.88 10.60
C PRO C 324 -15.32 -45.89 11.05
N GLU C 325 -15.54 -46.97 10.29
CA GLU C 325 -16.33 -48.09 10.77
C GLU C 325 -15.53 -49.05 11.65
N GLU C 326 -14.22 -48.82 11.77
CA GLU C 326 -13.37 -49.60 12.68
C GLU C 326 -12.98 -48.84 13.93
N ILE C 327 -12.87 -47.50 13.84
CA ILE C 327 -12.54 -46.69 15.01
C ILE C 327 -13.72 -46.65 15.98
N GLU C 328 -14.95 -46.69 15.45
CA GLU C 328 -16.13 -46.67 16.31
C GLU C 328 -16.29 -47.96 17.11
N ARG C 329 -15.66 -49.05 16.65
CA ARG C 329 -15.58 -50.26 17.45
C ARG C 329 -14.32 -50.29 18.31
N LEU C 330 -13.42 -49.33 18.15
CA LEU C 330 -12.29 -49.18 19.06
C LEU C 330 -12.66 -48.37 20.29
N LYS C 331 -13.45 -47.31 20.10
CA LYS C 331 -13.95 -46.55 21.24
C LYS C 331 -14.95 -47.34 22.07
N ASN C 332 -15.62 -48.34 21.48
CA ASN C 332 -16.52 -49.19 22.24
C ASN C 332 -15.75 -50.22 23.07
N TYR C 333 -14.63 -50.71 22.54
CA TYR C 333 -13.85 -51.72 23.23
C TYR C 333 -13.12 -51.17 24.45
N ILE C 334 -12.90 -49.87 24.52
CA ILE C 334 -12.13 -49.26 25.60
C ILE C 334 -13.05 -48.69 26.69
N SER C 335 -14.30 -49.17 26.76
CA SER C 335 -15.23 -48.73 27.78
C SER C 335 -15.61 -49.89 28.69
N ALA C 336 -16.02 -49.57 29.90
CA ALA C 336 -16.39 -50.59 30.88
C ALA C 336 -17.83 -50.40 31.36
N SER D 115 16.72 -41.45 -20.03
CA SER D 115 15.54 -41.54 -19.18
C SER D 115 15.93 -41.59 -17.71
N ARG D 116 17.01 -40.91 -17.36
CA ARG D 116 17.51 -40.90 -16.00
C ARG D 116 17.86 -39.50 -15.55
N HIS D 117 16.99 -38.54 -15.86
CA HIS D 117 17.10 -37.18 -15.35
C HIS D 117 15.75 -36.72 -14.84
N VAL D 118 15.77 -35.91 -13.78
CA VAL D 118 14.56 -35.46 -13.10
C VAL D 118 14.43 -33.96 -13.33
N VAL D 119 13.34 -33.54 -13.96
CA VAL D 119 13.05 -32.14 -14.14
C VAL D 119 12.23 -31.67 -12.95
N ILE D 120 12.54 -30.49 -12.43
CA ILE D 120 11.84 -29.93 -11.28
C ILE D 120 11.34 -28.54 -11.66
N CYS D 121 10.04 -28.34 -11.55
CA CYS D 121 9.44 -27.04 -11.84
C CYS D 121 9.24 -26.28 -10.55
N GLY D 122 9.77 -25.05 -10.49
CA GLY D 122 9.64 -24.22 -9.32
C GLY D 122 10.65 -24.59 -8.23
N TRP D 123 10.65 -23.79 -7.18
CA TRP D 123 11.64 -23.93 -6.12
C TRP D 123 11.05 -23.50 -4.79
N SER D 124 11.26 -24.32 -3.76
CA SER D 124 10.89 -24.00 -2.39
C SER D 124 11.80 -24.79 -1.47
N GLU D 125 11.47 -24.80 -0.17
CA GLU D 125 12.26 -25.59 0.76
C GLU D 125 11.96 -27.08 0.61
N SER D 126 10.73 -27.42 0.22
CA SER D 126 10.38 -28.82 -0.03
C SER D 126 11.07 -29.37 -1.27
N THR D 127 11.55 -28.50 -2.15
CA THR D 127 12.37 -28.94 -3.27
C THR D 127 13.83 -29.08 -2.86
N LEU D 128 14.34 -28.17 -2.02
CA LEU D 128 15.71 -28.25 -1.53
C LEU D 128 15.93 -29.50 -0.67
N GLU D 129 14.91 -29.95 0.04
CA GLU D 129 15.02 -31.21 0.77
C GLU D 129 14.92 -32.42 -0.14
N CYS D 130 14.32 -32.25 -1.33
CA CYS D 130 14.29 -33.35 -2.29
C CYS D 130 15.66 -33.58 -2.93
N LEU D 131 16.47 -32.53 -3.01
CA LEU D 131 17.81 -32.59 -3.61
C LEU D 131 18.85 -33.23 -2.70
N ARG D 132 18.48 -33.60 -1.47
CA ARG D 132 19.46 -34.10 -0.52
C ARG D 132 19.78 -35.57 -0.77
N GLU D 133 18.84 -36.34 -1.31
CA GLU D 133 19.09 -37.73 -1.67
C GLU D 133 18.77 -37.98 -3.15
N LEU D 134 18.90 -36.94 -3.97
CA LEU D 134 18.88 -37.07 -5.41
C LEU D 134 20.26 -36.73 -5.96
N ARG D 135 20.61 -37.34 -7.08
CA ARG D 135 21.94 -37.17 -7.66
C ARG D 135 22.09 -35.78 -8.25
N GLY D 136 23.29 -35.22 -8.09
CA GLY D 136 23.53 -33.82 -8.39
C GLY D 136 23.74 -33.44 -9.84
N SER D 137 23.99 -34.41 -10.72
CA SER D 137 24.27 -34.11 -12.12
C SER D 137 23.10 -34.46 -13.04
N GLU D 138 21.92 -34.72 -12.48
CA GLU D 138 20.77 -35.13 -13.28
C GLU D 138 19.50 -34.33 -12.98
N VAL D 139 19.53 -33.38 -12.06
CA VAL D 139 18.33 -32.64 -11.67
C VAL D 139 18.31 -31.32 -12.42
N PHE D 140 17.24 -31.07 -13.17
CA PHE D 140 17.05 -29.83 -13.91
C PHE D 140 15.95 -29.02 -13.22
N VAL D 141 16.32 -27.92 -12.60
CA VAL D 141 15.36 -27.04 -11.94
C VAL D 141 14.90 -26.00 -12.95
N LEU D 142 13.59 -25.94 -13.19
CA LEU D 142 12.98 -24.98 -14.10
C LEU D 142 12.22 -23.96 -13.26
N ALA D 143 12.75 -22.74 -13.18
CA ALA D 143 12.14 -21.69 -12.39
C ALA D 143 12.21 -20.38 -13.17
N GLU D 144 11.44 -19.40 -12.68
CA GLU D 144 11.26 -18.14 -13.41
C GLU D 144 12.20 -17.05 -12.91
N ASP D 145 12.30 -16.89 -11.60
CA ASP D 145 13.08 -15.79 -11.04
C ASP D 145 14.57 -16.05 -11.19
N GLU D 146 15.34 -14.98 -11.45
CA GLU D 146 16.78 -15.07 -11.56
C GLU D 146 17.48 -15.19 -10.20
N ASN D 147 16.80 -14.84 -9.12
CA ASN D 147 17.36 -15.01 -7.78
C ASN D 147 17.49 -16.48 -7.40
N VAL D 148 16.73 -17.36 -8.06
CA VAL D 148 16.78 -18.79 -7.76
C VAL D 148 18.10 -19.40 -8.22
N ARG D 149 18.76 -18.78 -9.21
CA ARG D 149 19.93 -19.36 -9.87
C ARG D 149 21.11 -19.58 -8.93
N LYS D 150 21.19 -18.77 -7.87
CA LYS D 150 22.21 -19.00 -6.84
C LYS D 150 21.86 -20.24 -6.02
N LYS D 151 20.61 -20.34 -5.58
CA LYS D 151 20.20 -21.40 -4.66
C LYS D 151 20.13 -22.77 -5.33
N VAL D 152 20.00 -22.81 -6.65
CA VAL D 152 20.02 -24.09 -7.35
C VAL D 152 21.45 -24.60 -7.48
N LEU D 153 22.38 -23.70 -7.85
CA LEU D 153 23.75 -24.13 -8.11
C LEU D 153 24.51 -24.44 -6.83
N ARG D 154 24.03 -24.00 -5.67
CA ARG D 154 24.63 -24.44 -4.41
C ARG D 154 24.31 -25.90 -4.14
N SER D 155 23.07 -26.31 -4.40
CA SER D 155 22.59 -27.65 -4.04
C SER D 155 22.87 -28.69 -5.10
N GLY D 156 23.61 -28.34 -6.15
CA GLY D 156 23.96 -29.32 -7.16
C GLY D 156 22.83 -29.69 -8.09
N ALA D 157 22.39 -28.75 -8.93
CA ALA D 157 21.42 -29.02 -9.97
C ALA D 157 21.64 -28.04 -11.11
N ASN D 158 21.04 -28.34 -12.26
CA ASN D 158 21.19 -27.53 -13.46
C ASN D 158 19.99 -26.61 -13.59
N PHE D 159 20.21 -25.32 -13.34
CA PHE D 159 19.13 -24.34 -13.46
C PHE D 159 18.85 -24.05 -14.92
N VAL D 160 17.59 -24.23 -15.32
CA VAL D 160 17.12 -23.91 -16.66
C VAL D 160 16.10 -22.80 -16.52
N HIS D 161 16.43 -21.61 -17.05
CA HIS D 161 15.58 -20.45 -16.88
C HIS D 161 14.41 -20.48 -17.85
N GLY D 162 13.21 -20.30 -17.34
CA GLY D 162 12.02 -20.28 -18.18
C GLY D 162 10.77 -20.23 -17.34
N ASP D 163 9.66 -19.99 -18.03
CA ASP D 163 8.35 -19.97 -17.40
C ASP D 163 7.79 -21.38 -17.43
N PRO D 164 7.67 -22.07 -16.29
CA PRO D 164 7.28 -23.49 -16.31
C PRO D 164 5.83 -23.72 -16.70
N THR D 165 4.98 -22.70 -16.70
CA THR D 165 3.63 -22.83 -17.20
C THR D 165 3.58 -22.76 -18.72
N ARG D 166 4.60 -22.23 -19.36
CA ARG D 166 4.67 -22.19 -20.81
C ARG D 166 5.20 -23.51 -21.34
N VAL D 167 4.55 -24.05 -22.37
CA VAL D 167 4.93 -25.35 -22.92
C VAL D 167 6.26 -25.27 -23.67
N SER D 168 6.61 -24.10 -24.20
CA SER D 168 7.89 -23.93 -24.88
C SER D 168 9.07 -23.95 -23.93
N ASP D 169 8.87 -23.64 -22.65
CA ASP D 169 9.94 -23.74 -21.67
C ASP D 169 9.97 -25.09 -20.97
N LEU D 170 8.92 -25.90 -21.10
CA LEU D 170 8.96 -27.25 -20.57
C LEU D 170 9.70 -28.20 -21.49
N GLU D 171 9.55 -28.04 -22.80
CA GLU D 171 10.35 -28.81 -23.74
C GLU D 171 11.80 -28.37 -23.77
N LYS D 172 12.08 -27.13 -23.37
CA LYS D 172 13.45 -26.65 -23.25
C LYS D 172 14.17 -27.31 -22.07
N ALA D 173 13.42 -27.66 -21.03
CA ALA D 173 13.97 -28.36 -19.88
C ALA D 173 13.96 -29.87 -20.04
N ASN D 174 13.45 -30.36 -21.18
CA ASN D 174 13.38 -31.78 -21.55
C ASN D 174 12.59 -32.60 -20.52
N VAL D 175 11.30 -32.27 -20.43
CA VAL D 175 10.38 -33.06 -19.62
C VAL D 175 9.89 -34.30 -20.35
N ARG D 176 10.23 -34.46 -21.62
CA ARG D 176 9.87 -35.66 -22.37
C ARG D 176 10.95 -36.71 -22.16
N GLY D 177 10.55 -37.87 -21.64
CA GLY D 177 11.51 -38.92 -21.36
C GLY D 177 12.33 -38.63 -20.12
N ALA D 178 11.65 -38.29 -19.03
CA ALA D 178 12.28 -38.04 -17.75
C ALA D 178 11.83 -39.09 -16.74
N ARG D 179 12.58 -39.19 -15.64
CA ARG D 179 12.18 -40.09 -14.55
C ARG D 179 10.89 -39.61 -13.92
N ALA D 180 10.90 -38.40 -13.37
CA ALA D 180 9.72 -37.80 -12.80
C ALA D 180 9.83 -36.29 -12.96
N VAL D 181 8.68 -35.62 -12.95
CA VAL D 181 8.64 -34.17 -12.96
C VAL D 181 8.03 -33.73 -11.64
N ILE D 182 8.85 -33.13 -10.78
CA ILE D 182 8.45 -32.75 -9.43
C ILE D 182 8.11 -31.26 -9.48
N VAL D 183 6.82 -30.95 -9.46
CA VAL D 183 6.35 -29.59 -9.66
C VAL D 183 5.80 -29.03 -8.35
N ASP D 184 6.33 -27.87 -7.93
CA ASP D 184 5.74 -27.07 -6.87
C ASP D 184 6.08 -25.60 -7.16
N LEU D 185 5.06 -24.77 -7.26
CA LEU D 185 5.22 -23.40 -7.72
C LEU D 185 4.76 -22.42 -6.65
N GLU D 186 4.85 -21.13 -6.98
CA GLU D 186 4.63 -20.05 -6.01
C GLU D 186 3.18 -19.94 -5.58
N SER D 187 2.25 -20.49 -6.33
CA SER D 187 0.85 -20.56 -5.94
C SER D 187 0.37 -21.97 -6.24
N ASP D 188 -0.95 -22.18 -6.17
CA ASP D 188 -1.48 -23.46 -6.60
C ASP D 188 -2.08 -23.39 -8.00
N SER D 189 -2.45 -22.18 -8.43
CA SER D 189 -2.98 -22.01 -9.78
C SER D 189 -1.93 -22.27 -10.84
N GLU D 190 -0.66 -22.01 -10.53
CA GLU D 190 0.40 -22.30 -11.48
C GLU D 190 0.77 -23.78 -11.50
N THR D 191 0.54 -24.48 -10.39
CA THR D 191 0.83 -25.91 -10.34
C THR D 191 -0.12 -26.70 -11.24
N ILE D 192 -1.37 -26.27 -11.34
CA ILE D 192 -2.33 -26.93 -12.21
C ILE D 192 -1.98 -26.68 -13.68
N HIS D 193 -1.64 -25.44 -14.01
CA HIS D 193 -1.28 -25.09 -15.38
C HIS D 193 0.04 -25.71 -15.79
N CYS D 194 0.93 -25.99 -14.84
CA CYS D 194 2.20 -26.62 -15.19
C CYS D 194 2.01 -28.09 -15.55
N ILE D 195 1.10 -28.78 -14.85
CA ILE D 195 0.85 -30.20 -15.13
C ILE D 195 0.17 -30.36 -16.48
N LEU D 196 -0.77 -29.47 -16.80
CA LEU D 196 -1.43 -29.51 -18.09
C LEU D 196 -0.48 -29.18 -19.24
N GLY D 197 0.59 -28.43 -18.96
CA GLY D 197 1.62 -28.24 -19.96
C GLY D 197 2.51 -29.44 -20.14
N ILE D 198 2.71 -30.23 -19.08
CA ILE D 198 3.51 -31.44 -19.21
C ILE D 198 2.72 -32.52 -19.95
N ARG D 199 1.41 -32.61 -19.68
CA ARG D 199 0.59 -33.65 -20.29
C ARG D 199 0.36 -33.42 -21.78
N LYS D 200 0.62 -32.22 -22.29
CA LYS D 200 0.59 -32.01 -23.74
C LYS D 200 1.90 -32.41 -24.40
N ILE D 201 2.97 -32.62 -23.62
CA ILE D 201 4.25 -33.04 -24.16
C ILE D 201 4.40 -34.54 -24.00
N ASP D 202 4.32 -35.03 -22.76
CA ASP D 202 4.46 -36.44 -22.46
C ASP D 202 3.26 -36.90 -21.66
N GLU D 203 2.79 -38.12 -21.94
CA GLU D 203 1.64 -38.69 -21.26
C GLU D 203 2.01 -39.80 -20.28
N SER D 204 3.26 -40.24 -20.26
CA SER D 204 3.67 -41.35 -19.41
C SER D 204 4.71 -40.93 -18.37
N VAL D 205 5.16 -39.68 -18.37
CA VAL D 205 6.14 -39.24 -17.39
C VAL D 205 5.45 -39.06 -16.05
N ARG D 206 6.18 -39.33 -14.98
CA ARG D 206 5.62 -39.26 -13.63
C ARG D 206 5.59 -37.81 -13.18
N ILE D 207 4.45 -37.37 -12.65
CA ILE D 207 4.30 -36.01 -12.15
C ILE D 207 4.02 -36.09 -10.67
N ILE D 208 4.89 -35.49 -9.87
CA ILE D 208 4.77 -35.47 -8.42
C ILE D 208 4.54 -34.02 -8.02
N ALA D 209 3.29 -33.66 -7.78
CA ALA D 209 2.92 -32.27 -7.55
C ALA D 209 2.79 -31.98 -6.07
N GLU D 210 2.56 -30.71 -5.75
CA GLU D 210 2.41 -30.28 -4.37
C GLU D 210 1.19 -29.37 -4.28
N ALA D 211 0.14 -29.83 -3.61
CA ALA D 211 -1.08 -29.06 -3.43
C ALA D 211 -0.96 -28.21 -2.18
N GLU D 212 -1.29 -26.92 -2.30
CA GLU D 212 -1.28 -26.05 -1.14
C GLU D 212 -2.64 -26.09 -0.43
N ARG D 213 -3.71 -25.76 -1.13
CA ARG D 213 -5.04 -25.79 -0.58
C ARG D 213 -5.57 -27.23 -0.57
N TYR D 214 -6.64 -27.45 0.20
CA TYR D 214 -7.17 -28.80 0.29
C TYR D 214 -8.01 -29.17 -0.92
N GLU D 215 -8.82 -28.23 -1.43
CA GLU D 215 -9.72 -28.54 -2.53
C GLU D 215 -9.00 -28.72 -3.86
N ASN D 216 -7.70 -28.48 -3.92
CA ASN D 216 -6.92 -28.62 -5.13
C ASN D 216 -6.22 -29.97 -5.24
N ILE D 217 -6.44 -30.88 -4.27
CA ILE D 217 -5.85 -32.21 -4.39
C ILE D 217 -6.59 -33.03 -5.41
N GLU D 218 -7.91 -32.85 -5.52
CA GLU D 218 -8.66 -33.47 -6.60
C GLU D 218 -8.68 -32.62 -7.86
N GLN D 219 -7.90 -31.54 -7.91
CA GLN D 219 -7.69 -30.82 -9.16
C GLN D 219 -6.36 -31.17 -9.80
N LEU D 220 -5.33 -31.45 -8.98
CA LEU D 220 -4.08 -31.94 -9.53
C LEU D 220 -4.22 -33.36 -10.04
N ARG D 221 -5.09 -34.17 -9.43
CA ARG D 221 -5.28 -35.54 -9.88
C ARG D 221 -6.05 -35.60 -11.18
N MET D 222 -7.03 -34.71 -11.38
CA MET D 222 -7.72 -34.65 -12.65
C MET D 222 -6.88 -33.99 -13.74
N ALA D 223 -5.87 -33.21 -13.35
CA ALA D 223 -4.98 -32.61 -14.33
C ALA D 223 -3.96 -33.59 -14.88
N GLY D 224 -3.62 -34.63 -14.12
CA GLY D 224 -2.71 -35.64 -14.62
C GLY D 224 -1.52 -35.93 -13.73
N ALA D 225 -1.55 -35.45 -12.48
CA ALA D 225 -0.47 -35.75 -11.56
C ALA D 225 -0.60 -37.18 -11.06
N ASP D 226 0.50 -37.92 -11.15
CA ASP D 226 0.49 -39.31 -10.71
C ASP D 226 0.60 -39.46 -9.21
N GLN D 227 1.04 -38.43 -8.50
CA GLN D 227 1.14 -38.47 -7.04
C GLN D 227 1.09 -37.05 -6.51
N VAL D 228 0.18 -36.80 -5.57
CA VAL D 228 0.00 -35.49 -4.96
C VAL D 228 0.48 -35.56 -3.52
N ILE D 229 1.26 -34.57 -3.11
CA ILE D 229 1.77 -34.45 -1.74
C ILE D 229 1.38 -33.07 -1.24
N SER D 230 0.42 -33.01 -0.33
CA SER D 230 -0.06 -31.72 0.18
C SER D 230 0.43 -31.50 1.59
N PRO D 231 1.49 -30.72 1.81
CA PRO D 231 2.03 -30.56 3.17
C PRO D 231 1.22 -29.61 4.03
N PHE D 232 0.54 -28.64 3.42
CA PHE D 232 -0.21 -27.66 4.19
C PHE D 232 -1.52 -28.22 4.72
N VAL D 233 -2.00 -29.34 4.18
CA VAL D 233 -3.13 -30.04 4.78
C VAL D 233 -2.67 -30.97 5.90
N ILE D 234 -1.50 -31.57 5.73
CA ILE D 234 -0.93 -32.39 6.81
C ILE D 234 -0.53 -31.51 7.98
N SER D 235 0.12 -30.38 7.71
CA SER D 235 0.46 -29.45 8.77
C SER D 235 -0.77 -28.71 9.30
N GLY D 236 -1.83 -28.61 8.50
CA GLY D 236 -3.04 -27.96 8.95
C GLY D 236 -3.84 -28.83 9.89
N ARG D 237 -3.92 -30.12 9.58
CA ARG D 237 -4.64 -31.04 10.46
C ARG D 237 -3.86 -31.30 11.74
N LEU D 238 -2.53 -31.36 11.65
CA LEU D 238 -1.71 -31.60 12.83
C LEU D 238 -1.64 -30.39 13.75
N MET D 239 -1.91 -29.19 13.25
CA MET D 239 -1.90 -28.01 14.11
C MET D 239 -3.14 -27.95 14.99
N SER D 240 -4.25 -28.49 14.51
CA SER D 240 -5.47 -28.49 15.32
C SER D 240 -5.57 -29.73 16.21
N ARG D 241 -5.04 -30.86 15.77
CA ARG D 241 -5.06 -32.08 16.55
C ARG D 241 -3.93 -32.17 17.58
N SER D 242 -3.17 -31.09 17.78
CA SER D 242 -2.11 -31.06 18.77
C SER D 242 -2.30 -29.95 19.78
N ILE D 243 -3.49 -29.35 19.83
CA ILE D 243 -3.76 -28.30 20.81
C ILE D 243 -3.93 -28.90 22.20
N ASP D 244 -4.70 -29.97 22.31
CA ASP D 244 -4.98 -30.58 23.61
C ASP D 244 -4.09 -31.78 23.91
N ASP D 245 -4.05 -32.78 23.02
CA ASP D 245 -3.30 -33.99 23.32
C ASP D 245 -1.92 -34.02 22.66
N GLY D 246 -1.88 -33.96 21.33
CA GLY D 246 -0.62 -33.87 20.61
C GLY D 246 0.22 -35.12 20.59
N TYR D 247 -0.32 -36.23 20.10
CA TYR D 247 0.44 -37.46 19.96
C TYR D 247 0.54 -37.96 18.53
N GLU D 248 -0.34 -37.51 17.64
CA GLU D 248 -0.18 -37.83 16.23
C GLU D 248 1.01 -37.10 15.64
N ALA D 249 1.19 -35.83 16.01
CA ALA D 249 2.32 -35.05 15.52
C ALA D 249 3.66 -35.53 16.06
N MET D 250 3.66 -36.24 17.19
CA MET D 250 4.89 -36.88 17.64
C MET D 250 5.22 -38.12 16.83
N PHE D 251 4.23 -38.71 16.15
CA PHE D 251 4.50 -39.84 15.26
C PHE D 251 4.96 -39.36 13.89
N VAL D 252 4.28 -38.34 13.35
CA VAL D 252 4.60 -37.85 12.02
C VAL D 252 5.98 -37.19 11.99
N GLN D 253 6.38 -36.54 13.09
CA GLN D 253 7.69 -35.91 13.12
C GLN D 253 8.80 -36.94 13.30
N ASP D 254 8.60 -37.93 14.15
CA ASP D 254 9.66 -38.87 14.46
C ASP D 254 9.86 -39.94 13.39
N VAL D 255 8.90 -40.10 12.46
CA VAL D 255 8.94 -41.17 11.48
C VAL D 255 8.99 -40.62 10.05
N LEU D 256 8.14 -39.63 9.75
CA LEU D 256 8.12 -39.07 8.41
C LEU D 256 9.08 -37.90 8.23
N ALA D 257 9.29 -37.10 9.28
CA ALA D 257 10.11 -35.91 9.16
C ALA D 257 11.56 -36.17 9.57
N GLU D 258 11.77 -36.56 10.83
CA GLU D 258 13.12 -36.67 11.37
C GLU D 258 13.77 -38.01 11.08
N GLU D 259 12.98 -39.09 11.15
CA GLU D 259 13.45 -40.48 11.14
C GLU D 259 14.52 -40.70 12.21
N SER D 260 14.15 -40.33 13.45
CA SER D 260 15.09 -40.37 14.55
C SER D 260 15.39 -41.81 14.98
N THR D 261 14.38 -42.52 15.46
CA THR D 261 14.51 -43.92 15.84
C THR D 261 13.78 -44.84 14.88
N ARG D 262 12.51 -44.56 14.61
CA ARG D 262 11.75 -45.28 13.61
C ARG D 262 11.83 -44.56 12.26
N ARG D 263 11.49 -45.28 11.19
CA ARG D 263 11.39 -44.68 9.89
C ARG D 263 10.41 -45.50 9.04
N MET D 264 9.86 -44.85 8.02
CA MET D 264 8.96 -45.51 7.08
C MET D 264 9.77 -46.02 5.90
N VAL D 265 9.68 -47.33 5.65
CA VAL D 265 10.46 -47.96 4.60
C VAL D 265 9.51 -48.71 3.68
N GLU D 266 9.91 -48.84 2.41
CA GLU D 266 9.24 -49.70 1.46
C GLU D 266 10.28 -50.63 0.84
N VAL D 267 10.00 -51.93 0.90
CA VAL D 267 10.93 -52.92 0.37
C VAL D 267 10.25 -53.70 -0.76
N PRO D 268 11.00 -54.13 -1.78
CA PRO D 268 10.42 -54.98 -2.81
C PRO D 268 10.51 -56.45 -2.45
N ILE D 269 9.59 -57.22 -3.02
CA ILE D 269 9.51 -58.65 -2.80
C ILE D 269 9.91 -59.35 -4.10
N PRO D 270 11.02 -60.10 -4.13
CA PRO D 270 11.50 -60.67 -5.39
C PRO D 270 10.74 -61.92 -5.81
N GLU D 271 11.20 -62.55 -6.89
CA GLU D 271 10.56 -63.73 -7.44
C GLU D 271 11.04 -64.98 -6.69
N GLY D 272 10.11 -65.67 -6.04
CA GLY D 272 10.37 -66.94 -5.40
C GLY D 272 11.29 -66.88 -4.19
N SER D 273 10.91 -66.12 -3.17
CA SER D 273 11.72 -66.01 -1.95
C SER D 273 10.80 -66.02 -0.72
N LYS D 274 10.51 -67.22 -0.22
CA LYS D 274 10.10 -67.54 1.15
C LYS D 274 8.76 -66.94 1.62
N LEU D 275 8.07 -66.15 0.81
CA LEU D 275 6.76 -65.63 1.18
C LEU D 275 5.70 -65.75 0.08
N GLU D 276 6.09 -65.97 -1.17
CA GLU D 276 5.14 -66.11 -2.26
C GLU D 276 4.51 -67.49 -2.17
N GLY D 277 3.19 -67.54 -2.05
CA GLY D 277 2.49 -68.79 -1.86
C GLY D 277 2.09 -69.08 -0.42
N VAL D 278 2.29 -68.13 0.49
CA VAL D 278 1.89 -68.30 1.88
C VAL D 278 1.28 -66.98 2.34
N SER D 279 0.39 -67.06 3.32
CA SER D 279 -0.42 -65.92 3.73
C SER D 279 0.33 -65.08 4.77
N VAL D 280 -0.34 -64.03 5.25
CA VAL D 280 0.26 -63.13 6.24
C VAL D 280 0.27 -63.78 7.62
N LEU D 281 -0.66 -64.71 7.89
CA LEU D 281 -0.75 -65.35 9.20
C LEU D 281 0.45 -66.27 9.44
N ASP D 282 0.78 -67.11 8.46
CA ASP D 282 1.93 -67.98 8.59
C ASP D 282 3.26 -67.25 8.32
N ALA D 283 3.20 -66.03 7.77
CA ALA D 283 4.42 -65.26 7.61
C ALA D 283 4.92 -64.74 8.95
N ASP D 284 3.99 -64.41 9.86
CA ASP D 284 4.26 -63.93 11.22
C ASP D 284 5.16 -62.69 11.18
N ILE D 285 4.80 -61.76 10.29
CA ILE D 285 5.75 -60.78 9.76
C ILE D 285 6.10 -59.71 10.80
N HIS D 286 5.17 -59.37 11.69
CA HIS D 286 5.46 -58.35 12.69
C HIS D 286 6.35 -58.88 13.81
N ASP D 287 6.27 -60.18 14.11
CA ASP D 287 7.01 -60.74 15.24
C ASP D 287 8.36 -61.31 14.85
N VAL D 288 8.51 -61.81 13.62
CA VAL D 288 9.80 -62.40 13.23
C VAL D 288 10.80 -61.31 12.85
N THR D 289 10.34 -60.11 12.53
CA THR D 289 11.20 -59.02 12.10
C THR D 289 11.18 -57.84 13.04
N GLY D 290 10.00 -57.39 13.46
CA GLY D 290 9.86 -56.24 14.33
C GLY D 290 9.30 -55.01 13.66
N VAL D 291 8.83 -55.11 12.42
CA VAL D 291 8.36 -53.97 11.65
C VAL D 291 6.84 -54.05 11.52
N ILE D 292 6.18 -52.91 11.70
CA ILE D 292 4.73 -52.82 11.60
C ILE D 292 4.35 -52.74 10.13
N ILE D 293 3.48 -53.65 9.68
CA ILE D 293 3.13 -53.73 8.26
C ILE D 293 1.92 -52.83 8.04
N ILE D 294 2.18 -51.66 7.47
CA ILE D 294 1.11 -50.69 7.23
C ILE D 294 0.27 -51.10 6.04
N GLY D 295 0.92 -51.42 4.91
CA GLY D 295 0.19 -51.77 3.72
C GLY D 295 1.05 -52.49 2.71
N VAL D 296 0.37 -53.14 1.77
CA VAL D 296 1.00 -53.85 0.66
C VAL D 296 0.47 -53.26 -0.64
N GLY D 297 1.38 -52.84 -1.52
CA GLY D 297 0.98 -52.20 -2.74
C GLY D 297 1.29 -52.99 -3.99
N ARG D 298 0.25 -53.49 -4.66
CA ARG D 298 0.40 -54.29 -5.87
C ARG D 298 -0.10 -53.49 -7.06
N GLY D 299 0.83 -52.93 -7.84
CA GLY D 299 0.49 -52.26 -9.08
C GLY D 299 -0.31 -50.98 -8.94
N ASP D 300 0.30 -49.97 -8.29
CA ASP D 300 -0.28 -48.63 -8.10
C ASP D 300 -1.62 -48.70 -7.36
N GLU D 301 -1.67 -49.56 -6.34
CA GLU D 301 -2.87 -49.68 -5.51
C GLU D 301 -2.39 -50.13 -4.12
N LEU D 302 -2.39 -49.20 -3.17
CA LEU D 302 -1.91 -49.49 -1.82
C LEU D 302 -3.04 -50.07 -0.99
N ILE D 303 -2.89 -51.33 -0.59
CA ILE D 303 -3.89 -52.01 0.23
C ILE D 303 -3.43 -51.83 1.68
N ILE D 304 -3.93 -50.78 2.33
CA ILE D 304 -3.61 -50.51 3.72
C ILE D 304 -4.28 -51.56 4.59
N ASP D 305 -3.51 -52.11 5.55
CA ASP D 305 -3.88 -53.21 6.45
C ASP D 305 -4.38 -54.42 5.66
N PRO D 306 -3.47 -55.19 5.04
CA PRO D 306 -3.90 -56.40 4.34
C PRO D 306 -4.45 -57.43 5.31
N PRO D 307 -5.52 -58.13 4.94
CA PRO D 307 -6.17 -59.06 5.86
C PRO D 307 -5.36 -60.36 6.00
N ARG D 308 -5.87 -61.25 6.84
CA ARG D 308 -5.18 -62.51 7.09
C ARG D 308 -5.28 -63.44 5.89
N ASP D 309 -6.34 -63.31 5.10
CA ASP D 309 -6.50 -64.10 3.88
C ASP D 309 -5.95 -63.33 2.67
N TYR D 310 -4.67 -62.96 2.78
CA TYR D 310 -3.96 -62.25 1.73
C TYR D 310 -2.65 -62.98 1.46
N SER D 311 -2.36 -63.22 0.18
CA SER D 311 -1.13 -63.89 -0.23
C SER D 311 -0.20 -62.91 -0.90
N PHE D 312 1.10 -63.18 -0.78
CA PHE D 312 2.12 -62.35 -1.39
C PHE D 312 2.48 -62.88 -2.76
N ARG D 313 2.72 -61.98 -3.70
CA ARG D 313 3.10 -62.34 -5.06
C ARG D 313 4.42 -61.67 -5.42
N ALA D 314 5.01 -62.14 -6.51
CA ALA D 314 6.33 -61.68 -6.95
C ALA D 314 6.20 -60.30 -7.54
N GLY D 315 6.59 -59.27 -6.78
CA GLY D 315 6.58 -57.92 -7.29
C GLY D 315 5.82 -56.94 -6.41
N ASP D 316 5.42 -57.38 -5.23
CA ASP D 316 4.70 -56.52 -4.30
C ASP D 316 5.68 -55.63 -3.53
N ILE D 317 5.13 -54.72 -2.75
CA ILE D 317 5.91 -53.78 -1.94
C ILE D 317 5.34 -53.79 -0.53
N ILE D 318 6.18 -54.11 0.44
CA ILE D 318 5.78 -54.08 1.86
C ILE D 318 6.14 -52.71 2.41
N LEU D 319 5.14 -52.01 2.96
CA LEU D 319 5.33 -50.69 3.53
C LEU D 319 5.37 -50.81 5.05
N GLY D 320 6.52 -50.52 5.64
CA GLY D 320 6.76 -50.79 7.04
C GLY D 320 7.14 -49.56 7.85
N ILE D 321 7.08 -49.72 9.17
CA ILE D 321 7.51 -48.73 10.14
C ILE D 321 8.38 -49.43 11.16
N GLY D 322 9.65 -49.05 11.26
CA GLY D 322 10.53 -49.73 12.20
C GLY D 322 11.90 -49.08 12.25
N LYS D 323 12.68 -49.51 13.25
CA LYS D 323 14.03 -49.03 13.44
C LYS D 323 14.95 -49.57 12.34
N PRO D 324 16.07 -48.89 12.06
CA PRO D 324 17.03 -49.44 11.09
C PRO D 324 17.73 -50.71 11.56
N GLU D 325 17.69 -51.05 12.85
CA GLU D 325 18.23 -52.33 13.30
C GLU D 325 17.36 -53.50 12.87
N GLU D 326 16.05 -53.29 12.78
CA GLU D 326 15.11 -54.36 12.45
C GLU D 326 14.63 -54.32 11.01
N ILE D 327 14.87 -53.22 10.29
CA ILE D 327 14.61 -53.20 8.85
C ILE D 327 15.59 -54.12 8.13
N GLU D 328 16.85 -54.17 8.61
CA GLU D 328 17.82 -55.10 8.06
C GLU D 328 17.45 -56.56 8.38
N ARG D 329 16.73 -56.78 9.47
CA ARG D 329 16.18 -58.12 9.72
C ARG D 329 15.03 -58.43 8.77
N LEU D 330 14.32 -57.40 8.30
CA LEU D 330 13.24 -57.62 7.35
C LEU D 330 13.79 -57.96 5.97
N LYS D 331 14.72 -57.15 5.47
CA LYS D 331 15.22 -57.31 4.10
C LYS D 331 16.06 -58.58 3.96
N ASN D 332 16.68 -59.04 5.03
CA ASN D 332 17.36 -60.34 4.99
C ASN D 332 16.39 -61.50 5.11
N TYR D 333 15.18 -61.25 5.62
CA TYR D 333 14.15 -62.29 5.65
C TYR D 333 13.38 -62.34 4.33
N ILE D 334 13.30 -61.22 3.62
CA ILE D 334 12.47 -61.13 2.41
C ILE D 334 13.08 -61.96 1.28
N SER D 335 14.38 -61.81 1.05
CA SER D 335 15.05 -62.63 0.05
C SER D 335 15.26 -64.04 0.59
N ALA D 336 15.52 -64.98 -0.32
CA ALA D 336 15.70 -66.38 0.06
C ALA D 336 17.10 -66.65 0.61
N ALA E 20 -27.25 -7.98 20.46
CA ALA E 20 -28.36 -8.31 19.57
C ALA E 20 -29.69 -7.95 20.19
N THR E 21 -30.15 -8.77 21.13
CA THR E 21 -31.43 -8.58 21.80
C THR E 21 -31.31 -8.12 23.24
N ARG E 22 -30.09 -7.86 23.73
CA ARG E 22 -29.93 -7.33 25.08
C ARG E 22 -30.44 -5.89 25.17
N ILE E 23 -30.48 -5.18 24.04
CA ILE E 23 -31.12 -3.87 23.98
C ILE E 23 -32.61 -3.99 24.29
N LEU E 24 -33.25 -5.02 23.73
CA LEU E 24 -34.67 -5.24 23.97
C LEU E 24 -34.93 -5.74 25.38
N LEU E 25 -34.01 -6.55 25.93
CA LEU E 25 -34.10 -6.92 27.35
C LEU E 25 -34.01 -5.69 28.25
N LEU E 26 -33.12 -4.75 27.93
CA LEU E 26 -32.98 -3.55 28.74
C LEU E 26 -34.21 -2.66 28.61
N VAL E 27 -34.77 -2.54 27.41
CA VAL E 27 -35.93 -1.65 27.26
C VAL E 27 -37.18 -2.27 27.89
N LEU E 28 -37.35 -3.60 27.82
CA LEU E 28 -38.48 -4.21 28.48
C LEU E 28 -38.32 -4.18 30.00
N ALA E 29 -37.08 -4.29 30.48
CA ALA E 29 -36.81 -4.16 31.90
C ALA E 29 -37.13 -2.75 32.41
N VAL E 30 -36.78 -1.72 31.63
CA VAL E 30 -37.01 -0.38 32.14
C VAL E 30 -38.50 0.02 32.00
N ILE E 31 -39.22 -0.51 31.01
CA ILE E 31 -40.67 -0.25 30.96
C ILE E 31 -41.39 -1.00 32.08
N ILE E 32 -40.97 -2.24 32.40
CA ILE E 32 -41.63 -2.94 33.49
C ILE E 32 -41.24 -2.31 34.84
N TYR E 33 -40.05 -1.71 34.91
CA TYR E 33 -39.64 -0.95 36.08
C TYR E 33 -40.50 0.29 36.26
N GLY E 34 -40.76 1.01 35.17
CA GLY E 34 -41.60 2.19 35.24
C GLY E 34 -43.04 1.87 35.61
N THR E 35 -43.59 0.78 35.06
CA THR E 35 -44.96 0.41 35.37
C THR E 35 -45.10 -0.02 36.83
N ALA E 36 -44.16 -0.82 37.32
CA ALA E 36 -44.21 -1.26 38.71
C ALA E 36 -44.02 -0.10 39.68
N GLY E 37 -43.04 0.77 39.40
CA GLY E 37 -42.81 1.89 40.29
C GLY E 37 -43.78 3.04 40.14
N PHE E 38 -44.66 3.02 39.14
CA PHE E 38 -45.76 3.96 39.19
C PHE E 38 -46.99 3.37 39.87
N HIS E 39 -47.27 2.08 39.63
CA HIS E 39 -48.45 1.47 40.23
C HIS E 39 -48.29 1.30 41.73
N PHE E 40 -47.14 0.81 42.18
CA PHE E 40 -46.93 0.52 43.60
C PHE E 40 -46.67 1.77 44.43
N ILE E 41 -46.56 2.94 43.80
CA ILE E 41 -46.30 4.19 44.52
C ILE E 41 -47.49 5.14 44.42
N GLU E 42 -47.96 5.44 43.20
CA GLU E 42 -49.06 6.39 43.07
C GLU E 42 -50.42 5.74 43.26
N GLY E 43 -50.51 4.42 43.09
CA GLY E 43 -51.73 3.71 43.41
C GLY E 43 -52.84 3.84 42.40
N GLU E 44 -52.55 4.28 41.18
CA GLU E 44 -53.56 4.35 40.14
C GLU E 44 -53.65 3.00 39.44
N SER E 45 -54.39 2.93 38.34
CA SER E 45 -54.60 1.65 37.66
C SER E 45 -53.34 1.25 36.87
N TRP E 46 -53.35 -0.01 36.41
CA TRP E 46 -52.18 -0.54 35.73
C TRP E 46 -52.06 -0.01 34.31
N THR E 47 -53.19 0.17 33.61
CA THR E 47 -53.14 0.65 32.25
C THR E 47 -52.74 2.13 32.17
N VAL E 48 -53.15 2.95 33.15
CA VAL E 48 -52.68 4.33 33.16
C VAL E 48 -51.22 4.39 33.63
N SER E 49 -50.75 3.39 34.38
CA SER E 49 -49.34 3.35 34.74
C SER E 49 -48.48 3.00 33.54
N LEU E 50 -48.95 2.07 32.71
CA LEU E 50 -48.25 1.75 31.48
C LEU E 50 -48.27 2.93 30.50
N TYR E 51 -49.41 3.62 30.43
CA TYR E 51 -49.54 4.82 29.61
C TYR E 51 -48.59 5.91 30.08
N TRP E 52 -48.50 6.12 31.39
CA TRP E 52 -47.59 7.13 31.93
C TRP E 52 -46.13 6.74 31.69
N THR E 53 -45.81 5.44 31.76
CA THR E 53 -44.45 5.02 31.50
C THR E 53 -44.06 5.24 30.05
N PHE E 54 -44.94 4.93 29.10
CA PHE E 54 -44.61 5.16 27.70
C PHE E 54 -44.65 6.64 27.34
N VAL E 55 -45.41 7.44 28.07
CA VAL E 55 -45.39 8.88 27.87
C VAL E 55 -44.09 9.48 28.42
N THR E 56 -43.63 8.96 29.57
CA THR E 56 -42.47 9.52 30.23
C THR E 56 -41.17 9.14 29.53
N ILE E 57 -40.99 7.84 29.24
CA ILE E 57 -39.69 7.39 28.73
C ILE E 57 -39.48 7.78 27.28
N ALA E 58 -40.55 8.16 26.56
CA ALA E 58 -40.40 8.72 25.23
C ALA E 58 -40.31 10.24 25.24
N THR E 59 -40.23 10.83 26.43
CA THR E 59 -40.11 12.28 26.66
C THR E 59 -41.24 13.06 25.99
N VAL E 60 -42.47 12.56 26.13
CA VAL E 60 -43.64 13.28 25.65
C VAL E 60 -44.14 14.18 26.76
N GLY E 61 -44.44 13.56 27.90
CA GLY E 61 -44.76 14.32 29.11
C GLY E 61 -46.07 15.07 29.06
N TYR E 62 -47.20 14.36 29.11
CA TYR E 62 -48.49 15.04 29.08
C TYR E 62 -48.76 15.80 30.37
N GLY E 63 -48.27 15.30 31.50
CA GLY E 63 -48.43 15.99 32.75
C GLY E 63 -49.78 15.83 33.42
N ASP E 64 -50.71 15.10 32.82
CA ASP E 64 -51.99 14.84 33.45
C ASP E 64 -51.89 13.78 34.54
N TYR E 65 -50.77 13.07 34.61
CA TYR E 65 -50.53 12.05 35.62
C TYR E 65 -49.14 12.21 36.20
N SER E 66 -48.79 13.44 36.54
CA SER E 66 -47.50 13.76 37.14
C SER E 66 -47.41 13.15 38.55
N PRO E 67 -46.20 12.79 38.99
CA PRO E 67 -46.03 12.27 40.35
C PRO E 67 -46.33 13.32 41.40
N SER E 68 -47.21 12.95 42.34
CA SER E 68 -47.53 13.83 43.45
C SER E 68 -46.72 13.51 44.70
N THR E 69 -46.38 12.24 44.91
CA THR E 69 -45.56 11.85 46.04
C THR E 69 -44.10 12.14 45.75
N PRO E 70 -43.33 12.62 46.74
CA PRO E 70 -41.90 12.89 46.50
C PRO E 70 -41.08 11.63 46.30
N LEU E 71 -41.50 10.50 46.89
CA LEU E 71 -40.89 9.22 46.58
C LEU E 71 -41.14 8.85 45.12
N GLY E 72 -42.36 9.10 44.64
CA GLY E 72 -42.62 8.94 43.21
C GLY E 72 -41.87 9.93 42.35
N MET E 73 -41.53 11.10 42.90
CA MET E 73 -40.74 12.06 42.15
C MET E 73 -39.29 11.62 42.03
N TYR E 74 -38.73 11.05 43.09
CA TYR E 74 -37.40 10.44 43.00
C TYR E 74 -37.41 9.23 42.07
N PHE E 75 -38.50 8.46 42.08
CA PHE E 75 -38.64 7.37 41.12
C PHE E 75 -38.70 7.89 39.69
N THR E 76 -39.36 9.03 39.48
CA THR E 76 -39.44 9.62 38.16
C THR E 76 -38.08 10.12 37.68
N VAL E 77 -37.29 10.72 38.57
CA VAL E 77 -35.92 11.10 38.22
C VAL E 77 -35.08 9.88 37.88
N THR E 78 -35.24 8.79 38.65
CA THR E 78 -34.49 7.57 38.38
C THR E 78 -34.91 6.94 37.05
N LEU E 79 -36.21 6.95 36.76
CA LEU E 79 -36.72 6.42 35.49
C LEU E 79 -36.27 7.27 34.31
N ILE E 80 -36.15 8.59 34.52
CA ILE E 80 -35.64 9.46 33.47
C ILE E 80 -34.17 9.18 33.20
N VAL E 81 -33.38 8.96 34.25
CA VAL E 81 -31.96 8.62 34.08
C VAL E 81 -31.82 7.28 33.39
N LEU E 82 -32.65 6.30 33.75
CA LEU E 82 -32.62 4.99 33.09
C LEU E 82 -33.09 5.06 31.64
N GLY E 83 -34.05 5.96 31.33
CA GLY E 83 -34.51 6.09 29.96
C GLY E 83 -33.50 6.78 29.07
N ILE E 84 -32.84 7.82 29.58
CA ILE E 84 -31.77 8.46 28.84
C ILE E 84 -30.60 7.50 28.68
N GLY E 85 -30.34 6.67 29.69
CA GLY E 85 -29.29 5.67 29.57
C GLY E 85 -29.60 4.60 28.55
N THR E 86 -30.85 4.12 28.51
CA THR E 86 -31.18 3.08 27.54
C THR E 86 -31.31 3.65 26.12
N PHE E 87 -31.67 4.93 25.99
CA PHE E 87 -31.61 5.57 24.68
C PHE E 87 -30.17 5.77 24.22
N ALA E 88 -29.26 6.04 25.17
CA ALA E 88 -27.85 6.18 24.82
C ALA E 88 -27.25 4.84 24.42
N VAL E 89 -27.64 3.76 25.10
CA VAL E 89 -27.15 2.43 24.74
C VAL E 89 -27.74 1.98 23.40
N ALA E 90 -29.00 2.35 23.12
CA ALA E 90 -29.60 2.04 21.83
C ALA E 90 -28.92 2.83 20.70
N VAL E 91 -28.62 4.11 20.93
CA VAL E 91 -27.90 4.92 19.94
C VAL E 91 -26.49 4.38 19.74
N GLU E 92 -25.84 3.92 20.81
CA GLU E 92 -24.52 3.32 20.71
C GLU E 92 -24.54 2.04 19.88
N ARG E 93 -25.55 1.19 20.11
CA ARG E 93 -25.65 -0.06 19.36
C ARG E 93 -26.00 0.20 17.89
N LEU E 94 -26.83 1.21 17.63
CA LEU E 94 -27.20 1.54 16.26
C LEU E 94 -26.01 2.12 15.50
N LEU E 95 -25.24 3.01 16.13
CA LEU E 95 -24.05 3.55 15.48
C LEU E 95 -22.99 2.49 15.28
N GLU E 96 -22.85 1.56 16.23
CA GLU E 96 -21.89 0.47 16.10
C GLU E 96 -22.25 -0.44 14.93
N PHE E 97 -23.53 -0.83 14.85
CA PHE E 97 -24.00 -1.67 13.75
C PHE E 97 -23.87 -0.96 12.41
N LEU E 98 -24.22 0.33 12.35
CA LEU E 98 -24.20 1.04 11.08
C LEU E 98 -22.78 1.30 10.61
N ILE E 99 -21.87 1.61 11.52
CA ILE E 99 -20.47 1.84 11.15
C ILE E 99 -19.80 0.53 10.72
N ASN E 100 -20.06 -0.55 11.46
CA ASN E 100 -19.48 -1.84 11.11
C ASN E 100 -20.01 -2.37 9.78
N ARG E 101 -21.32 -2.22 9.54
CA ARG E 101 -21.91 -2.70 8.30
C ARG E 101 -21.61 -1.79 7.13
N GLU E 102 -21.37 -0.50 7.36
CA GLU E 102 -21.01 0.39 6.26
C GLU E 102 -19.55 0.30 5.89
N GLN E 103 -18.68 0.00 6.86
CA GLN E 103 -17.27 -0.21 6.55
C GLN E 103 -16.99 -1.63 6.05
N MET E 104 -17.84 -2.60 6.39
CA MET E 104 -17.73 -3.90 5.74
C MET E 104 -18.17 -3.83 4.28
N LYS E 105 -19.28 -3.11 4.02
CA LYS E 105 -19.85 -3.03 2.67
C LYS E 105 -18.94 -2.28 1.71
N LEU E 106 -18.16 -1.31 2.20
CA LEU E 106 -17.38 -0.47 1.31
C LEU E 106 -16.20 -1.23 0.74
N MET E 107 -15.58 -2.10 1.53
CA MET E 107 -14.44 -2.90 1.08
C MET E 107 -14.81 -4.34 0.75
N GLY E 108 -16.03 -4.57 0.26
CA GLY E 108 -16.41 -5.90 -0.22
C GLY E 108 -17.16 -6.68 0.84
N LEU E 109 -16.69 -7.90 1.11
CA LEU E 109 -16.96 -8.66 2.34
C LEU E 109 -18.44 -8.96 2.58
N ILE E 110 -19.28 -8.93 1.55
CA ILE E 110 -20.70 -9.27 1.69
C ILE E 110 -21.05 -10.33 0.64
N ASP E 111 -21.66 -11.42 1.11
CA ASP E 111 -22.09 -12.48 0.21
C ASP E 111 -23.22 -12.00 -0.70
N VAL E 112 -23.18 -12.44 -1.95
CA VAL E 112 -24.16 -12.01 -2.95
C VAL E 112 -25.46 -12.78 -2.74
N ALA E 113 -26.55 -12.05 -2.56
CA ALA E 113 -27.87 -12.65 -2.34
C ALA E 113 -28.77 -12.52 -3.57
N LYS E 114 -28.18 -12.37 -4.76
CA LYS E 114 -28.96 -12.29 -5.98
C LYS E 114 -29.09 -13.66 -6.64
N SER E 115 -29.91 -13.74 -7.68
CA SER E 115 -30.22 -15.03 -8.30
C SER E 115 -30.14 -15.02 -9.82
N ARG E 116 -29.98 -13.87 -10.47
CA ARG E 116 -29.80 -13.82 -11.91
C ARG E 116 -28.68 -12.86 -12.28
N HIS E 117 -27.64 -12.81 -11.48
CA HIS E 117 -26.55 -11.85 -11.67
C HIS E 117 -25.43 -12.45 -12.50
N VAL E 118 -24.51 -11.59 -12.91
CA VAL E 118 -23.36 -11.96 -13.73
C VAL E 118 -22.12 -11.68 -12.92
N VAL E 119 -21.40 -12.74 -12.56
CA VAL E 119 -20.14 -12.61 -11.83
C VAL E 119 -19.03 -12.40 -12.84
N ILE E 120 -18.16 -11.43 -12.58
CA ILE E 120 -17.01 -11.17 -13.42
C ILE E 120 -15.78 -11.36 -12.54
N CYS E 121 -15.10 -12.49 -12.72
CA CYS E 121 -13.89 -12.76 -11.96
C CYS E 121 -12.72 -12.00 -12.59
N GLY E 122 -12.08 -11.15 -11.80
CA GLY E 122 -11.00 -10.32 -12.30
C GLY E 122 -11.51 -9.07 -12.98
N TRP E 123 -10.57 -8.22 -13.37
CA TRP E 123 -10.91 -6.92 -13.93
C TRP E 123 -9.81 -6.47 -14.88
N SER E 124 -10.20 -6.12 -16.10
CA SER E 124 -9.30 -5.55 -17.08
C SER E 124 -10.12 -4.66 -18.00
N GLU E 125 -9.51 -4.23 -19.11
CA GLU E 125 -10.26 -3.44 -20.07
C GLU E 125 -11.26 -4.28 -20.86
N SER E 126 -11.05 -5.59 -20.94
CA SER E 126 -12.01 -6.46 -21.59
C SER E 126 -13.24 -6.71 -20.74
N THR E 127 -13.16 -6.46 -19.44
CA THR E 127 -14.32 -6.51 -18.56
C THR E 127 -14.83 -5.12 -18.22
N LEU E 128 -14.26 -4.07 -18.81
CA LEU E 128 -14.82 -2.73 -18.74
C LEU E 128 -15.65 -2.40 -19.97
N GLU E 129 -15.26 -2.92 -21.13
CA GLU E 129 -16.10 -2.85 -22.32
C GLU E 129 -17.22 -3.90 -22.31
N CYS E 130 -17.29 -4.72 -21.27
CA CYS E 130 -18.39 -5.64 -21.05
C CYS E 130 -19.51 -5.01 -20.24
N LEU E 131 -19.17 -4.11 -19.32
CA LEU E 131 -20.18 -3.46 -18.47
C LEU E 131 -21.04 -2.48 -19.24
N ARG E 132 -20.60 -2.03 -20.42
CA ARG E 132 -21.36 -1.07 -21.21
C ARG E 132 -22.57 -1.67 -21.88
N GLU E 133 -22.75 -2.99 -21.83
CA GLU E 133 -23.95 -3.64 -22.33
C GLU E 133 -24.66 -4.44 -21.23
N LEU E 134 -24.34 -4.17 -19.97
CA LEU E 134 -24.96 -4.85 -18.83
C LEU E 134 -25.47 -3.80 -17.85
N ARG E 135 -26.21 -4.26 -16.85
CA ARG E 135 -26.80 -3.37 -15.86
C ARG E 135 -25.81 -3.08 -14.74
N GLY E 136 -26.23 -2.23 -13.81
CA GLY E 136 -25.37 -1.80 -12.72
C GLY E 136 -25.39 -2.74 -11.54
N SER E 137 -26.58 -3.04 -11.02
CA SER E 137 -26.72 -3.96 -9.90
C SER E 137 -26.71 -5.43 -10.32
N GLU E 138 -26.56 -5.71 -11.61
CA GLU E 138 -26.55 -7.07 -12.12
C GLU E 138 -25.15 -7.69 -12.14
N VAL E 139 -24.10 -6.89 -12.02
CA VAL E 139 -22.73 -7.35 -12.20
C VAL E 139 -22.02 -7.28 -10.85
N PHE E 140 -21.45 -8.41 -10.43
CA PHE E 140 -20.67 -8.47 -9.19
C PHE E 140 -19.25 -8.89 -9.54
N VAL E 141 -18.33 -7.92 -9.54
CA VAL E 141 -16.94 -8.20 -9.85
C VAL E 141 -16.27 -8.85 -8.65
N LEU E 142 -15.68 -10.01 -8.87
CA LEU E 142 -15.02 -10.80 -7.82
C LEU E 142 -13.52 -10.67 -8.01
N ALA E 143 -12.91 -9.73 -7.28
CA ALA E 143 -11.48 -9.48 -7.38
C ALA E 143 -10.90 -9.40 -5.98
N GLU E 144 -9.58 -9.29 -5.91
CA GLU E 144 -8.86 -9.26 -4.64
C GLU E 144 -8.16 -7.94 -4.37
N ASP E 145 -7.63 -7.28 -5.39
CA ASP E 145 -6.84 -6.08 -5.20
C ASP E 145 -7.72 -4.90 -4.77
N GLU E 146 -7.07 -3.91 -4.15
CA GLU E 146 -7.78 -2.80 -3.52
C GLU E 146 -7.99 -1.63 -4.48
N ASN E 147 -7.06 -1.41 -5.40
CA ASN E 147 -7.25 -0.38 -6.41
C ASN E 147 -8.29 -0.78 -7.46
N VAL E 148 -8.59 -2.07 -7.56
CA VAL E 148 -9.67 -2.54 -8.42
C VAL E 148 -11.02 -2.09 -7.86
N ARG E 149 -11.13 -1.99 -6.53
CA ARG E 149 -12.38 -1.68 -5.87
C ARG E 149 -12.89 -0.29 -6.23
N LYS E 150 -11.99 0.68 -6.37
CA LYS E 150 -12.41 2.01 -6.80
C LYS E 150 -12.78 2.04 -8.27
N LYS E 151 -12.14 1.20 -9.10
CA LYS E 151 -12.44 1.15 -10.52
C LYS E 151 -13.80 0.53 -10.82
N VAL E 152 -14.29 -0.36 -9.95
CA VAL E 152 -15.57 -1.02 -10.19
C VAL E 152 -16.73 -0.09 -9.83
N LEU E 153 -16.62 0.60 -8.69
CA LEU E 153 -17.73 1.41 -8.19
C LEU E 153 -17.94 2.67 -9.03
N ARG E 154 -16.89 3.18 -9.68
CA ARG E 154 -17.08 4.25 -10.65
C ARG E 154 -17.81 3.76 -11.89
N SER E 155 -17.66 2.47 -12.21
CA SER E 155 -18.26 1.90 -13.40
C SER E 155 -19.70 1.46 -13.19
N GLY E 156 -20.20 1.50 -11.96
CA GLY E 156 -21.58 1.18 -11.68
C GLY E 156 -21.85 -0.23 -11.22
N ALA E 157 -20.88 -1.13 -11.32
CA ALA E 157 -21.05 -2.49 -10.85
C ALA E 157 -20.77 -2.56 -9.35
N ASN E 158 -20.90 -3.75 -8.79
CA ASN E 158 -20.64 -3.98 -7.36
C ASN E 158 -19.40 -4.84 -7.22
N PHE E 159 -18.68 -4.62 -6.12
CA PHE E 159 -17.41 -5.28 -5.87
C PHE E 159 -17.55 -6.28 -4.72
N VAL E 160 -17.02 -7.48 -4.93
CA VAL E 160 -17.01 -8.53 -3.91
C VAL E 160 -15.55 -8.91 -3.68
N HIS E 161 -15.05 -8.66 -2.47
CA HIS E 161 -13.66 -8.95 -2.15
C HIS E 161 -13.49 -10.44 -1.92
N GLY E 162 -12.62 -11.06 -2.70
CA GLY E 162 -12.37 -12.48 -2.57
C GLY E 162 -11.33 -12.94 -3.56
N ASP E 163 -10.77 -14.11 -3.28
CA ASP E 163 -9.80 -14.73 -4.17
C ASP E 163 -10.55 -15.59 -5.18
N PRO E 164 -10.61 -15.18 -6.46
CA PRO E 164 -11.43 -15.91 -7.44
C PRO E 164 -10.88 -17.26 -7.84
N THR E 165 -9.64 -17.59 -7.46
CA THR E 165 -9.12 -18.93 -7.68
C THR E 165 -9.53 -19.89 -6.58
N ARG E 166 -10.09 -19.38 -5.48
CA ARG E 166 -10.51 -20.21 -4.36
C ARG E 166 -11.98 -20.58 -4.51
N VAL E 167 -12.30 -21.85 -4.27
CA VAL E 167 -13.67 -22.32 -4.34
C VAL E 167 -14.52 -21.68 -3.24
N SER E 168 -13.93 -21.46 -2.06
CA SER E 168 -14.65 -20.88 -0.94
C SER E 168 -15.04 -19.42 -1.18
N ASP E 169 -14.28 -18.71 -2.00
CA ASP E 169 -14.59 -17.32 -2.30
C ASP E 169 -15.44 -17.15 -3.56
N LEU E 170 -15.56 -18.20 -4.37
CA LEU E 170 -16.52 -18.16 -5.47
C LEU E 170 -17.94 -18.36 -4.97
N GLU E 171 -18.11 -19.04 -3.83
CA GLU E 171 -19.42 -19.20 -3.23
C GLU E 171 -19.92 -17.93 -2.55
N LYS E 172 -19.03 -16.98 -2.26
CA LYS E 172 -19.47 -15.69 -1.75
C LYS E 172 -20.21 -14.90 -2.82
N ALA E 173 -19.82 -15.04 -4.08
CA ALA E 173 -20.43 -14.31 -5.18
C ALA E 173 -21.70 -14.97 -5.71
N ASN E 174 -22.18 -16.03 -5.04
CA ASN E 174 -23.36 -16.82 -5.43
C ASN E 174 -23.20 -17.35 -6.85
N VAL E 175 -22.07 -18.01 -7.10
CA VAL E 175 -21.79 -18.57 -8.41
C VAL E 175 -22.64 -19.80 -8.70
N ARG E 176 -23.28 -20.38 -7.67
CA ARG E 176 -24.13 -21.55 -7.89
C ARG E 176 -25.41 -21.19 -8.63
N GLY E 177 -25.95 -20.00 -8.38
CA GLY E 177 -27.14 -19.56 -9.06
C GLY E 177 -26.90 -18.32 -9.90
N ALA E 178 -25.74 -18.26 -10.55
CA ALA E 178 -25.40 -17.15 -11.42
C ALA E 178 -25.96 -17.37 -12.82
N ARG E 179 -26.03 -16.29 -13.58
CA ARG E 179 -26.57 -16.32 -14.93
C ARG E 179 -25.50 -16.65 -15.96
N ALA E 180 -24.36 -15.96 -15.89
CA ALA E 180 -23.17 -16.30 -16.64
C ALA E 180 -21.98 -15.73 -15.90
N VAL E 181 -20.86 -16.44 -15.94
CA VAL E 181 -19.66 -16.06 -15.20
C VAL E 181 -18.57 -15.73 -16.21
N ILE E 182 -17.98 -14.55 -16.09
CA ILE E 182 -16.97 -14.08 -17.02
C ILE E 182 -15.64 -14.07 -16.31
N VAL E 183 -14.68 -14.81 -16.84
CA VAL E 183 -13.38 -15.02 -16.21
C VAL E 183 -12.31 -14.31 -17.03
N ASP E 184 -11.68 -13.31 -16.44
CA ASP E 184 -10.50 -12.66 -17.03
C ASP E 184 -9.60 -12.32 -15.84
N LEU E 185 -8.70 -13.23 -15.52
CA LEU E 185 -7.78 -13.05 -14.41
C LEU E 185 -6.46 -12.51 -14.92
N GLU E 186 -5.44 -12.53 -14.06
CA GLU E 186 -4.15 -11.91 -14.38
C GLU E 186 -3.41 -12.68 -15.47
N SER E 187 -3.41 -14.01 -15.41
CA SER E 187 -2.71 -14.82 -16.38
C SER E 187 -3.56 -16.04 -16.70
N ASP E 188 -3.07 -16.86 -17.64
CA ASP E 188 -3.76 -18.09 -18.00
C ASP E 188 -3.66 -19.15 -16.91
N SER E 189 -2.68 -19.04 -16.02
CA SER E 189 -2.51 -20.03 -14.96
C SER E 189 -3.65 -19.96 -13.94
N GLU E 190 -4.20 -18.77 -13.73
CA GLU E 190 -5.30 -18.62 -12.78
C GLU E 190 -6.67 -18.68 -13.44
N THR E 191 -6.76 -18.39 -14.74
CA THR E 191 -8.02 -18.55 -15.47
C THR E 191 -8.42 -20.02 -15.55
N ILE E 192 -7.45 -20.92 -15.72
CA ILE E 192 -7.72 -22.36 -15.68
C ILE E 192 -8.18 -22.75 -14.28
N HIS E 193 -7.54 -22.21 -13.25
CA HIS E 193 -7.93 -22.53 -11.88
C HIS E 193 -9.25 -21.90 -11.48
N CYS E 194 -9.69 -20.85 -12.18
CA CYS E 194 -10.99 -20.28 -11.86
C CYS E 194 -12.11 -21.08 -12.49
N ILE E 195 -11.91 -21.57 -13.72
CA ILE E 195 -12.92 -22.40 -14.37
C ILE E 195 -13.03 -23.75 -13.66
N LEU E 196 -11.90 -24.30 -13.22
CA LEU E 196 -11.91 -25.55 -12.47
C LEU E 196 -12.55 -25.40 -11.11
N GLY E 197 -12.59 -24.19 -10.55
CA GLY E 197 -13.27 -23.97 -9.29
C GLY E 197 -14.76 -23.77 -9.46
N ILE E 198 -15.19 -23.16 -10.56
CA ILE E 198 -16.62 -22.97 -10.80
C ILE E 198 -17.26 -24.30 -11.21
N ARG E 199 -16.56 -25.08 -12.03
CA ARG E 199 -17.09 -26.36 -12.48
C ARG E 199 -17.17 -27.40 -11.37
N LYS E 200 -16.39 -27.22 -10.30
CA LYS E 200 -16.60 -28.02 -9.10
C LYS E 200 -17.91 -27.63 -8.41
N ILE E 201 -18.26 -26.36 -8.46
CA ILE E 201 -19.46 -25.87 -7.77
C ILE E 201 -20.72 -26.22 -8.55
N ASP E 202 -20.77 -25.84 -9.82
CA ASP E 202 -21.86 -26.27 -10.69
C ASP E 202 -21.34 -26.56 -12.10
N GLU E 203 -21.92 -27.57 -12.73
CA GLU E 203 -21.53 -27.96 -14.07
C GLU E 203 -22.47 -27.44 -15.15
N SER E 204 -23.28 -26.43 -14.83
CA SER E 204 -24.30 -25.96 -15.77
C SER E 204 -24.23 -24.47 -16.08
N VAL E 205 -23.58 -23.66 -15.24
CA VAL E 205 -23.53 -22.23 -15.48
C VAL E 205 -22.59 -21.93 -16.65
N ARG E 206 -22.90 -20.87 -17.39
CA ARG E 206 -22.12 -20.50 -18.56
C ARG E 206 -20.86 -19.77 -18.13
N ILE E 207 -19.70 -20.29 -18.53
CA ILE E 207 -18.42 -19.67 -18.23
C ILE E 207 -17.85 -19.13 -19.53
N ILE E 208 -17.56 -17.83 -19.55
CA ILE E 208 -16.98 -17.14 -20.69
C ILE E 208 -15.60 -16.67 -20.24
N ALA E 209 -14.55 -17.21 -20.84
CA ALA E 209 -13.20 -17.01 -20.34
C ALA E 209 -12.31 -16.38 -21.40
N GLU E 210 -11.38 -15.54 -20.94
CA GLU E 210 -10.41 -14.92 -21.82
C GLU E 210 -9.10 -15.70 -21.78
N ALA E 211 -8.69 -16.21 -22.93
CA ALA E 211 -7.41 -16.90 -23.05
C ALA E 211 -6.34 -15.93 -23.52
N GLU E 212 -5.24 -15.84 -22.77
CA GLU E 212 -4.15 -14.97 -23.16
C GLU E 212 -3.26 -15.61 -24.21
N ARG E 213 -2.74 -16.80 -23.93
CA ARG E 213 -1.88 -17.49 -24.89
C ARG E 213 -2.73 -18.35 -25.82
N TYR E 214 -2.11 -18.75 -26.95
CA TYR E 214 -2.81 -19.60 -27.91
C TYR E 214 -2.86 -21.04 -27.45
N GLU E 215 -1.82 -21.51 -26.76
CA GLU E 215 -1.74 -22.89 -26.31
C GLU E 215 -2.71 -23.22 -25.19
N ASN E 216 -3.32 -22.21 -24.56
CA ASN E 216 -4.25 -22.42 -23.47
C ASN E 216 -5.70 -22.33 -23.91
N ILE E 217 -5.97 -22.19 -25.20
CA ILE E 217 -7.34 -22.22 -25.68
C ILE E 217 -7.92 -23.62 -25.55
N GLU E 218 -7.11 -24.63 -25.85
CA GLU E 218 -7.53 -26.01 -25.65
C GLU E 218 -7.55 -26.41 -24.18
N GLN E 219 -6.92 -25.63 -23.30
CA GLN E 219 -6.90 -25.95 -21.87
C GLN E 219 -8.10 -25.35 -21.13
N LEU E 220 -8.63 -24.23 -21.61
CA LEU E 220 -9.85 -23.69 -20.99
C LEU E 220 -11.06 -24.54 -21.32
N ARG E 221 -11.09 -25.14 -22.51
CA ARG E 221 -12.24 -25.94 -22.91
C ARG E 221 -12.26 -27.30 -22.22
N MET E 222 -11.09 -27.83 -21.85
CA MET E 222 -11.05 -29.04 -21.03
C MET E 222 -11.32 -28.73 -19.57
N ALA E 223 -11.16 -27.48 -19.15
CA ALA E 223 -11.48 -27.09 -17.79
C ALA E 223 -12.97 -26.88 -17.59
N GLY E 224 -13.69 -26.54 -18.66
CA GLY E 224 -15.13 -26.40 -18.57
C GLY E 224 -15.67 -25.08 -19.06
N ALA E 225 -14.88 -24.35 -19.85
CA ALA E 225 -15.33 -23.07 -20.38
C ALA E 225 -16.30 -23.30 -21.54
N ASP E 226 -17.42 -22.57 -21.53
CA ASP E 226 -18.39 -22.69 -22.61
C ASP E 226 -17.95 -21.88 -23.82
N GLN E 227 -17.41 -20.69 -23.61
CA GLN E 227 -16.90 -19.87 -24.69
C GLN E 227 -15.53 -19.33 -24.33
N VAL E 228 -14.55 -19.56 -25.19
CA VAL E 228 -13.20 -19.06 -25.02
C VAL E 228 -12.98 -17.94 -26.02
N ILE E 229 -12.65 -16.75 -25.52
CA ILE E 229 -12.36 -15.59 -26.35
C ILE E 229 -10.89 -15.28 -26.17
N SER E 230 -10.12 -15.35 -27.26
CA SER E 230 -8.67 -15.15 -27.19
C SER E 230 -8.30 -13.90 -27.98
N PRO E 231 -8.24 -12.74 -27.33
CA PRO E 231 -7.96 -11.51 -28.07
C PRO E 231 -6.48 -11.29 -28.36
N PHE E 232 -5.58 -11.91 -27.61
CA PHE E 232 -4.16 -11.78 -27.89
C PHE E 232 -3.71 -12.66 -29.04
N VAL E 233 -4.52 -13.64 -29.42
CA VAL E 233 -4.23 -14.46 -30.59
C VAL E 233 -4.87 -13.87 -31.84
N ILE E 234 -6.01 -13.18 -31.68
CA ILE E 234 -6.61 -12.45 -32.79
C ILE E 234 -5.69 -11.34 -33.26
N SER E 235 -5.28 -10.46 -32.34
CA SER E 235 -4.35 -9.40 -32.68
C SER E 235 -2.94 -9.90 -32.94
N GLY E 236 -2.60 -11.11 -32.49
CA GLY E 236 -1.33 -11.68 -32.87
C GLY E 236 -1.27 -12.02 -34.34
N ARG E 237 -2.39 -12.47 -34.91
CA ARG E 237 -2.46 -12.76 -36.33
C ARG E 237 -2.89 -11.56 -37.15
N LEU E 238 -3.60 -10.60 -36.57
CA LEU E 238 -3.98 -9.41 -37.32
C LEU E 238 -2.84 -8.43 -37.48
N MET E 239 -1.84 -8.48 -36.60
CA MET E 239 -0.65 -7.65 -36.78
C MET E 239 0.30 -8.28 -37.79
N SER E 240 0.41 -9.60 -37.77
CA SER E 240 1.31 -10.33 -38.65
C SER E 240 0.74 -10.55 -40.05
N ARG E 241 -0.42 -9.97 -40.35
CA ARG E 241 -0.98 -9.97 -41.69
C ARG E 241 -1.30 -8.58 -42.17
N SER E 242 -1.10 -7.56 -41.35
CA SER E 242 -1.31 -6.17 -41.74
C SER E 242 -0.01 -5.45 -42.07
N ILE E 243 1.10 -6.17 -42.10
CA ILE E 243 2.37 -5.56 -42.46
C ILE E 243 2.40 -5.25 -43.95
N ASP E 244 1.91 -6.17 -44.77
CA ASP E 244 1.89 -5.94 -46.21
C ASP E 244 0.73 -5.04 -46.62
N ASP E 245 -0.50 -5.51 -46.43
CA ASP E 245 -1.68 -4.85 -46.99
C ASP E 245 -2.68 -4.41 -45.92
N GLY E 246 -3.06 -5.30 -45.02
CA GLY E 246 -3.96 -4.94 -43.94
C GLY E 246 -5.40 -4.69 -44.31
N TYR E 247 -6.00 -5.63 -45.05
CA TYR E 247 -7.43 -5.57 -45.30
C TYR E 247 -8.23 -6.49 -44.38
N GLU E 248 -7.59 -7.52 -43.82
CA GLU E 248 -8.28 -8.38 -42.86
C GLU E 248 -8.55 -7.65 -41.56
N ALA E 249 -7.59 -6.85 -41.09
CA ALA E 249 -7.79 -6.04 -39.91
C ALA E 249 -8.61 -4.79 -40.18
N MET E 250 -8.92 -4.48 -41.44
CA MET E 250 -9.83 -3.38 -41.72
C MET E 250 -11.28 -3.83 -41.64
N PHE E 251 -11.54 -5.13 -41.79
CA PHE E 251 -12.89 -5.65 -41.61
C PHE E 251 -13.19 -5.91 -40.15
N VAL E 252 -12.23 -6.47 -39.41
CA VAL E 252 -12.44 -6.82 -38.02
C VAL E 252 -12.60 -5.56 -37.16
N GLN E 253 -11.87 -4.51 -37.51
CA GLN E 253 -11.98 -3.26 -36.76
C GLN E 253 -13.26 -2.49 -37.10
N ASP E 254 -13.79 -2.67 -38.31
CA ASP E 254 -14.97 -1.93 -38.73
C ASP E 254 -16.27 -2.67 -38.46
N VAL E 255 -16.22 -3.95 -38.08
CA VAL E 255 -17.41 -4.75 -37.84
C VAL E 255 -17.47 -5.26 -36.42
N LEU E 256 -16.37 -5.79 -35.89
CA LEU E 256 -16.38 -6.39 -34.57
C LEU E 256 -16.04 -5.40 -33.47
N ALA E 257 -15.21 -4.40 -33.72
CA ALA E 257 -14.74 -3.49 -32.69
C ALA E 257 -15.58 -2.21 -32.62
N GLU E 258 -15.62 -1.45 -33.70
CA GLU E 258 -16.27 -0.14 -33.69
C GLU E 258 -17.71 -0.17 -34.16
N GLU E 259 -18.04 -1.07 -35.10
CA GLU E 259 -19.35 -1.17 -35.76
C GLU E 259 -19.74 0.16 -36.40
N SER E 260 -18.84 0.68 -37.24
CA SER E 260 -19.04 1.99 -37.85
C SER E 260 -20.07 1.90 -38.98
N THR E 261 -19.80 1.06 -39.99
CA THR E 261 -20.71 0.88 -41.10
C THR E 261 -21.58 -0.35 -40.97
N ARG E 262 -21.00 -1.52 -40.75
CA ARG E 262 -21.73 -2.77 -40.60
C ARG E 262 -21.70 -3.21 -39.16
N ARG E 263 -22.33 -4.34 -38.89
CA ARG E 263 -22.37 -4.91 -37.54
C ARG E 263 -22.70 -6.39 -37.66
N MET E 264 -21.88 -7.23 -37.03
CA MET E 264 -22.14 -8.67 -37.02
C MET E 264 -23.22 -8.94 -36.00
N VAL E 265 -24.42 -9.25 -36.48
CA VAL E 265 -25.59 -9.41 -35.62
C VAL E 265 -26.05 -10.85 -35.71
N GLU E 266 -26.72 -11.31 -34.65
CA GLU E 266 -27.31 -12.64 -34.61
C GLU E 266 -28.79 -12.51 -34.28
N VAL E 267 -29.63 -13.16 -35.09
CA VAL E 267 -31.07 -13.08 -34.91
C VAL E 267 -31.65 -14.49 -34.88
N PRO E 268 -32.50 -14.82 -33.92
CA PRO E 268 -33.15 -16.14 -33.92
C PRO E 268 -34.39 -16.14 -34.80
N ILE E 269 -34.78 -17.35 -35.21
CA ILE E 269 -35.98 -17.55 -36.01
C ILE E 269 -37.11 -17.94 -35.05
N PRO E 270 -38.11 -17.09 -34.84
CA PRO E 270 -39.19 -17.41 -33.90
C PRO E 270 -40.17 -18.40 -34.49
N GLU E 271 -41.21 -18.71 -33.70
CA GLU E 271 -42.15 -19.75 -34.09
C GLU E 271 -43.09 -19.26 -35.19
N GLY E 272 -43.33 -20.11 -36.18
CA GLY E 272 -44.07 -19.71 -37.36
C GLY E 272 -43.15 -18.98 -38.30
N SER E 273 -43.30 -17.66 -38.35
CA SER E 273 -42.32 -16.68 -38.86
C SER E 273 -42.03 -16.80 -40.35
N LYS E 274 -42.86 -17.54 -41.11
CA LYS E 274 -42.94 -17.52 -42.58
C LYS E 274 -41.71 -18.12 -43.27
N LEU E 275 -40.69 -18.46 -42.48
CA LEU E 275 -39.45 -19.06 -42.98
C LEU E 275 -39.11 -20.47 -42.43
N GLU E 276 -40.02 -21.09 -41.68
CA GLU E 276 -39.74 -22.40 -41.10
C GLU E 276 -39.84 -23.47 -42.18
N GLY E 277 -38.84 -24.35 -42.22
CA GLY E 277 -38.83 -25.48 -43.13
C GLY E 277 -38.28 -25.18 -44.52
N VAL E 278 -38.15 -23.91 -44.89
CA VAL E 278 -37.71 -23.57 -46.24
C VAL E 278 -36.19 -23.70 -46.33
N SER E 279 -35.69 -24.01 -47.52
CA SER E 279 -34.26 -24.05 -47.76
C SER E 279 -33.71 -22.63 -47.90
N VAL E 280 -32.38 -22.52 -47.89
CA VAL E 280 -31.75 -21.21 -47.95
C VAL E 280 -31.83 -20.59 -49.35
N LEU E 281 -31.97 -21.41 -50.38
CA LEU E 281 -32.07 -20.86 -51.73
C LEU E 281 -33.44 -20.28 -52.03
N ASP E 282 -34.50 -20.91 -51.53
CA ASP E 282 -35.84 -20.34 -51.66
C ASP E 282 -36.11 -19.28 -50.60
N ALA E 283 -35.35 -19.25 -49.51
CA ALA E 283 -35.46 -18.15 -48.57
C ALA E 283 -34.75 -16.90 -49.11
N ASP E 284 -33.51 -17.09 -49.60
CA ASP E 284 -32.76 -16.09 -50.36
C ASP E 284 -32.51 -14.82 -49.54
N ILE E 285 -31.79 -14.98 -48.43
CA ILE E 285 -31.71 -13.93 -47.42
C ILE E 285 -30.83 -12.77 -47.89
N HIS E 286 -29.77 -13.04 -48.64
CA HIS E 286 -28.81 -11.98 -48.96
C HIS E 286 -29.36 -11.04 -50.03
N ASP E 287 -29.98 -11.58 -51.08
CA ASP E 287 -30.38 -10.77 -52.22
C ASP E 287 -31.72 -10.05 -52.02
N VAL E 288 -32.44 -10.31 -50.92
CA VAL E 288 -33.66 -9.55 -50.65
C VAL E 288 -33.47 -8.58 -49.49
N THR E 289 -32.47 -8.79 -48.64
CA THR E 289 -32.26 -7.97 -47.45
C THR E 289 -30.94 -7.21 -47.47
N GLY E 290 -29.82 -7.89 -47.69
CA GLY E 290 -28.54 -7.21 -47.77
C GLY E 290 -27.56 -7.66 -46.71
N VAL E 291 -27.92 -8.67 -45.92
CA VAL E 291 -27.04 -9.22 -44.91
C VAL E 291 -26.33 -10.44 -45.48
N ILE E 292 -25.06 -10.61 -45.13
CA ILE E 292 -24.30 -11.79 -45.51
C ILE E 292 -24.50 -12.85 -44.44
N ILE E 293 -25.13 -13.96 -44.81
CA ILE E 293 -25.42 -15.01 -43.84
C ILE E 293 -24.16 -15.84 -43.64
N ILE E 294 -23.50 -15.62 -42.50
CA ILE E 294 -22.26 -16.35 -42.22
C ILE E 294 -22.56 -17.79 -41.84
N GLY E 295 -23.42 -17.98 -40.85
CA GLY E 295 -23.75 -19.32 -40.40
C GLY E 295 -24.94 -19.32 -39.47
N VAL E 296 -25.55 -20.49 -39.32
CA VAL E 296 -26.74 -20.67 -38.50
C VAL E 296 -26.35 -21.36 -37.20
N GLY E 297 -27.12 -21.06 -36.16
CA GLY E 297 -26.85 -21.60 -34.84
C GLY E 297 -27.68 -22.82 -34.48
N ARG E 298 -27.49 -23.92 -35.21
CA ARG E 298 -28.28 -25.13 -34.98
C ARG E 298 -27.70 -25.87 -33.77
N GLY E 299 -28.24 -25.57 -32.60
CA GLY E 299 -28.03 -26.35 -31.39
C GLY E 299 -26.60 -26.45 -30.88
N ASP E 300 -26.06 -25.33 -30.37
CA ASP E 300 -24.73 -25.24 -29.76
C ASP E 300 -23.62 -25.60 -30.77
N GLU E 301 -23.89 -25.36 -32.05
CA GLU E 301 -22.92 -25.63 -33.11
C GLU E 301 -23.19 -24.69 -34.27
N LEU E 302 -22.16 -23.96 -34.67
CA LEU E 302 -22.27 -22.97 -35.74
C LEU E 302 -21.84 -23.61 -37.06
N ILE E 303 -22.78 -23.73 -38.00
CA ILE E 303 -22.49 -24.29 -39.31
C ILE E 303 -22.17 -23.12 -40.24
N ILE E 304 -20.88 -22.81 -40.38
CA ILE E 304 -20.46 -21.70 -41.22
C ILE E 304 -20.58 -22.12 -42.69
N ASP E 305 -21.14 -21.22 -43.52
CA ASP E 305 -21.47 -21.41 -44.93
C ASP E 305 -22.37 -22.64 -45.09
N PRO E 306 -23.65 -22.54 -44.75
CA PRO E 306 -24.51 -23.73 -44.81
C PRO E 306 -24.77 -24.13 -46.25
N PRO E 307 -24.99 -25.41 -46.51
CA PRO E 307 -25.23 -25.87 -47.89
C PRO E 307 -26.59 -25.43 -48.40
N ARG E 308 -26.78 -25.62 -49.70
CA ARG E 308 -27.97 -25.13 -50.38
C ARG E 308 -29.23 -25.87 -49.96
N ASP E 309 -29.10 -27.15 -49.60
CA ASP E 309 -30.24 -27.95 -49.20
C ASP E 309 -30.54 -27.85 -47.70
N TYR E 310 -29.93 -26.90 -47.00
CA TYR E 310 -30.18 -26.74 -45.58
C TYR E 310 -31.55 -26.12 -45.35
N SER E 311 -32.44 -26.87 -44.72
CA SER E 311 -33.76 -26.39 -44.37
C SER E 311 -33.72 -25.74 -42.99
N PHE E 312 -34.39 -24.60 -42.85
CA PHE E 312 -34.41 -23.89 -41.59
C PHE E 312 -35.27 -24.62 -40.57
N ARG E 313 -34.98 -24.39 -39.29
CA ARG E 313 -35.74 -24.93 -38.18
C ARG E 313 -36.18 -23.79 -37.27
N ALA E 314 -36.98 -24.13 -36.26
CA ALA E 314 -37.41 -23.16 -35.27
C ALA E 314 -36.36 -23.03 -34.19
N GLY E 315 -36.03 -21.79 -33.83
CA GLY E 315 -35.02 -21.53 -32.82
C GLY E 315 -33.60 -21.46 -33.33
N ASP E 316 -33.39 -21.65 -34.63
CA ASP E 316 -32.06 -21.50 -35.20
C ASP E 316 -31.66 -20.03 -35.25
N ILE E 317 -30.48 -19.73 -34.71
CA ILE E 317 -29.98 -18.37 -34.65
C ILE E 317 -29.13 -18.11 -35.90
N ILE E 318 -29.53 -17.13 -36.68
CA ILE E 318 -28.82 -16.79 -37.92
C ILE E 318 -27.85 -15.66 -37.61
N LEU E 319 -26.57 -15.89 -37.90
CA LEU E 319 -25.51 -14.92 -37.67
C LEU E 319 -25.19 -14.21 -38.98
N GLY E 320 -25.30 -12.90 -38.99
CA GLY E 320 -25.09 -12.15 -40.21
C GLY E 320 -24.52 -10.77 -39.95
N ILE E 321 -23.64 -10.34 -40.87
CA ILE E 321 -23.11 -8.98 -40.86
C ILE E 321 -23.96 -8.13 -41.77
N GLY E 322 -23.88 -6.82 -41.59
CA GLY E 322 -24.66 -5.90 -42.41
C GLY E 322 -24.89 -4.60 -41.69
N LYS E 323 -25.40 -3.64 -42.47
CA LYS E 323 -25.71 -2.31 -41.94
C LYS E 323 -26.86 -2.41 -40.94
N PRO E 324 -26.97 -1.46 -40.01
CA PRO E 324 -28.12 -1.47 -39.08
C PRO E 324 -29.46 -1.16 -39.73
N GLU E 325 -29.49 -0.73 -41.00
CA GLU E 325 -30.72 -0.67 -41.75
C GLU E 325 -31.08 -2.04 -42.33
N GLU E 326 -30.07 -2.84 -42.67
CA GLU E 326 -30.29 -4.18 -43.20
C GLU E 326 -30.64 -5.20 -42.12
N ILE E 327 -30.58 -4.82 -40.85
CA ILE E 327 -31.05 -5.69 -39.78
C ILE E 327 -32.54 -5.47 -39.51
N GLU E 328 -33.01 -4.22 -39.61
CA GLU E 328 -34.43 -3.94 -39.52
C GLU E 328 -35.19 -4.52 -40.71
N ARG E 329 -34.55 -4.58 -41.88
CA ARG E 329 -35.13 -5.31 -43.00
C ARG E 329 -35.00 -6.81 -42.82
N LEU E 330 -34.07 -7.27 -41.97
CA LEU E 330 -33.93 -8.69 -41.69
C LEU E 330 -34.91 -9.15 -40.62
N LYS E 331 -35.05 -8.37 -39.53
CA LYS E 331 -35.95 -8.76 -38.46
C LYS E 331 -37.42 -8.56 -38.81
N ASN E 332 -37.73 -8.02 -39.99
CA ASN E 332 -39.09 -8.04 -40.52
C ASN E 332 -39.28 -9.17 -41.52
N TYR E 333 -38.25 -9.47 -42.32
CA TYR E 333 -38.33 -10.60 -43.25
C TYR E 333 -38.23 -11.93 -42.52
N ILE E 334 -37.60 -11.97 -41.34
CA ILE E 334 -37.51 -13.20 -40.57
C ILE E 334 -38.74 -13.44 -39.71
N SER E 335 -39.62 -12.45 -39.57
CA SER E 335 -40.76 -12.54 -38.67
C SER E 335 -42.07 -12.54 -39.45
N ALA E 336 -43.15 -12.90 -38.74
CA ALA E 336 -44.49 -12.86 -39.28
C ALA E 336 -45.51 -12.74 -38.15
N SER F 115 15.03 -2.20 -45.82
CA SER F 115 13.59 -1.91 -45.84
C SER F 115 12.79 -3.19 -45.72
N ARG F 116 13.40 -4.22 -45.12
CA ARG F 116 12.72 -5.50 -44.93
C ARG F 116 12.69 -5.90 -43.45
N HIS F 117 12.97 -4.98 -42.55
CA HIS F 117 12.93 -5.27 -41.13
C HIS F 117 11.69 -4.67 -40.50
N VAL F 118 11.17 -5.35 -39.48
CA VAL F 118 9.90 -5.01 -38.85
C VAL F 118 10.18 -4.69 -37.39
N VAL F 119 10.16 -3.40 -37.05
CA VAL F 119 10.40 -2.96 -35.68
C VAL F 119 9.13 -3.20 -34.86
N ILE F 120 9.30 -3.76 -33.66
CA ILE F 120 8.20 -3.95 -32.73
C ILE F 120 8.50 -3.11 -31.49
N CYS F 121 7.58 -2.23 -31.13
CA CYS F 121 7.72 -1.41 -29.94
C CYS F 121 6.94 -2.05 -28.80
N GLY F 122 7.64 -2.42 -27.74
CA GLY F 122 7.01 -3.08 -26.62
C GLY F 122 6.94 -4.58 -26.80
N TRP F 123 6.35 -5.24 -25.81
CA TRP F 123 6.27 -6.69 -25.82
C TRP F 123 5.07 -7.13 -24.99
N SER F 124 4.18 -7.89 -25.61
CA SER F 124 3.07 -8.54 -24.93
C SER F 124 2.88 -9.90 -25.55
N GLU F 125 1.75 -10.55 -25.24
CA GLU F 125 1.45 -11.84 -25.85
C GLU F 125 1.03 -11.67 -27.31
N SER F 126 0.45 -10.53 -27.66
CA SER F 126 0.06 -10.28 -29.04
C SER F 126 1.26 -10.09 -29.96
N THR F 127 2.43 -9.75 -29.42
CA THR F 127 3.65 -9.72 -30.22
C THR F 127 4.34 -11.07 -30.25
N LEU F 128 4.11 -11.93 -29.27
CA LEU F 128 4.67 -13.28 -29.32
C LEU F 128 3.95 -14.11 -30.37
N GLU F 129 2.65 -13.89 -30.55
CA GLU F 129 1.92 -14.56 -31.62
C GLU F 129 2.16 -13.90 -32.97
N CYS F 130 2.69 -12.68 -32.98
CA CYS F 130 3.04 -12.05 -34.24
C CYS F 130 4.33 -12.63 -34.81
N LEU F 131 5.20 -13.15 -33.95
CA LEU F 131 6.47 -13.71 -34.38
C LEU F 131 6.36 -15.12 -34.92
N ARG F 132 5.18 -15.74 -34.86
CA ARG F 132 5.06 -17.12 -35.32
C ARG F 132 5.06 -17.24 -36.83
N GLU F 133 4.72 -16.16 -37.54
CA GLU F 133 4.73 -16.15 -39.00
C GLU F 133 5.51 -14.97 -39.56
N LEU F 134 6.53 -14.52 -38.82
CA LEU F 134 7.54 -13.62 -39.33
C LEU F 134 8.90 -14.26 -39.12
N ARG F 135 9.85 -13.92 -39.99
CA ARG F 135 11.19 -14.47 -39.89
C ARG F 135 11.90 -13.95 -38.64
N GLY F 136 12.81 -14.76 -38.11
CA GLY F 136 13.42 -14.46 -36.83
C GLY F 136 14.73 -13.72 -36.89
N SER F 137 14.98 -13.02 -37.99
CA SER F 137 16.20 -12.23 -38.14
C SER F 137 15.93 -10.79 -38.54
N GLU F 138 14.67 -10.39 -38.69
CA GLU F 138 14.32 -9.06 -39.17
C GLU F 138 13.41 -8.32 -38.20
N VAL F 139 13.34 -8.73 -36.94
CA VAL F 139 12.43 -8.14 -35.96
C VAL F 139 13.26 -7.50 -34.87
N PHE F 140 13.06 -6.20 -34.65
CA PHE F 140 13.77 -5.44 -33.63
C PHE F 140 12.77 -5.06 -32.54
N VAL F 141 12.68 -5.89 -31.51
CA VAL F 141 11.80 -5.61 -30.37
C VAL F 141 12.46 -4.54 -29.51
N LEU F 142 11.79 -3.41 -29.35
CA LEU F 142 12.31 -2.26 -28.61
C LEU F 142 11.47 -2.08 -27.36
N ALA F 143 12.02 -2.51 -26.22
CA ALA F 143 11.33 -2.42 -24.94
C ALA F 143 12.28 -1.84 -23.90
N GLU F 144 11.69 -1.28 -22.85
CA GLU F 144 12.48 -0.66 -21.79
C GLU F 144 12.98 -1.65 -20.74
N ASP F 145 12.14 -2.61 -20.36
CA ASP F 145 12.50 -3.56 -19.31
C ASP F 145 13.57 -4.52 -19.80
N GLU F 146 14.43 -4.96 -18.88
CA GLU F 146 15.56 -5.80 -19.21
C GLU F 146 15.20 -7.28 -19.24
N ASN F 147 14.25 -7.71 -18.40
CA ASN F 147 13.82 -9.10 -18.39
C ASN F 147 13.06 -9.52 -19.64
N VAL F 148 12.66 -8.56 -20.47
CA VAL F 148 12.07 -8.86 -21.78
C VAL F 148 13.07 -9.54 -22.69
N ARG F 149 14.37 -9.23 -22.53
CA ARG F 149 15.42 -9.71 -23.43
C ARG F 149 15.55 -11.23 -23.40
N LYS F 150 15.21 -11.86 -22.29
CA LYS F 150 15.15 -13.32 -22.24
C LYS F 150 14.03 -13.85 -23.14
N LYS F 151 12.86 -13.21 -23.10
CA LYS F 151 11.71 -13.70 -23.86
C LYS F 151 11.86 -13.43 -25.36
N VAL F 152 12.52 -12.34 -25.73
CA VAL F 152 12.71 -12.02 -27.14
C VAL F 152 13.75 -12.97 -27.76
N LEU F 153 14.78 -13.33 -26.99
CA LEU F 153 15.79 -14.24 -27.51
C LEU F 153 15.28 -15.68 -27.57
N ARG F 154 14.30 -16.04 -26.73
CA ARG F 154 13.66 -17.34 -26.86
C ARG F 154 12.86 -17.44 -28.15
N SER F 155 12.10 -16.39 -28.47
CA SER F 155 11.32 -16.35 -29.70
C SER F 155 12.16 -15.99 -30.92
N GLY F 156 13.45 -15.70 -30.75
CA GLY F 156 14.31 -15.42 -31.86
C GLY F 156 14.07 -14.08 -32.53
N ALA F 157 14.39 -12.99 -31.83
CA ALA F 157 14.37 -11.67 -32.44
C ALA F 157 15.42 -10.80 -31.77
N ASN F 158 15.90 -9.80 -32.50
CA ASN F 158 16.99 -8.95 -32.02
C ASN F 158 16.43 -7.92 -31.05
N PHE F 159 16.72 -8.08 -29.77
CA PHE F 159 16.26 -7.11 -28.78
C PHE F 159 17.09 -5.84 -28.84
N VAL F 160 16.41 -4.70 -28.77
CA VAL F 160 17.05 -3.39 -28.72
C VAL F 160 16.58 -2.70 -27.45
N HIS F 161 17.48 -2.45 -26.53
CA HIS F 161 17.11 -1.87 -25.26
C HIS F 161 16.91 -0.36 -25.38
N GLY F 162 15.94 0.15 -24.66
CA GLY F 162 15.70 1.58 -24.62
C GLY F 162 14.22 1.89 -24.53
N ASP F 163 13.93 3.17 -24.33
CA ASP F 163 12.56 3.63 -24.18
C ASP F 163 11.93 3.80 -25.55
N PRO F 164 10.75 3.21 -25.81
CA PRO F 164 10.11 3.39 -27.12
C PRO F 164 9.43 4.75 -27.30
N THR F 165 9.27 5.53 -26.24
CA THR F 165 8.62 6.83 -26.37
C THR F 165 9.59 7.91 -26.82
N ARG F 166 10.88 7.74 -26.56
CA ARG F 166 11.87 8.78 -26.85
C ARG F 166 12.25 8.75 -28.32
N VAL F 167 12.19 9.91 -28.97
CA VAL F 167 12.42 9.96 -30.41
C VAL F 167 13.89 9.81 -30.75
N SER F 168 14.80 10.07 -29.81
CA SER F 168 16.22 9.77 -30.01
C SER F 168 16.53 8.32 -29.72
N ASP F 169 15.56 7.56 -29.23
CA ASP F 169 15.74 6.15 -28.91
C ASP F 169 14.99 5.24 -29.86
N LEU F 170 13.99 5.78 -30.57
CA LEU F 170 13.36 5.06 -31.67
C LEU F 170 14.29 4.90 -32.87
N GLU F 171 15.24 5.82 -33.06
CA GLU F 171 16.18 5.71 -34.16
C GLU F 171 17.25 4.66 -33.90
N LYS F 172 17.43 4.25 -32.63
CA LYS F 172 18.33 3.14 -32.33
C LYS F 172 17.80 1.83 -32.87
N ALA F 173 16.48 1.66 -32.89
CA ALA F 173 15.86 0.48 -33.49
C ALA F 173 15.67 0.61 -34.99
N ASN F 174 16.06 1.75 -35.57
CA ASN F 174 16.00 2.04 -37.01
C ASN F 174 14.59 1.89 -37.57
N VAL F 175 13.69 2.76 -37.08
CA VAL F 175 12.32 2.78 -37.59
C VAL F 175 12.17 3.58 -38.86
N ARG F 176 13.23 4.24 -39.33
CA ARG F 176 13.16 4.99 -40.57
C ARG F 176 13.31 4.04 -41.75
N GLY F 177 12.30 4.01 -42.62
CA GLY F 177 12.36 3.20 -43.82
C GLY F 177 12.27 1.71 -43.57
N ALA F 178 11.33 1.31 -42.73
CA ALA F 178 11.10 -0.09 -42.40
C ALA F 178 9.83 -0.57 -43.10
N ARG F 179 9.56 -1.87 -42.96
CA ARG F 179 8.34 -2.44 -43.51
C ARG F 179 7.11 -1.94 -42.77
N ALA F 180 7.06 -2.19 -41.46
CA ALA F 180 5.99 -1.72 -40.60
C ALA F 180 6.52 -1.66 -39.19
N VAL F 181 5.98 -0.74 -38.40
CA VAL F 181 6.35 -0.60 -37.00
C VAL F 181 5.14 -0.97 -36.15
N ILE F 182 5.24 -2.08 -35.43
CA ILE F 182 4.13 -2.61 -34.64
C ILE F 182 4.27 -2.09 -33.22
N VAL F 183 3.24 -1.36 -32.76
CA VAL F 183 3.31 -0.60 -31.52
C VAL F 183 2.29 -1.14 -30.55
N ASP F 184 2.75 -1.66 -29.42
CA ASP F 184 1.87 -1.97 -28.29
C ASP F 184 2.69 -1.91 -27.00
N LEU F 185 2.42 -0.91 -26.19
CA LEU F 185 3.16 -0.66 -24.97
C LEU F 185 2.30 -1.00 -23.76
N GLU F 186 2.84 -0.74 -22.57
CA GLU F 186 2.21 -1.20 -21.33
C GLU F 186 0.94 -0.43 -21.01
N SER F 187 0.75 0.75 -21.58
CA SER F 187 -0.44 1.54 -21.33
C SER F 187 -0.88 2.17 -22.64
N ASP F 188 -2.13 2.62 -22.66
CA ASP F 188 -2.70 3.25 -23.84
C ASP F 188 -2.21 4.68 -24.01
N SER F 189 -1.71 5.29 -22.92
CA SER F 189 -1.12 6.62 -23.01
C SER F 189 0.23 6.60 -23.69
N GLU F 190 1.02 5.56 -23.47
CA GLU F 190 2.34 5.45 -24.09
C GLU F 190 2.24 5.05 -25.56
N THR F 191 1.16 4.40 -25.98
CA THR F 191 1.01 4.01 -27.37
C THR F 191 0.83 5.23 -28.27
N ILE F 192 0.08 6.23 -27.80
CA ILE F 192 -0.08 7.46 -28.57
C ILE F 192 1.24 8.21 -28.65
N HIS F 193 1.99 8.22 -27.55
CA HIS F 193 3.29 8.89 -27.53
C HIS F 193 4.33 8.16 -28.37
N CYS F 194 4.15 6.86 -28.59
CA CYS F 194 5.09 6.16 -29.47
C CYS F 194 4.83 6.46 -30.93
N ILE F 195 3.56 6.54 -31.33
CA ILE F 195 3.22 6.87 -32.72
C ILE F 195 3.58 8.31 -33.03
N LEU F 196 3.42 9.20 -32.05
CA LEU F 196 3.82 10.59 -32.23
C LEU F 196 5.33 10.76 -32.30
N GLY F 197 6.10 9.75 -31.88
CA GLY F 197 7.54 9.76 -32.06
C GLY F 197 7.97 9.21 -33.41
N ILE F 198 7.30 8.17 -33.89
CA ILE F 198 7.64 7.59 -35.18
C ILE F 198 7.26 8.54 -36.31
N ARG F 199 6.17 9.29 -36.15
CA ARG F 199 5.78 10.25 -37.18
C ARG F 199 6.68 11.48 -37.23
N LYS F 200 7.51 11.71 -36.21
CA LYS F 200 8.54 12.73 -36.30
C LYS F 200 9.77 12.25 -37.05
N ILE F 201 9.96 10.94 -37.18
CA ILE F 201 11.12 10.38 -37.85
C ILE F 201 10.78 10.09 -39.30
N ASP F 202 9.81 9.20 -39.52
CA ASP F 202 9.41 8.79 -40.86
C ASP F 202 7.91 8.99 -41.00
N GLU F 203 7.51 9.88 -41.90
CA GLU F 203 6.11 10.22 -42.10
C GLU F 203 5.39 9.27 -43.04
N SER F 204 6.05 8.20 -43.50
CA SER F 204 5.45 7.29 -44.46
C SER F 204 5.53 5.82 -44.08
N VAL F 205 6.17 5.49 -42.95
CA VAL F 205 6.29 4.09 -42.54
C VAL F 205 4.95 3.63 -41.97
N ARG F 206 4.60 2.38 -42.26
CA ARG F 206 3.34 1.82 -41.78
C ARG F 206 3.42 1.57 -40.28
N ILE F 207 2.39 1.99 -39.54
CA ILE F 207 2.34 1.81 -38.10
C ILE F 207 1.09 1.01 -37.78
N ILE F 208 1.28 -0.16 -37.18
CA ILE F 208 0.19 -1.04 -36.79
C ILE F 208 0.13 -1.01 -35.27
N ALA F 209 -0.73 -0.15 -34.74
CA ALA F 209 -0.77 0.08 -33.30
C ALA F 209 -1.67 -0.94 -32.62
N GLU F 210 -1.93 -0.73 -31.33
CA GLU F 210 -2.86 -1.58 -30.60
C GLU F 210 -3.55 -0.73 -29.53
N ALA F 211 -4.86 -0.60 -29.64
CA ALA F 211 -5.64 0.20 -28.72
C ALA F 211 -6.15 -0.66 -27.58
N GLU F 212 -5.98 -0.18 -26.35
CA GLU F 212 -6.53 -0.88 -25.20
C GLU F 212 -7.96 -0.43 -24.92
N ARG F 213 -8.18 0.87 -24.78
CA ARG F 213 -9.51 1.40 -24.52
C ARG F 213 -10.21 1.71 -25.84
N TYR F 214 -11.53 1.87 -25.76
CA TYR F 214 -12.30 2.13 -26.97
C TYR F 214 -12.16 3.57 -27.43
N GLU F 215 -12.13 4.52 -26.48
CA GLU F 215 -12.10 5.93 -26.85
C GLU F 215 -10.75 6.40 -27.39
N ASN F 216 -9.74 5.54 -27.38
CA ASN F 216 -8.43 5.87 -27.91
C ASN F 216 -8.20 5.30 -29.31
N ILE F 217 -9.20 4.63 -29.89
CA ILE F 217 -9.07 4.18 -31.27
C ILE F 217 -9.05 5.37 -32.20
N GLU F 218 -9.80 6.42 -31.88
CA GLU F 218 -9.72 7.65 -32.67
C GLU F 218 -8.41 8.39 -32.40
N GLN F 219 -7.83 8.24 -31.21
CA GLN F 219 -6.58 8.92 -30.89
C GLN F 219 -5.41 8.32 -31.64
N LEU F 220 -5.41 7.00 -31.83
CA LEU F 220 -4.32 6.37 -32.57
C LEU F 220 -4.38 6.70 -34.05
N ARG F 221 -5.57 6.89 -34.60
CA ARG F 221 -5.68 7.24 -36.00
C ARG F 221 -5.28 8.68 -36.26
N MET F 222 -5.56 9.59 -35.32
CA MET F 222 -5.11 10.97 -35.48
C MET F 222 -3.62 11.11 -35.21
N ALA F 223 -3.05 10.21 -34.39
CA ALA F 223 -1.61 10.24 -34.16
C ALA F 223 -0.83 9.81 -35.39
N GLY F 224 -1.37 8.89 -36.18
CA GLY F 224 -0.71 8.50 -37.40
C GLY F 224 -0.64 7.01 -37.66
N ALA F 225 -1.31 6.21 -36.83
CA ALA F 225 -1.28 4.76 -37.00
C ALA F 225 -2.07 4.37 -38.25
N ASP F 226 -1.41 3.63 -39.15
CA ASP F 226 -2.05 3.23 -40.39
C ASP F 226 -3.06 2.10 -40.19
N GLN F 227 -3.01 1.41 -39.06
CA GLN F 227 -3.94 0.32 -38.79
C GLN F 227 -4.05 0.15 -37.28
N VAL F 228 -5.24 0.35 -36.74
CA VAL F 228 -5.50 0.18 -35.32
C VAL F 228 -6.19 -1.16 -35.11
N ILE F 229 -5.67 -1.97 -34.19
CA ILE F 229 -6.24 -3.26 -33.84
C ILE F 229 -6.52 -3.23 -32.33
N SER F 230 -7.78 -3.41 -31.96
CA SER F 230 -8.19 -3.28 -30.56
C SER F 230 -8.64 -4.61 -30.00
N PRO F 231 -7.78 -5.36 -29.31
CA PRO F 231 -8.21 -6.65 -28.76
C PRO F 231 -9.15 -6.54 -27.59
N PHE F 232 -9.03 -5.51 -26.77
CA PHE F 232 -9.88 -5.39 -25.59
C PHE F 232 -11.23 -4.78 -25.90
N VAL F 233 -11.42 -4.23 -27.09
CA VAL F 233 -12.73 -3.79 -27.52
C VAL F 233 -13.47 -4.91 -28.25
N ILE F 234 -12.74 -5.76 -28.98
CA ILE F 234 -13.34 -6.95 -29.57
C ILE F 234 -13.77 -7.92 -28.48
N SER F 235 -12.86 -8.28 -27.57
CA SER F 235 -13.18 -9.21 -26.51
C SER F 235 -14.05 -8.60 -25.42
N GLY F 236 -14.26 -7.28 -25.43
CA GLY F 236 -15.19 -6.69 -24.49
C GLY F 236 -16.63 -6.80 -24.92
N ARG F 237 -16.87 -6.76 -26.23
CA ARG F 237 -18.24 -6.91 -26.73
C ARG F 237 -18.66 -8.37 -26.83
N LEU F 238 -17.73 -9.27 -27.12
CA LEU F 238 -18.04 -10.68 -27.21
C LEU F 238 -18.25 -11.33 -25.85
N MET F 239 -17.90 -10.65 -24.76
CA MET F 239 -18.27 -11.15 -23.45
C MET F 239 -19.70 -10.78 -23.09
N SER F 240 -20.16 -9.62 -23.54
CA SER F 240 -21.54 -9.20 -23.28
C SER F 240 -22.51 -9.67 -24.35
N ARG F 241 -22.02 -10.28 -25.43
CA ARG F 241 -22.87 -10.87 -26.46
C ARG F 241 -22.82 -12.39 -26.44
N SER F 242 -22.19 -12.99 -25.43
CA SER F 242 -22.16 -14.44 -25.29
C SER F 242 -22.63 -14.88 -23.91
N ILE F 243 -23.28 -13.97 -23.16
CA ILE F 243 -23.83 -14.34 -21.87
C ILE F 243 -25.02 -15.28 -22.03
N ASP F 244 -25.91 -14.97 -22.97
CA ASP F 244 -27.13 -15.73 -23.16
C ASP F 244 -26.99 -16.83 -24.19
N ASP F 245 -26.63 -16.49 -25.43
CA ASP F 245 -26.65 -17.47 -26.52
C ASP F 245 -25.25 -17.84 -27.00
N GLY F 246 -24.44 -16.85 -27.37
CA GLY F 246 -23.06 -17.08 -27.73
C GLY F 246 -22.81 -17.79 -29.05
N TYR F 247 -23.19 -17.16 -30.16
CA TYR F 247 -22.84 -17.68 -31.48
C TYR F 247 -21.97 -16.73 -32.28
N GLU F 248 -21.85 -15.47 -31.89
CA GLU F 248 -20.93 -14.57 -32.56
C GLU F 248 -19.49 -14.86 -32.17
N ALA F 249 -19.24 -15.11 -30.88
CA ALA F 249 -17.90 -15.46 -30.41
C ALA F 249 -17.48 -16.85 -30.85
N MET F 250 -18.44 -17.72 -31.20
CA MET F 250 -18.09 -19.00 -31.79
C MET F 250 -17.51 -18.83 -33.19
N PHE F 251 -17.90 -17.78 -33.90
CA PHE F 251 -17.41 -17.56 -35.25
C PHE F 251 -15.97 -17.04 -35.25
N VAL F 252 -15.71 -15.97 -34.48
CA VAL F 252 -14.40 -15.33 -34.55
C VAL F 252 -13.33 -16.15 -33.86
N GLN F 253 -13.72 -17.11 -33.01
CA GLN F 253 -12.72 -17.99 -32.43
C GLN F 253 -12.29 -19.06 -33.41
N ASP F 254 -13.23 -19.61 -34.18
CA ASP F 254 -12.93 -20.68 -35.11
C ASP F 254 -12.29 -20.19 -36.39
N VAL F 255 -12.40 -18.91 -36.70
CA VAL F 255 -11.98 -18.36 -37.99
C VAL F 255 -10.82 -17.39 -37.84
N LEU F 256 -10.94 -16.43 -36.92
CA LEU F 256 -9.89 -15.43 -36.75
C LEU F 256 -8.79 -15.86 -35.79
N ALA F 257 -9.13 -16.59 -34.72
CA ALA F 257 -8.17 -16.92 -33.68
C ALA F 257 -7.52 -18.29 -33.89
N GLU F 258 -8.33 -19.35 -33.95
CA GLU F 258 -7.79 -20.70 -34.01
C GLU F 258 -7.47 -21.18 -35.42
N GLU F 259 -8.11 -20.59 -36.43
CA GLU F 259 -8.19 -21.07 -37.83
C GLU F 259 -8.37 -22.59 -37.91
N SER F 260 -9.43 -23.06 -37.25
CA SER F 260 -9.65 -24.49 -37.09
C SER F 260 -10.06 -25.15 -38.39
N THR F 261 -11.20 -24.74 -38.95
CA THR F 261 -11.64 -25.28 -40.23
C THR F 261 -11.85 -24.22 -41.29
N ARG F 262 -12.03 -22.96 -40.91
CA ARG F 262 -12.12 -21.84 -41.82
C ARG F 262 -11.12 -20.77 -41.41
N ARG F 263 -10.85 -19.84 -42.32
CA ARG F 263 -9.99 -18.70 -42.02
C ARG F 263 -10.31 -17.59 -42.99
N MET F 264 -9.96 -16.36 -42.59
CA MET F 264 -10.17 -15.20 -43.44
C MET F 264 -8.96 -15.03 -44.37
N VAL F 265 -9.16 -15.30 -45.65
CA VAL F 265 -8.09 -15.22 -46.62
C VAL F 265 -8.24 -13.92 -47.40
N GLU F 266 -7.11 -13.38 -47.87
CA GLU F 266 -7.11 -12.19 -48.71
C GLU F 266 -6.11 -12.41 -49.83
N VAL F 267 -6.62 -12.60 -51.05
CA VAL F 267 -5.80 -12.93 -52.20
C VAL F 267 -5.96 -11.85 -53.27
N PRO F 268 -4.89 -11.45 -53.95
CA PRO F 268 -5.00 -10.35 -54.93
C PRO F 268 -5.38 -10.83 -56.31
N ILE F 269 -5.44 -9.89 -57.26
CA ILE F 269 -5.78 -10.19 -58.65
C ILE F 269 -4.57 -9.93 -59.52
N PRO F 270 -3.84 -10.96 -59.95
CA PRO F 270 -2.77 -10.77 -60.95
C PRO F 270 -3.34 -10.36 -62.30
N GLU F 271 -2.43 -9.90 -63.16
CA GLU F 271 -2.82 -9.22 -64.39
C GLU F 271 -3.38 -10.18 -65.43
N GLY F 272 -4.54 -9.82 -65.99
CA GLY F 272 -5.12 -10.50 -67.14
C GLY F 272 -5.51 -11.95 -66.92
N SER F 273 -6.25 -12.23 -65.86
CA SER F 273 -6.55 -13.61 -65.48
C SER F 273 -8.00 -13.73 -65.03
N LYS F 274 -8.89 -14.03 -65.99
CA LYS F 274 -10.22 -14.59 -65.79
C LYS F 274 -11.23 -13.68 -65.08
N LEU F 275 -10.82 -12.50 -64.62
CA LEU F 275 -11.71 -11.69 -63.80
C LEU F 275 -11.68 -10.19 -64.12
N GLU F 276 -10.87 -9.76 -65.08
CA GLU F 276 -10.68 -8.34 -65.34
C GLU F 276 -11.89 -7.80 -66.11
N GLY F 277 -12.65 -6.92 -65.46
CA GLY F 277 -13.77 -6.27 -66.08
C GLY F 277 -15.11 -6.97 -65.88
N VAL F 278 -15.12 -8.25 -65.51
CA VAL F 278 -16.37 -8.95 -65.24
C VAL F 278 -16.83 -8.56 -63.84
N SER F 279 -18.13 -8.69 -63.61
CA SER F 279 -18.72 -8.19 -62.37
C SER F 279 -18.79 -9.30 -61.32
N VAL F 280 -19.42 -9.00 -60.19
CA VAL F 280 -19.57 -10.00 -59.13
C VAL F 280 -20.64 -11.02 -59.48
N LEU F 281 -21.66 -10.60 -60.23
CA LEU F 281 -22.79 -11.48 -60.53
C LEU F 281 -22.38 -12.60 -61.48
N ASP F 282 -21.67 -12.27 -62.55
CA ASP F 282 -21.27 -13.27 -63.54
C ASP F 282 -19.95 -13.96 -63.18
N ALA F 283 -19.35 -13.62 -62.05
CA ALA F 283 -18.16 -14.35 -61.61
C ALA F 283 -18.52 -15.69 -60.98
N ASP F 284 -19.75 -15.79 -60.42
CA ASP F 284 -20.23 -16.96 -59.67
C ASP F 284 -19.27 -17.33 -58.56
N ILE F 285 -18.82 -16.30 -57.83
CA ILE F 285 -17.62 -16.42 -57.00
C ILE F 285 -17.90 -17.21 -55.71
N HIS F 286 -19.15 -17.22 -55.23
CA HIS F 286 -19.50 -18.08 -54.11
C HIS F 286 -19.83 -19.50 -54.55
N ASP F 287 -20.23 -19.68 -55.80
CA ASP F 287 -20.67 -20.98 -56.28
C ASP F 287 -19.53 -21.89 -56.72
N VAL F 288 -18.61 -21.38 -57.55
CA VAL F 288 -17.56 -22.22 -58.11
C VAL F 288 -16.39 -22.42 -57.16
N THR F 289 -16.31 -21.65 -56.10
CA THR F 289 -15.22 -21.74 -55.13
C THR F 289 -15.67 -22.10 -53.73
N GLY F 290 -16.81 -21.56 -53.27
CA GLY F 290 -17.30 -21.84 -51.94
C GLY F 290 -16.88 -20.88 -50.87
N VAL F 291 -15.95 -19.97 -51.16
CA VAL F 291 -15.53 -18.97 -50.19
C VAL F 291 -16.54 -17.83 -50.17
N ILE F 292 -17.02 -17.48 -48.98
CA ILE F 292 -17.96 -16.38 -48.82
C ILE F 292 -17.19 -15.08 -48.99
N ILE F 293 -17.61 -14.25 -49.95
CA ILE F 293 -16.89 -13.02 -50.28
C ILE F 293 -17.37 -11.94 -49.33
N ILE F 294 -16.54 -11.61 -48.33
CA ILE F 294 -16.89 -10.58 -47.37
C ILE F 294 -16.79 -9.20 -48.01
N GLY F 295 -15.66 -8.92 -48.64
CA GLY F 295 -15.48 -7.62 -49.25
C GLY F 295 -14.22 -7.58 -50.08
N VAL F 296 -14.10 -6.51 -50.86
CA VAL F 296 -12.95 -6.26 -51.70
C VAL F 296 -12.29 -4.96 -51.26
N GLY F 297 -11.06 -4.76 -51.71
CA GLY F 297 -10.33 -3.56 -51.34
C GLY F 297 -9.42 -3.05 -52.44
N ARG F 298 -9.41 -1.74 -52.64
CA ARG F 298 -8.56 -1.12 -53.66
C ARG F 298 -8.02 0.19 -53.09
N GLY F 299 -6.81 0.14 -52.53
CA GLY F 299 -6.15 1.32 -52.03
C GLY F 299 -6.81 1.92 -50.80
N ASP F 300 -6.78 1.17 -49.69
CA ASP F 300 -7.29 1.56 -48.38
C ASP F 300 -8.79 1.88 -48.43
N GLU F 301 -9.52 1.14 -49.26
CA GLU F 301 -10.96 1.34 -49.41
C GLU F 301 -11.60 -0.05 -49.43
N LEU F 302 -11.93 -0.56 -48.25
CA LEU F 302 -12.54 -1.88 -48.12
C LEU F 302 -14.03 -1.76 -48.35
N ILE F 303 -14.50 -2.26 -49.51
CA ILE F 303 -15.92 -2.23 -49.84
C ILE F 303 -16.52 -3.52 -49.28
N ILE F 304 -17.02 -3.44 -48.05
CA ILE F 304 -17.68 -4.59 -47.43
C ILE F 304 -18.99 -4.86 -48.14
N ASP F 305 -19.17 -6.10 -48.62
CA ASP F 305 -20.30 -6.58 -49.41
C ASP F 305 -20.50 -5.69 -50.64
N PRO F 306 -19.67 -5.84 -51.67
CA PRO F 306 -19.81 -4.98 -52.84
C PRO F 306 -21.07 -5.32 -53.61
N PRO F 307 -21.66 -4.34 -54.31
CA PRO F 307 -22.93 -4.59 -55.01
C PRO F 307 -22.78 -5.43 -56.27
N ARG F 308 -23.89 -5.57 -57.02
CA ARG F 308 -23.89 -6.42 -58.21
C ARG F 308 -23.07 -5.81 -59.33
N ASP F 309 -23.18 -4.50 -59.54
CA ASP F 309 -22.54 -3.83 -60.67
C ASP F 309 -21.15 -3.30 -60.30
N TYR F 310 -20.29 -4.18 -59.77
CA TYR F 310 -18.92 -3.85 -59.43
C TYR F 310 -17.99 -4.78 -60.18
N SER F 311 -17.12 -4.21 -61.01
CA SER F 311 -16.20 -4.99 -61.82
C SER F 311 -14.83 -5.08 -61.14
N PHE F 312 -14.27 -6.28 -61.12
CA PHE F 312 -12.93 -6.48 -60.60
C PHE F 312 -11.89 -5.90 -61.56
N ARG F 313 -10.86 -5.28 -60.99
CA ARG F 313 -9.73 -4.77 -61.76
C ARG F 313 -8.45 -5.49 -61.35
N ALA F 314 -7.42 -5.33 -62.17
CA ALA F 314 -6.09 -5.82 -61.82
C ALA F 314 -5.52 -4.94 -60.73
N GLY F 315 -5.48 -5.45 -59.51
CA GLY F 315 -5.03 -4.69 -58.35
C GLY F 315 -5.95 -4.77 -57.15
N ASP F 316 -7.17 -5.25 -57.30
CA ASP F 316 -8.03 -5.49 -56.16
C ASP F 316 -7.55 -6.68 -55.35
N ILE F 317 -8.13 -6.84 -54.17
CA ILE F 317 -7.84 -7.97 -53.29
C ILE F 317 -9.16 -8.50 -52.73
N ILE F 318 -9.35 -9.80 -52.81
CA ILE F 318 -10.61 -10.42 -52.42
C ILE F 318 -10.46 -10.96 -51.00
N LEU F 319 -11.19 -10.36 -50.07
CA LEU F 319 -11.16 -10.77 -48.67
C LEU F 319 -12.35 -11.70 -48.42
N GLY F 320 -12.05 -12.97 -48.15
CA GLY F 320 -13.10 -13.96 -48.02
C GLY F 320 -12.80 -14.98 -46.93
N ILE F 321 -13.83 -15.75 -46.59
CA ILE F 321 -13.76 -16.77 -45.55
C ILE F 321 -13.99 -18.13 -46.20
N GLY F 322 -12.98 -18.98 -46.17
CA GLY F 322 -13.09 -20.27 -46.82
C GLY F 322 -12.27 -21.34 -46.16
N LYS F 323 -12.62 -22.59 -46.47
CA LYS F 323 -11.86 -23.75 -46.03
C LYS F 323 -10.48 -23.76 -46.72
N PRO F 324 -9.48 -24.44 -46.13
CA PRO F 324 -8.18 -24.54 -46.82
C PRO F 324 -8.23 -25.32 -48.13
N GLU F 325 -9.22 -26.19 -48.33
CA GLU F 325 -9.44 -26.79 -49.63
C GLU F 325 -10.24 -25.90 -50.57
N GLU F 326 -10.96 -24.91 -50.02
CA GLU F 326 -11.74 -23.98 -50.82
C GLU F 326 -10.98 -22.72 -51.18
N ILE F 327 -9.93 -22.38 -50.43
CA ILE F 327 -9.10 -21.24 -50.76
C ILE F 327 -8.27 -21.52 -52.01
N GLU F 328 -7.73 -22.74 -52.10
CA GLU F 328 -6.97 -23.13 -53.29
C GLU F 328 -7.88 -23.25 -54.52
N ARG F 329 -9.16 -23.55 -54.31
CA ARG F 329 -10.13 -23.50 -55.40
C ARG F 329 -10.37 -22.09 -55.90
N LEU F 330 -10.11 -21.08 -55.06
CA LEU F 330 -10.19 -19.69 -55.53
C LEU F 330 -8.95 -19.31 -56.32
N LYS F 331 -7.76 -19.60 -55.79
CA LYS F 331 -6.51 -19.19 -56.43
C LYS F 331 -6.21 -19.97 -57.70
N ASN F 332 -6.87 -21.11 -57.91
CA ASN F 332 -6.84 -21.75 -59.23
C ASN F 332 -7.85 -21.13 -60.17
N TYR F 333 -8.98 -20.65 -59.63
CA TYR F 333 -9.94 -19.89 -60.40
C TYR F 333 -9.45 -18.47 -60.68
N ILE F 334 -8.48 -17.98 -59.91
CA ILE F 334 -7.96 -16.63 -60.13
C ILE F 334 -7.17 -16.56 -61.42
N SER F 335 -6.20 -17.47 -61.61
CA SER F 335 -5.25 -17.35 -62.71
C SER F 335 -5.90 -17.73 -64.04
N ALA F 336 -5.14 -17.52 -65.11
CA ALA F 336 -5.61 -17.80 -66.47
C ALA F 336 -4.97 -19.07 -67.03
N ALA G 20 -35.02 5.66 0.62
CA ALA G 20 -35.07 6.95 -0.05
C ALA G 20 -36.11 7.87 0.59
N THR G 21 -37.22 8.09 -0.11
CA THR G 21 -38.28 8.96 0.36
C THR G 21 -39.37 8.24 1.14
N ARG G 22 -39.17 6.95 1.45
CA ARG G 22 -40.18 6.18 2.18
C ARG G 22 -40.28 6.61 3.64
N ILE G 23 -39.32 7.39 4.14
CA ILE G 23 -39.45 8.01 5.45
C ILE G 23 -40.64 8.96 5.47
N LEU G 24 -40.85 9.70 4.36
CA LEU G 24 -41.99 10.63 4.30
C LEU G 24 -43.32 9.88 4.21
N LEU G 25 -43.35 8.75 3.50
CA LEU G 25 -44.56 7.94 3.46
C LEU G 25 -44.84 7.30 4.82
N LEU G 26 -43.81 6.88 5.54
CA LEU G 26 -44.01 6.33 6.88
C LEU G 26 -44.47 7.40 7.86
N VAL G 27 -43.96 8.63 7.73
CA VAL G 27 -44.35 9.70 8.62
C VAL G 27 -45.79 10.15 8.32
N LEU G 28 -46.17 10.18 7.05
CA LEU G 28 -47.56 10.48 6.72
C LEU G 28 -48.49 9.36 7.13
N ALA G 29 -48.01 8.11 7.11
CA ALA G 29 -48.81 6.98 7.57
C ALA G 29 -49.05 7.05 9.07
N VAL G 30 -48.02 7.37 9.85
CA VAL G 30 -48.22 7.42 11.30
C VAL G 30 -49.02 8.66 11.69
N ILE G 31 -48.92 9.74 10.90
CA ILE G 31 -49.74 10.92 11.16
C ILE G 31 -51.21 10.64 10.89
N ILE G 32 -51.52 10.00 9.75
CA ILE G 32 -52.90 9.71 9.43
C ILE G 32 -53.47 8.62 10.35
N TYR G 33 -52.61 7.72 10.85
CA TYR G 33 -53.03 6.74 11.83
C TYR G 33 -53.37 7.39 13.15
N GLY G 34 -52.54 8.35 13.59
CA GLY G 34 -52.81 9.07 14.82
C GLY G 34 -54.07 9.90 14.76
N THR G 35 -54.31 10.55 13.61
CA THR G 35 -55.51 11.38 13.48
C THR G 35 -56.77 10.53 13.41
N ALA G 36 -56.75 9.47 12.58
CA ALA G 36 -57.90 8.61 12.43
C ALA G 36 -58.18 7.77 13.67
N GLY G 37 -57.17 7.55 14.52
CA GLY G 37 -57.43 6.91 15.79
C GLY G 37 -57.99 7.87 16.81
N PHE G 38 -57.37 9.05 16.95
CA PHE G 38 -57.75 9.96 18.03
C PHE G 38 -59.12 10.58 17.81
N HIS G 39 -59.43 10.97 16.57
CA HIS G 39 -60.72 11.61 16.30
C HIS G 39 -61.88 10.65 16.50
N PHE G 40 -61.69 9.37 16.15
CA PHE G 40 -62.75 8.39 16.27
C PHE G 40 -62.80 7.73 17.64
N ILE G 41 -61.75 7.82 18.45
CA ILE G 41 -61.83 7.25 19.79
C ILE G 41 -62.26 8.33 20.79
N GLU G 42 -61.51 9.42 20.87
CA GLU G 42 -61.78 10.38 21.94
C GLU G 42 -62.90 11.35 21.62
N GLY G 43 -63.53 11.25 20.45
CA GLY G 43 -64.65 12.10 20.12
C GLY G 43 -64.31 13.55 19.85
N GLU G 44 -63.05 13.84 19.56
CA GLU G 44 -62.62 15.20 19.29
C GLU G 44 -62.57 15.43 17.77
N SER G 45 -62.71 16.71 17.38
CA SER G 45 -62.77 17.09 15.98
C SER G 45 -61.43 16.86 15.28
N TRP G 46 -61.45 17.04 13.96
CA TRP G 46 -60.30 16.65 13.13
C TRP G 46 -59.10 17.58 13.29
N THR G 47 -59.34 18.88 13.45
CA THR G 47 -58.22 19.80 13.55
C THR G 47 -57.51 19.69 14.90
N VAL G 48 -58.26 19.47 15.98
CA VAL G 48 -57.64 19.30 17.28
C VAL G 48 -56.94 17.95 17.35
N SER G 49 -57.47 16.94 16.65
CA SER G 49 -56.80 15.65 16.58
C SER G 49 -55.51 15.74 15.77
N LEU G 50 -55.51 16.55 14.71
CA LEU G 50 -54.29 16.75 13.92
C LEU G 50 -53.24 17.50 14.73
N TYR G 51 -53.65 18.51 15.48
CA TYR G 51 -52.74 19.23 16.37
C TYR G 51 -52.20 18.32 17.47
N TRP G 52 -53.04 17.44 18.01
CA TRP G 52 -52.59 16.49 19.03
C TRP G 52 -51.63 15.47 18.44
N THR G 53 -51.85 15.04 17.21
CA THR G 53 -50.96 14.05 16.58
C THR G 53 -49.60 14.67 16.28
N PHE G 54 -49.58 15.91 15.78
CA PHE G 54 -48.31 16.59 15.54
C PHE G 54 -47.63 17.02 16.83
N VAL G 55 -48.37 17.10 17.94
CA VAL G 55 -47.73 17.35 19.23
C VAL G 55 -47.16 16.06 19.81
N THR G 56 -47.88 14.94 19.66
CA THR G 56 -47.50 13.69 20.29
C THR G 56 -46.35 13.00 19.55
N ILE G 57 -46.39 13.00 18.20
CA ILE G 57 -45.36 12.34 17.42
C ILE G 57 -44.01 13.03 17.60
N ALA G 58 -44.00 14.36 17.59
CA ALA G 58 -42.77 15.11 17.79
C ALA G 58 -42.41 15.30 19.25
N THR G 59 -43.15 14.66 20.17
CA THR G 59 -42.86 14.60 21.60
C THR G 59 -42.77 15.99 22.24
N VAL G 60 -43.87 16.74 22.12
CA VAL G 60 -43.98 18.02 22.81
C VAL G 60 -44.85 17.81 24.03
N GLY G 61 -46.05 17.27 23.84
CA GLY G 61 -46.90 16.84 24.94
C GLY G 61 -47.48 17.96 25.79
N TYR G 62 -48.38 18.75 25.22
CA TYR G 62 -48.97 19.86 25.97
C TYR G 62 -49.94 19.40 27.04
N GLY G 63 -50.56 18.24 26.88
CA GLY G 63 -51.45 17.72 27.89
C GLY G 63 -52.82 18.36 27.94
N ASP G 64 -53.13 19.25 27.01
CA ASP G 64 -54.45 19.88 27.00
C ASP G 64 -55.52 19.00 26.35
N TYR G 65 -55.12 18.10 25.45
CA TYR G 65 -56.05 17.19 24.78
C TYR G 65 -55.52 15.76 24.87
N SER G 66 -55.12 15.37 26.06
CA SER G 66 -54.70 14.01 26.34
C SER G 66 -55.93 13.09 26.42
N PRO G 67 -55.77 11.81 26.11
CA PRO G 67 -56.91 10.88 26.19
C PRO G 67 -57.31 10.57 27.62
N SER G 68 -58.50 9.98 27.76
CA SER G 68 -59.03 9.55 29.05
C SER G 68 -59.52 8.11 29.05
N THR G 69 -59.98 7.59 27.91
CA THR G 69 -60.40 6.22 27.83
C THR G 69 -59.18 5.29 27.82
N PRO G 70 -59.31 4.07 28.35
CA PRO G 70 -58.18 3.12 28.27
C PRO G 70 -57.86 2.68 26.86
N LEU G 71 -58.87 2.63 25.96
CA LEU G 71 -58.60 2.37 24.56
C LEU G 71 -57.81 3.52 23.94
N GLY G 72 -58.15 4.75 24.30
CA GLY G 72 -57.39 5.89 23.83
C GLY G 72 -55.99 5.94 24.42
N MET G 73 -55.84 5.49 25.66
CA MET G 73 -54.52 5.41 26.27
C MET G 73 -53.64 4.37 25.58
N TYR G 74 -54.20 3.19 25.28
CA TYR G 74 -53.45 2.17 24.56
C TYR G 74 -53.13 2.62 23.14
N PHE G 75 -54.03 3.36 22.50
CA PHE G 75 -53.76 3.93 21.19
C PHE G 75 -52.65 4.96 21.25
N THR G 76 -52.60 5.76 22.32
CA THR G 76 -51.51 6.72 22.48
C THR G 76 -50.17 6.00 22.72
N VAL G 77 -50.20 4.86 23.41
CA VAL G 77 -48.99 4.04 23.57
C VAL G 77 -48.52 3.51 22.21
N THR G 78 -49.44 3.02 21.38
CA THR G 78 -49.03 2.55 20.05
C THR G 78 -48.57 3.69 19.15
N LEU G 79 -49.16 4.88 19.28
CA LEU G 79 -48.70 6.02 18.51
C LEU G 79 -47.31 6.47 18.95
N ILE G 80 -47.03 6.39 20.25
CA ILE G 80 -45.71 6.72 20.78
C ILE G 80 -44.67 5.70 20.30
N VAL G 81 -45.06 4.42 20.25
CA VAL G 81 -44.18 3.36 19.76
C VAL G 81 -43.87 3.57 18.28
N LEU G 82 -44.88 3.91 17.48
CA LEU G 82 -44.66 4.13 16.06
C LEU G 82 -43.90 5.42 15.79
N GLY G 83 -44.04 6.42 16.66
CA GLY G 83 -43.24 7.64 16.52
C GLY G 83 -41.79 7.43 16.87
N ILE G 84 -41.53 6.65 17.92
CA ILE G 84 -40.16 6.26 18.26
C ILE G 84 -39.56 5.41 17.13
N GLY G 85 -40.37 4.55 16.53
CA GLY G 85 -39.90 3.74 15.41
C GLY G 85 -39.58 4.56 14.17
N THR G 86 -40.44 5.53 13.84
CA THR G 86 -40.15 6.35 12.66
C THR G 86 -38.99 7.32 12.92
N PHE G 87 -38.79 7.75 14.17
CA PHE G 87 -37.60 8.52 14.50
C PHE G 87 -36.35 7.67 14.40
N ALA G 88 -36.46 6.39 14.79
CA ALA G 88 -35.31 5.48 14.71
C ALA G 88 -34.94 5.18 13.27
N VAL G 89 -35.92 4.93 12.41
CA VAL G 89 -35.57 4.66 11.01
C VAL G 89 -35.15 5.94 10.28
N ALA G 90 -35.63 7.10 10.71
CA ALA G 90 -35.19 8.35 10.09
C ALA G 90 -33.74 8.66 10.46
N VAL G 91 -33.38 8.51 11.74
CA VAL G 91 -32.01 8.74 12.15
C VAL G 91 -31.09 7.65 11.61
N GLU G 92 -31.63 6.44 11.38
CA GLU G 92 -30.83 5.37 10.80
C GLU G 92 -30.51 5.66 9.34
N ARG G 93 -31.51 6.10 8.57
CA ARG G 93 -31.27 6.45 7.17
C ARG G 93 -30.38 7.68 7.04
N LEU G 94 -30.53 8.65 7.96
CA LEU G 94 -29.67 9.83 7.94
C LEU G 94 -28.22 9.48 8.26
N LEU G 95 -28.00 8.65 9.29
CA LEU G 95 -26.65 8.26 9.64
C LEU G 95 -26.01 7.39 8.57
N GLU G 96 -26.80 6.51 7.95
CA GLU G 96 -26.28 5.67 6.88
C GLU G 96 -25.90 6.50 5.66
N PHE G 97 -26.74 7.48 5.30
CA PHE G 97 -26.44 8.35 4.18
C PHE G 97 -25.21 9.24 4.48
N LEU G 98 -25.10 9.73 5.72
CA LEU G 98 -23.97 10.58 6.07
C LEU G 98 -22.66 9.79 6.10
N ILE G 99 -22.69 8.56 6.60
CA ILE G 99 -21.49 7.74 6.64
C ILE G 99 -21.06 7.35 5.23
N ASN G 100 -22.02 6.92 4.40
CA ASN G 100 -21.70 6.54 3.03
C ASN G 100 -21.21 7.73 2.21
N ARG G 101 -21.79 8.92 2.44
CA ARG G 101 -21.35 10.10 1.71
C ARG G 101 -19.97 10.54 2.15
N GLU G 102 -19.73 10.67 3.46
CA GLU G 102 -18.45 11.16 3.94
C GLU G 102 -17.33 10.13 3.84
N GLN G 103 -17.63 8.87 3.57
CA GLN G 103 -16.56 7.98 3.14
C GLN G 103 -16.38 8.00 1.62
N MET G 104 -17.46 8.18 0.87
CA MET G 104 -17.31 8.34 -0.58
C MET G 104 -16.80 9.72 -0.96
N LYS G 105 -16.92 10.71 -0.08
CA LYS G 105 -16.28 12.00 -0.31
C LYS G 105 -14.84 12.01 0.14
N LEU G 106 -14.45 11.08 1.02
CA LEU G 106 -13.10 11.09 1.56
C LEU G 106 -12.09 10.60 0.53
N MET G 107 -12.31 9.41 -0.02
CA MET G 107 -11.41 8.88 -1.04
C MET G 107 -11.65 9.46 -2.42
N GLY G 108 -12.70 10.27 -2.59
CA GLY G 108 -12.89 11.01 -3.82
C GLY G 108 -13.72 10.31 -4.87
N LEU G 109 -14.69 9.49 -4.48
CA LEU G 109 -15.55 8.81 -5.43
C LEU G 109 -16.82 9.59 -5.73
N ILE G 110 -16.78 10.92 -5.57
CA ILE G 110 -17.93 11.77 -5.85
C ILE G 110 -17.68 12.55 -7.13
N ASP G 111 -18.75 13.04 -7.74
CA ASP G 111 -18.66 13.92 -8.89
C ASP G 111 -18.44 15.36 -8.42
N VAL G 112 -18.12 16.23 -9.38
CA VAL G 112 -17.91 17.66 -9.13
C VAL G 112 -19.07 18.44 -9.71
N ALA G 113 -19.57 19.40 -8.93
CA ALA G 113 -20.71 20.22 -9.35
C ALA G 113 -20.37 21.67 -9.63
N LYS G 114 -19.14 22.10 -9.35
CA LYS G 114 -18.75 23.48 -9.61
C LYS G 114 -18.60 23.72 -11.10
N SER G 115 -18.67 25.00 -11.49
CA SER G 115 -18.65 25.35 -12.90
C SER G 115 -17.74 26.54 -13.22
N ARG G 116 -16.87 26.94 -12.30
CA ARG G 116 -15.79 27.88 -12.60
C ARG G 116 -14.51 27.41 -11.93
N HIS G 117 -14.41 26.12 -11.64
CA HIS G 117 -13.31 25.58 -10.87
C HIS G 117 -12.10 25.33 -11.77
N VAL G 118 -10.99 24.93 -11.14
CA VAL G 118 -9.76 24.58 -11.83
C VAL G 118 -9.48 23.11 -11.56
N VAL G 119 -9.31 22.33 -12.62
CA VAL G 119 -8.95 20.92 -12.50
C VAL G 119 -7.44 20.80 -12.66
N ILE G 120 -6.81 20.09 -11.74
CA ILE G 120 -5.36 19.86 -11.78
C ILE G 120 -5.15 18.35 -11.90
N CYS G 121 -4.74 17.90 -13.07
CA CYS G 121 -4.52 16.49 -13.32
C CYS G 121 -3.11 16.12 -12.85
N GLY G 122 -3.01 15.19 -11.93
CA GLY G 122 -1.75 14.83 -11.34
C GLY G 122 -1.39 15.77 -10.19
N TRP G 123 -0.22 15.51 -9.61
CA TRP G 123 0.20 16.25 -8.43
C TRP G 123 1.71 16.22 -8.31
N SER G 124 2.35 17.38 -8.37
CA SER G 124 3.77 17.50 -8.15
C SER G 124 4.04 18.78 -7.36
N GLU G 125 5.32 19.12 -7.21
CA GLU G 125 5.67 20.39 -6.59
C GLU G 125 5.33 21.57 -7.50
N SER G 126 5.27 21.35 -8.81
CA SER G 126 4.85 22.38 -9.74
C SER G 126 3.38 22.73 -9.61
N THR G 127 2.56 21.82 -9.08
CA THR G 127 1.16 22.11 -8.79
C THR G 127 0.91 22.36 -7.32
N LEU G 128 1.91 22.16 -6.46
CA LEU G 128 1.82 22.59 -5.08
C LEU G 128 2.24 24.05 -4.93
N GLU G 129 3.11 24.53 -5.80
CA GLU G 129 3.40 25.95 -5.88
C GLU G 129 2.35 26.72 -6.65
N CYS G 130 1.39 26.03 -7.27
CA CYS G 130 0.28 26.66 -7.94
C CYS G 130 -0.88 26.92 -6.98
N LEU G 131 -1.02 26.11 -5.93
CA LEU G 131 -2.11 26.28 -4.98
C LEU G 131 -1.85 27.38 -3.96
N ARG G 132 -0.65 27.95 -3.95
CA ARG G 132 -0.36 29.08 -3.07
C ARG G 132 -0.73 30.42 -3.70
N GLU G 133 -1.10 30.43 -4.97
CA GLU G 133 -1.61 31.63 -5.63
C GLU G 133 -3.02 31.43 -6.16
N LEU G 134 -3.72 30.42 -5.65
CA LEU G 134 -5.12 30.17 -5.96
C LEU G 134 -5.87 29.92 -4.66
N ARG G 135 -7.17 29.63 -4.77
CA ARG G 135 -7.97 29.31 -3.60
C ARG G 135 -7.92 27.81 -3.33
N GLY G 136 -8.46 27.42 -2.18
CA GLY G 136 -8.43 26.03 -1.78
C GLY G 136 -9.61 25.23 -2.30
N SER G 137 -10.82 25.72 -2.08
CA SER G 137 -12.03 25.04 -2.54
C SER G 137 -12.28 25.24 -4.03
N GLU G 138 -11.53 26.11 -4.69
CA GLU G 138 -11.70 26.38 -6.11
C GLU G 138 -11.03 25.35 -7.00
N VAL G 139 -10.13 24.53 -6.47
CA VAL G 139 -9.32 23.62 -7.27
C VAL G 139 -9.66 22.18 -6.93
N PHE G 140 -9.57 21.32 -7.94
CA PHE G 140 -9.95 19.91 -7.83
C PHE G 140 -8.85 19.06 -8.43
N VAL G 141 -8.09 18.38 -7.58
CA VAL G 141 -6.97 17.55 -8.04
C VAL G 141 -7.51 16.20 -8.49
N LEU G 142 -7.27 15.86 -9.76
CA LEU G 142 -7.74 14.60 -10.34
C LEU G 142 -6.54 13.66 -10.44
N ALA G 143 -6.42 12.77 -9.46
CA ALA G 143 -5.33 11.81 -9.44
C ALA G 143 -5.87 10.46 -8.99
N GLU G 144 -4.99 9.48 -8.92
CA GLU G 144 -5.36 8.11 -8.60
C GLU G 144 -4.62 7.54 -7.39
N ASP G 145 -3.43 8.02 -7.09
CA ASP G 145 -2.62 7.46 -6.01
C ASP G 145 -3.22 7.84 -4.65
N GLU G 146 -3.10 6.91 -3.70
CA GLU G 146 -3.72 7.10 -2.40
C GLU G 146 -2.92 8.08 -1.54
N ASN G 147 -1.60 8.02 -1.60
CA ASN G 147 -0.77 8.95 -0.83
C ASN G 147 -0.77 10.34 -1.43
N VAL G 148 -1.15 10.46 -2.70
CA VAL G 148 -1.35 11.78 -3.30
C VAL G 148 -2.56 12.46 -2.69
N ARG G 149 -3.61 11.68 -2.39
CA ARG G 149 -4.87 12.21 -1.86
C ARG G 149 -4.67 12.91 -0.52
N LYS G 150 -3.83 12.33 0.34
CA LYS G 150 -3.52 12.96 1.61
C LYS G 150 -2.67 14.21 1.42
N LYS G 151 -1.85 14.27 0.38
CA LYS G 151 -1.09 15.48 0.07
C LYS G 151 -2.00 16.60 -0.43
N VAL G 152 -3.13 16.23 -1.04
CA VAL G 152 -4.09 17.23 -1.52
C VAL G 152 -4.79 17.89 -0.33
N LEU G 153 -5.20 17.10 0.66
CA LEU G 153 -6.00 17.60 1.75
C LEU G 153 -5.21 18.47 2.73
N ARG G 154 -3.87 18.37 2.75
CA ARG G 154 -3.09 19.29 3.56
C ARG G 154 -3.12 20.69 2.99
N SER G 155 -3.14 20.81 1.66
CA SER G 155 -3.16 22.11 1.01
C SER G 155 -4.56 22.68 0.85
N GLY G 156 -5.56 22.05 1.45
CA GLY G 156 -6.92 22.57 1.43
C GLY G 156 -7.67 22.35 0.14
N ALA G 157 -7.09 21.65 -0.83
CA ALA G 157 -7.75 21.42 -2.10
C ALA G 157 -8.69 20.22 -2.00
N ASN G 158 -9.51 20.04 -3.02
CA ASN G 158 -10.44 18.92 -3.10
C ASN G 158 -9.85 17.83 -3.98
N PHE G 159 -10.00 16.59 -3.53
CA PHE G 159 -9.45 15.44 -4.26
C PHE G 159 -10.57 14.71 -4.98
N VAL G 160 -10.41 14.57 -6.29
CA VAL G 160 -11.32 13.79 -7.14
C VAL G 160 -10.56 12.57 -7.61
N HIS G 161 -10.96 11.38 -7.15
CA HIS G 161 -10.27 10.17 -7.57
C HIS G 161 -10.63 9.84 -9.01
N GLY G 162 -9.64 9.36 -9.75
CA GLY G 162 -9.85 8.93 -11.11
C GLY G 162 -8.56 8.98 -11.90
N ASP G 163 -8.58 8.28 -13.04
CA ASP G 163 -7.46 8.33 -13.96
C ASP G 163 -7.66 9.51 -14.90
N PRO G 164 -6.74 10.49 -14.91
CA PRO G 164 -6.95 11.68 -15.75
C PRO G 164 -6.76 11.42 -17.24
N THR G 165 -6.22 10.27 -17.62
CA THR G 165 -6.09 9.95 -19.03
C THR G 165 -7.41 9.47 -19.63
N ARG G 166 -8.29 8.90 -18.80
CA ARG G 166 -9.55 8.39 -19.28
C ARG G 166 -10.55 9.51 -19.49
N VAL G 167 -11.25 9.47 -20.63
CA VAL G 167 -12.25 10.47 -20.94
C VAL G 167 -13.46 10.32 -20.03
N SER G 168 -13.77 9.10 -19.60
CA SER G 168 -14.87 8.87 -18.67
C SER G 168 -14.58 9.40 -17.28
N ASP G 169 -13.31 9.54 -16.89
CA ASP G 169 -12.93 10.06 -15.59
C ASP G 169 -12.47 11.51 -15.64
N LEU G 170 -12.49 12.14 -16.82
CA LEU G 170 -12.36 13.58 -16.90
C LEU G 170 -13.70 14.28 -16.82
N GLU G 171 -14.78 13.59 -17.19
CA GLU G 171 -16.12 14.14 -16.99
C GLU G 171 -16.51 14.12 -15.52
N LYS G 172 -15.89 13.24 -14.73
CA LYS G 172 -16.13 13.21 -13.29
C LYS G 172 -15.58 14.45 -12.60
N ALA G 173 -14.62 15.13 -13.20
CA ALA G 173 -14.05 16.36 -12.66
C ALA G 173 -14.69 17.61 -13.23
N ASN G 174 -15.74 17.44 -14.05
CA ASN G 174 -16.49 18.54 -14.70
C ASN G 174 -15.56 19.42 -15.54
N VAL G 175 -14.78 18.79 -16.42
CA VAL G 175 -13.80 19.51 -17.21
C VAL G 175 -14.45 20.26 -18.37
N ARG G 176 -15.72 19.98 -18.68
CA ARG G 176 -16.41 20.69 -19.74
C ARG G 176 -16.72 22.13 -19.34
N GLY G 177 -17.08 22.34 -18.09
CA GLY G 177 -17.37 23.67 -17.61
C GLY G 177 -16.35 24.15 -16.59
N ALA G 178 -15.08 23.88 -16.84
CA ALA G 178 -14.02 24.32 -15.94
C ALA G 178 -13.41 25.62 -16.44
N ARG G 179 -12.81 26.35 -15.51
CA ARG G 179 -12.21 27.64 -15.84
C ARG G 179 -10.91 27.44 -16.62
N ALA G 180 -10.01 26.62 -16.08
CA ALA G 180 -8.78 26.23 -16.76
C ALA G 180 -8.33 24.91 -16.18
N VAL G 181 -7.63 24.12 -16.99
CA VAL G 181 -7.18 22.79 -16.61
C VAL G 181 -5.66 22.80 -16.58
N ILE G 182 -5.09 22.22 -15.52
CA ILE G 182 -3.64 22.15 -15.37
C ILE G 182 -3.24 20.67 -15.46
N VAL G 183 -2.49 20.33 -16.48
CA VAL G 183 -2.08 18.96 -16.74
C VAL G 183 -0.62 18.80 -16.34
N ASP G 184 -0.38 17.96 -15.34
CA ASP G 184 0.99 17.71 -14.86
C ASP G 184 1.01 16.27 -14.35
N LEU G 185 1.43 15.36 -15.21
CA LEU G 185 1.38 13.94 -14.89
C LEU G 185 2.79 13.38 -14.73
N GLU G 186 2.85 12.09 -14.42
CA GLU G 186 4.11 11.46 -14.00
C GLU G 186 5.09 11.29 -15.15
N SER G 187 4.62 11.28 -16.39
CA SER G 187 5.49 11.23 -17.55
C SER G 187 4.92 12.16 -18.60
N ASP G 188 5.61 12.28 -19.73
CA ASP G 188 5.04 13.04 -20.84
C ASP G 188 4.03 12.25 -21.63
N SER G 189 4.12 10.91 -21.62
CA SER G 189 3.17 10.09 -22.37
C SER G 189 1.77 10.16 -21.77
N GLU G 190 1.67 10.33 -20.46
CA GLU G 190 0.38 10.59 -19.84
C GLU G 190 -0.08 12.02 -20.04
N THR G 191 0.84 12.95 -20.31
CA THR G 191 0.48 14.35 -20.48
C THR G 191 -0.17 14.58 -21.84
N ILE G 192 0.36 13.97 -22.91
CA ILE G 192 -0.26 14.09 -24.23
C ILE G 192 -1.61 13.39 -24.26
N HIS G 193 -1.74 12.29 -23.52
CA HIS G 193 -3.01 11.58 -23.50
C HIS G 193 -4.05 12.33 -22.68
N CYS G 194 -3.64 13.05 -21.65
CA CYS G 194 -4.60 13.82 -20.88
C CYS G 194 -5.11 15.02 -21.64
N ILE G 195 -4.25 15.64 -22.47
CA ILE G 195 -4.69 16.78 -23.28
C ILE G 195 -5.65 16.32 -24.36
N LEU G 196 -5.36 15.19 -24.99
CA LEU G 196 -6.24 14.64 -26.01
C LEU G 196 -7.57 14.18 -25.43
N GLY G 197 -7.57 13.75 -24.16
CA GLY G 197 -8.81 13.41 -23.50
C GLY G 197 -9.67 14.60 -23.13
N ILE G 198 -9.06 15.77 -22.93
CA ILE G 198 -9.82 16.97 -22.62
C ILE G 198 -10.32 17.64 -23.91
N ARG G 199 -9.49 17.65 -24.96
CA ARG G 199 -9.90 18.25 -26.23
C ARG G 199 -10.99 17.46 -26.93
N LYS G 200 -11.17 16.19 -26.60
CA LYS G 200 -12.35 15.47 -27.03
C LYS G 200 -13.61 15.99 -26.33
N ILE G 201 -13.46 16.44 -25.09
CA ILE G 201 -14.62 16.87 -24.31
C ILE G 201 -14.98 18.32 -24.64
N ASP G 202 -14.05 19.24 -24.40
CA ASP G 202 -14.26 20.65 -24.69
C ASP G 202 -13.11 21.17 -25.52
N GLU G 203 -13.43 21.81 -26.64
CA GLU G 203 -12.42 22.31 -27.57
C GLU G 203 -12.02 23.75 -27.29
N SER G 204 -12.45 24.33 -26.16
CA SER G 204 -12.14 25.71 -25.87
C SER G 204 -11.71 25.97 -24.43
N VAL G 205 -11.70 24.95 -23.57
CA VAL G 205 -11.23 25.15 -22.20
C VAL G 205 -9.72 25.28 -22.20
N ARG G 206 -9.20 26.18 -21.37
CA ARG G 206 -7.78 26.51 -21.40
C ARG G 206 -6.99 25.43 -20.68
N ILE G 207 -5.99 24.86 -21.37
CA ILE G 207 -5.16 23.79 -20.85
C ILE G 207 -3.76 24.33 -20.64
N ILE G 208 -3.25 24.19 -19.42
CA ILE G 208 -1.90 24.61 -19.07
C ILE G 208 -1.14 23.35 -18.71
N ALA G 209 -0.27 22.90 -19.60
CA ALA G 209 0.37 21.61 -19.44
C ALA G 209 1.87 21.77 -19.20
N GLU G 210 2.44 20.82 -18.46
CA GLU G 210 3.87 20.82 -18.18
C GLU G 210 4.54 19.75 -19.03
N ALA G 211 5.36 20.20 -19.97
CA ALA G 211 6.20 19.28 -20.72
C ALA G 211 7.44 18.94 -19.91
N GLU G 212 7.98 17.75 -20.14
CA GLU G 212 9.18 17.30 -19.45
C GLU G 212 10.38 17.24 -20.37
N ARG G 213 10.29 16.54 -21.49
CA ARG G 213 11.36 16.51 -22.46
C ARG G 213 11.21 17.65 -23.45
N TYR G 214 12.31 17.99 -24.13
CA TYR G 214 12.27 19.04 -25.12
C TYR G 214 11.53 18.61 -26.37
N GLU G 215 11.57 17.32 -26.69
CA GLU G 215 10.96 16.78 -27.89
C GLU G 215 9.44 16.73 -27.81
N ASN G 216 8.87 16.95 -26.62
CA ASN G 216 7.43 16.86 -26.41
C ASN G 216 6.76 18.22 -26.33
N ILE G 217 7.51 19.30 -26.51
CA ILE G 217 6.92 20.64 -26.47
C ILE G 217 6.05 20.86 -27.70
N GLU G 218 6.55 20.47 -28.87
CA GLU G 218 5.76 20.55 -30.10
C GLU G 218 4.64 19.51 -30.14
N GLN G 219 4.69 18.49 -29.29
CA GLN G 219 3.64 17.48 -29.27
C GLN G 219 2.48 17.88 -28.37
N LEU G 220 2.74 18.68 -27.34
CA LEU G 220 1.64 19.17 -26.52
C LEU G 220 0.80 20.19 -27.26
N ARG G 221 1.41 20.96 -28.17
CA ARG G 221 0.66 21.96 -28.89
C ARG G 221 -0.16 21.37 -30.03
N MET G 222 0.31 20.28 -30.63
CA MET G 222 -0.53 19.52 -31.55
C MET G 222 -1.60 18.72 -30.82
N ALA G 223 -1.36 18.37 -29.55
CA ALA G 223 -2.40 17.72 -28.77
C ALA G 223 -3.49 18.68 -28.37
N GLY G 224 -3.19 19.97 -28.29
CA GLY G 224 -4.20 20.97 -28.03
C GLY G 224 -3.98 21.80 -26.78
N ALA G 225 -2.79 21.71 -26.19
CA ALA G 225 -2.50 22.50 -25.00
C ALA G 225 -2.34 23.97 -25.36
N ASP G 226 -3.06 24.84 -24.64
CA ASP G 226 -3.00 26.26 -24.92
C ASP G 226 -1.70 26.87 -24.42
N GLN G 227 -1.16 26.36 -23.31
CA GLN G 227 0.11 26.86 -22.76
C GLN G 227 0.97 25.68 -22.37
N VAL G 228 2.20 25.66 -22.87
CA VAL G 228 3.19 24.64 -22.54
C VAL G 228 4.26 25.28 -21.67
N ILE G 229 4.50 24.72 -20.50
CA ILE G 229 5.53 25.20 -19.59
C ILE G 229 6.51 24.06 -19.36
N SER G 230 7.75 24.22 -19.82
CA SER G 230 8.76 23.17 -19.74
C SER G 230 9.85 23.58 -18.77
N PRO G 231 9.78 23.15 -17.51
CA PRO G 231 10.79 23.58 -16.53
C PRO G 231 12.09 22.80 -16.63
N PHE G 232 12.03 21.58 -17.13
CA PHE G 232 13.23 20.76 -17.25
C PHE G 232 14.09 21.17 -18.43
N VAL G 233 13.53 21.92 -19.38
CA VAL G 233 14.31 22.45 -20.48
C VAL G 233 14.93 23.80 -20.10
N ILE G 234 14.26 24.55 -19.23
CA ILE G 234 14.83 25.79 -18.69
C ILE G 234 16.07 25.48 -17.86
N SER G 235 15.97 24.50 -16.97
CA SER G 235 17.10 24.09 -16.15
C SER G 235 18.11 23.24 -16.90
N GLY G 236 17.88 22.93 -18.17
CA GLY G 236 18.92 22.35 -18.98
C GLY G 236 19.71 23.43 -19.67
N ARG G 237 19.06 24.56 -19.93
CA ARG G 237 19.73 25.72 -20.47
C ARG G 237 20.27 26.65 -19.38
N LEU G 238 19.85 26.49 -18.13
CA LEU G 238 20.39 27.28 -17.05
C LEU G 238 21.48 26.56 -16.26
N MET G 239 21.59 25.25 -16.38
CA MET G 239 22.68 24.53 -15.74
C MET G 239 23.92 24.50 -16.62
N SER G 240 23.73 24.29 -17.92
CA SER G 240 24.83 24.22 -18.86
C SER G 240 25.38 25.59 -19.24
N ARG G 241 24.73 26.67 -18.84
CA ARG G 241 25.20 28.01 -19.13
C ARG G 241 25.57 28.78 -17.88
N SER G 242 25.49 28.17 -16.70
CA SER G 242 25.94 28.78 -15.46
C SER G 242 27.21 28.13 -14.94
N ILE G 243 27.85 27.27 -15.74
CA ILE G 243 29.09 26.64 -15.32
C ILE G 243 30.24 27.63 -15.35
N ASP G 244 30.35 28.40 -16.44
CA ASP G 244 31.43 29.35 -16.57
C ASP G 244 31.17 30.62 -15.76
N ASP G 245 30.08 31.32 -16.04
CA ASP G 245 29.82 32.63 -15.45
C ASP G 245 28.63 32.61 -14.50
N GLY G 246 27.46 32.23 -14.99
CA GLY G 246 26.27 32.20 -14.14
C GLY G 246 25.65 33.54 -13.85
N TYR G 247 25.34 34.30 -14.91
CA TYR G 247 24.62 35.56 -14.76
C TYR G 247 23.20 35.50 -15.30
N GLU G 248 22.93 34.60 -16.25
CA GLU G 248 21.57 34.44 -16.75
C GLU G 248 20.68 33.78 -15.71
N ALA G 249 21.21 32.80 -14.97
CA ALA G 249 20.43 32.11 -13.96
C ALA G 249 20.16 32.98 -12.73
N MET G 250 20.92 34.07 -12.54
CA MET G 250 20.60 35.00 -11.47
C MET G 250 19.36 35.83 -11.80
N PHE G 251 19.13 36.11 -13.07
CA PHE G 251 17.94 36.86 -13.46
C PHE G 251 16.69 36.02 -13.38
N VAL G 252 16.77 34.75 -13.81
CA VAL G 252 15.61 33.88 -13.81
C VAL G 252 15.20 33.52 -12.39
N GLN G 253 16.16 33.43 -11.48
CA GLN G 253 15.82 33.12 -10.10
C GLN G 253 15.27 34.32 -9.35
N ASP G 254 15.77 35.52 -9.64
CA ASP G 254 15.36 36.70 -8.88
C ASP G 254 14.10 37.37 -9.42
N VAL G 255 13.74 37.12 -10.68
CA VAL G 255 12.58 37.74 -11.29
C VAL G 255 11.42 36.77 -11.42
N LEU G 256 11.70 35.53 -11.85
CA LEU G 256 10.64 34.57 -12.10
C LEU G 256 10.41 33.60 -10.97
N ALA G 257 11.45 33.24 -10.20
CA ALA G 257 11.31 32.26 -9.13
C ALA G 257 11.06 32.89 -7.77
N GLU G 258 11.98 33.70 -7.29
CA GLU G 258 11.88 34.25 -5.95
C GLU G 258 11.08 35.54 -5.88
N GLU G 259 11.14 36.35 -6.95
CA GLU G 259 10.56 37.70 -7.02
C GLU G 259 11.05 38.57 -5.86
N SER G 260 12.37 38.58 -5.69
CA SER G 260 12.98 39.25 -4.54
C SER G 260 12.92 40.76 -4.69
N THR G 261 13.61 41.30 -5.69
CA THR G 261 13.64 42.74 -5.94
C THR G 261 12.78 43.14 -7.13
N ARG G 262 13.04 42.55 -8.30
CA ARG G 262 12.20 42.80 -9.46
C ARG G 262 11.12 41.72 -9.55
N ARG G 263 10.18 41.95 -10.46
CA ARG G 263 9.06 41.04 -10.64
C ARG G 263 8.44 41.29 -12.01
N MET G 264 8.12 40.21 -12.72
CA MET G 264 7.51 40.31 -14.05
C MET G 264 6.01 40.33 -13.90
N VAL G 265 5.36 41.37 -14.41
CA VAL G 265 3.93 41.57 -14.24
C VAL G 265 3.25 41.65 -15.60
N GLU G 266 1.93 41.48 -15.57
CA GLU G 266 1.07 41.64 -16.74
C GLU G 266 -0.01 42.64 -16.37
N VAL G 267 0.05 43.82 -16.96
CA VAL G 267 -0.86 44.91 -16.63
C VAL G 267 -1.74 45.18 -17.85
N PRO G 268 -3.06 45.06 -17.73
CA PRO G 268 -3.93 45.29 -18.88
C PRO G 268 -4.16 46.76 -19.14
N ILE G 269 -4.53 47.07 -20.39
CA ILE G 269 -4.92 48.42 -20.78
C ILE G 269 -6.45 48.46 -20.80
N PRO G 270 -7.09 49.19 -19.89
CA PRO G 270 -8.55 49.24 -19.89
C PRO G 270 -9.12 50.18 -20.94
N GLU G 271 -10.43 50.42 -20.89
CA GLU G 271 -11.10 51.24 -21.90
C GLU G 271 -10.68 52.71 -21.77
N GLY G 272 -10.13 53.26 -22.86
CA GLY G 272 -9.62 54.61 -22.83
C GLY G 272 -8.23 54.67 -22.23
N SER G 273 -8.15 55.13 -20.98
CA SER G 273 -6.99 54.97 -20.10
C SER G 273 -5.76 55.72 -20.59
N LYS G 274 -5.96 56.91 -21.18
CA LYS G 274 -4.98 58.00 -21.35
C LYS G 274 -3.75 57.69 -22.22
N LEU G 275 -3.66 56.44 -22.68
CA LEU G 275 -2.60 55.99 -23.57
C LEU G 275 -3.11 55.27 -24.84
N GLU G 276 -4.41 55.37 -25.13
CA GLU G 276 -4.99 54.69 -26.27
C GLU G 276 -4.67 55.44 -27.56
N GLY G 277 -3.75 54.91 -28.36
CA GLY G 277 -3.43 55.46 -29.66
C GLY G 277 -2.03 56.02 -29.79
N VAL G 278 -1.36 56.35 -28.70
CA VAL G 278 -0.01 56.88 -28.79
C VAL G 278 0.97 55.73 -28.91
N SER G 279 2.12 56.01 -29.50
CA SER G 279 3.14 55.00 -29.73
C SER G 279 3.97 54.78 -28.48
N VAL G 280 4.95 53.88 -28.57
CA VAL G 280 5.89 53.68 -27.48
C VAL G 280 6.95 54.77 -27.45
N LEU G 281 7.10 55.54 -28.54
CA LEU G 281 7.94 56.73 -28.51
C LEU G 281 7.27 57.83 -27.68
N ASP G 282 5.97 58.05 -27.90
CA ASP G 282 5.24 59.01 -27.11
C ASP G 282 4.99 58.53 -25.69
N ALA G 283 4.98 57.22 -25.46
CA ALA G 283 4.82 56.70 -24.11
C ALA G 283 6.13 56.84 -23.32
N ASP G 284 7.17 56.16 -23.80
CA ASP G 284 8.50 56.06 -23.17
C ASP G 284 8.37 55.62 -21.72
N ILE G 285 7.92 54.37 -21.57
CA ILE G 285 7.52 53.82 -20.27
C ILE G 285 8.71 53.65 -19.34
N HIS G 286 9.91 53.41 -19.89
CA HIS G 286 11.06 53.15 -19.04
C HIS G 286 11.58 54.42 -18.36
N ASP G 287 11.42 55.58 -19.01
CA ASP G 287 11.82 56.82 -18.35
C ASP G 287 10.75 57.30 -17.38
N VAL G 288 9.47 57.06 -17.70
CA VAL G 288 8.39 57.55 -16.88
C VAL G 288 8.25 56.73 -15.60
N THR G 289 8.11 55.41 -15.74
CA THR G 289 7.94 54.52 -14.60
C THR G 289 9.22 53.79 -14.23
N GLY G 290 9.86 53.14 -15.19
CA GLY G 290 11.07 52.39 -14.92
C GLY G 290 10.91 50.91 -15.18
N VAL G 291 9.77 50.54 -15.75
CA VAL G 291 9.45 49.16 -16.06
C VAL G 291 9.89 48.88 -17.49
N ILE G 292 10.81 47.93 -17.65
CA ILE G 292 11.30 47.57 -18.98
C ILE G 292 10.21 46.75 -19.66
N ILE G 293 9.57 47.33 -20.67
CA ILE G 293 8.49 46.65 -21.38
C ILE G 293 9.09 45.55 -22.25
N ILE G 294 8.85 44.30 -21.88
CA ILE G 294 9.37 43.17 -22.65
C ILE G 294 8.58 42.99 -23.93
N GLY G 295 7.26 42.86 -23.82
CA GLY G 295 6.42 42.68 -24.98
C GLY G 295 5.00 43.12 -24.68
N VAL G 296 4.19 43.10 -25.72
CA VAL G 296 2.78 43.50 -25.64
C VAL G 296 1.92 42.33 -26.11
N GLY G 297 0.88 42.04 -25.36
CA GLY G 297 0.00 40.92 -25.66
C GLY G 297 -1.24 41.23 -26.47
N ARG G 298 -1.10 41.60 -27.74
CA ARG G 298 -2.25 41.97 -28.55
C ARG G 298 -2.92 40.71 -29.08
N GLY G 299 -3.90 40.22 -28.34
CA GLY G 299 -4.80 39.17 -28.82
C GLY G 299 -4.18 37.80 -29.02
N ASP G 300 -3.79 37.15 -27.92
CA ASP G 300 -3.23 35.79 -27.89
C ASP G 300 -1.98 35.65 -28.75
N GLU G 301 -1.19 36.72 -28.85
CA GLU G 301 0.15 36.67 -29.38
C GLU G 301 1.02 37.57 -28.52
N LEU G 302 2.33 37.46 -28.69
CA LEU G 302 3.28 38.24 -27.92
C LEU G 302 4.28 38.88 -28.87
N ILE G 303 4.23 40.20 -28.98
CA ILE G 303 5.19 40.94 -29.80
C ILE G 303 6.27 41.42 -28.83
N ILE G 304 7.28 40.58 -28.62
CA ILE G 304 8.39 40.95 -27.76
C ILE G 304 9.25 41.99 -28.46
N ASP G 305 9.66 43.02 -27.69
CA ASP G 305 10.33 44.23 -28.17
C ASP G 305 9.52 44.89 -29.28
N PRO G 306 8.41 45.56 -28.96
CA PRO G 306 7.61 46.18 -30.01
C PRO G 306 8.35 47.36 -30.62
N PRO G 307 8.15 47.62 -31.92
CA PRO G 307 8.95 48.66 -32.59
C PRO G 307 8.55 50.07 -32.20
N ARG G 308 9.28 51.05 -32.76
CA ARG G 308 9.07 52.45 -32.38
C ARG G 308 7.78 53.02 -32.92
N ASP G 309 7.16 52.39 -33.91
CA ASP G 309 5.93 52.86 -34.51
C ASP G 309 4.71 52.04 -34.11
N TYR G 310 4.88 51.06 -33.21
CA TYR G 310 3.74 50.30 -32.69
C TYR G 310 2.89 51.20 -31.80
N SER G 311 1.58 50.95 -31.82
CA SER G 311 0.62 51.71 -31.02
C SER G 311 -0.19 50.76 -30.15
N PHE G 312 -0.50 51.20 -28.93
CA PHE G 312 -1.28 50.40 -28.00
C PHE G 312 -2.76 50.44 -28.36
N ARG G 313 -3.47 49.39 -27.95
CA ARG G 313 -4.92 49.28 -28.17
C ARG G 313 -5.59 49.01 -26.83
N ALA G 314 -6.93 48.92 -26.87
CA ALA G 314 -7.68 48.53 -25.69
C ALA G 314 -7.67 47.01 -25.57
N GLY G 315 -7.33 46.53 -24.38
CA GLY G 315 -7.19 45.09 -24.18
C GLY G 315 -5.81 44.53 -24.48
N ASP G 316 -4.81 45.39 -24.67
CA ASP G 316 -3.44 44.93 -24.79
C ASP G 316 -2.87 44.65 -23.41
N ILE G 317 -1.98 43.67 -23.34
CA ILE G 317 -1.37 43.25 -22.08
C ILE G 317 0.10 43.64 -22.13
N ILE G 318 0.47 44.64 -21.35
CA ILE G 318 1.85 45.09 -21.25
C ILE G 318 2.59 44.13 -20.34
N LEU G 319 3.69 43.58 -20.84
CA LEU G 319 4.52 42.64 -20.09
C LEU G 319 5.84 43.32 -19.74
N GLY G 320 6.11 43.46 -18.45
CA GLY G 320 7.32 44.16 -18.03
C GLY G 320 7.79 43.71 -16.66
N ILE G 321 9.06 43.99 -16.39
CA ILE G 321 9.69 43.70 -15.11
C ILE G 321 9.91 45.00 -14.36
N GLY G 322 9.93 44.91 -13.04
CA GLY G 322 10.17 46.09 -12.23
C GLY G 322 9.98 45.79 -10.76
N LYS G 323 10.27 46.81 -9.96
CA LYS G 323 10.08 46.71 -8.52
C LYS G 323 8.60 46.85 -8.17
N PRO G 324 8.18 46.36 -7.00
CA PRO G 324 6.77 46.55 -6.61
C PRO G 324 6.38 48.01 -6.38
N GLU G 325 7.32 48.87 -5.99
CA GLU G 325 7.06 50.30 -6.00
C GLU G 325 7.12 50.90 -7.40
N GLU G 326 7.73 50.21 -8.34
CA GLU G 326 7.86 50.66 -9.72
C GLU G 326 6.69 50.20 -10.59
N ILE G 327 5.99 49.15 -10.18
CA ILE G 327 4.85 48.64 -10.94
C ILE G 327 3.55 49.34 -10.51
N GLU G 328 3.44 49.72 -9.23
CA GLU G 328 2.31 50.54 -8.79
C GLU G 328 2.33 51.93 -9.43
N ARG G 329 3.52 52.41 -9.81
CA ARG G 329 3.58 53.62 -10.62
C ARG G 329 3.08 53.36 -12.04
N LEU G 330 3.27 52.14 -12.55
CA LEU G 330 2.78 51.83 -13.89
C LEU G 330 1.27 51.64 -13.91
N LYS G 331 0.71 51.04 -12.86
CA LYS G 331 -0.73 50.82 -12.83
C LYS G 331 -1.50 52.11 -12.57
N ASN G 332 -0.85 53.13 -11.99
CA ASN G 332 -1.48 54.43 -11.88
C ASN G 332 -1.23 55.30 -13.10
N TYR G 333 -0.15 55.05 -13.83
CA TYR G 333 0.07 55.69 -15.11
C TYR G 333 -0.85 55.13 -16.19
N ILE G 334 -1.37 53.93 -16.00
CA ILE G 334 -2.21 53.26 -16.97
C ILE G 334 -3.68 53.33 -16.61
N SER G 335 -4.01 53.83 -15.42
CA SER G 335 -5.40 53.93 -14.99
C SER G 335 -6.14 55.04 -15.75
N ALA G 336 -7.46 55.04 -15.60
CA ALA G 336 -8.31 56.01 -16.26
C ALA G 336 -9.01 56.91 -15.25
N SER H 115 40.95 20.37 -14.23
CA SER H 115 40.12 21.50 -13.83
C SER H 115 39.17 21.89 -14.95
N ARG H 116 38.76 20.92 -15.76
CA ARG H 116 37.84 21.14 -16.85
C ARG H 116 36.70 20.13 -16.89
N HIS H 117 36.67 19.19 -15.96
CA HIS H 117 35.63 18.17 -15.92
C HIS H 117 34.50 18.60 -15.00
N VAL H 118 33.29 18.15 -15.32
CA VAL H 118 32.07 18.55 -14.62
C VAL H 118 31.43 17.31 -14.02
N VAL H 119 31.25 17.31 -12.71
CA VAL H 119 30.64 16.20 -12.00
C VAL H 119 29.16 16.51 -11.82
N ILE H 120 28.31 15.61 -12.31
CA ILE H 120 26.87 15.76 -12.16
C ILE H 120 26.40 14.74 -11.13
N CYS H 121 25.77 15.22 -10.07
CA CYS H 121 25.31 14.36 -8.98
C CYS H 121 23.81 14.13 -9.14
N GLY H 122 23.45 12.99 -9.69
CA GLY H 122 22.06 12.64 -9.93
C GLY H 122 21.72 12.68 -11.41
N TRP H 123 20.60 12.04 -11.74
CA TRP H 123 20.15 11.97 -13.12
C TRP H 123 18.67 12.29 -13.20
N SER H 124 18.32 13.21 -14.09
CA SER H 124 16.93 13.57 -14.37
C SER H 124 16.90 14.18 -15.78
N GLU H 125 15.73 14.67 -16.17
CA GLU H 125 15.60 15.33 -17.45
C GLU H 125 16.26 16.71 -17.45
N SER H 126 16.53 17.28 -16.26
CA SER H 126 17.31 18.50 -16.19
C SER H 126 18.74 18.26 -16.65
N THR H 127 19.36 17.17 -16.19
CA THR H 127 20.75 16.90 -16.52
C THR H 127 20.93 16.37 -17.93
N LEU H 128 19.91 15.69 -18.46
CA LEU H 128 19.97 15.22 -19.84
C LEU H 128 19.93 16.40 -20.81
N GLU H 129 19.11 17.41 -20.51
CA GLU H 129 19.12 18.63 -21.30
C GLU H 129 20.36 19.47 -21.05
N CYS H 130 21.05 19.24 -19.93
CA CYS H 130 22.30 19.94 -19.68
C CYS H 130 23.42 19.35 -20.53
N LEU H 131 23.39 18.04 -20.78
CA LEU H 131 24.45 17.35 -21.51
C LEU H 131 24.41 17.60 -23.00
N ARG H 132 23.38 18.26 -23.51
CA ARG H 132 23.24 18.41 -24.96
C ARG H 132 24.24 19.40 -25.54
N GLU H 133 24.63 20.40 -24.76
CA GLU H 133 25.59 21.40 -25.22
C GLU H 133 26.86 21.43 -24.37
N LEU H 134 27.00 20.50 -23.44
CA LEU H 134 28.28 20.26 -22.78
C LEU H 134 29.09 19.25 -23.59
N ARG H 135 30.36 19.12 -23.23
CA ARG H 135 31.22 18.18 -23.93
C ARG H 135 30.90 16.76 -23.47
N GLY H 136 30.83 15.83 -24.43
CA GLY H 136 30.46 14.46 -24.12
C GLY H 136 31.64 13.56 -23.81
N SER H 137 32.67 14.11 -23.18
CA SER H 137 33.81 13.33 -22.73
C SER H 137 34.30 13.70 -21.34
N GLU H 138 33.83 14.80 -20.77
CA GLU H 138 34.38 15.33 -19.52
C GLU H 138 33.38 15.30 -18.37
N VAL H 139 32.26 14.60 -18.53
CA VAL H 139 31.18 14.64 -17.55
C VAL H 139 31.16 13.34 -16.78
N PHE H 140 31.26 13.42 -15.46
CA PHE H 140 31.18 12.27 -14.57
C PHE H 140 29.83 12.31 -13.86
N VAL H 141 28.84 11.60 -14.40
CA VAL H 141 27.54 11.51 -13.77
C VAL H 141 27.63 10.53 -12.60
N LEU H 142 27.46 11.03 -11.39
CA LEU H 142 27.55 10.22 -10.19
C LEU H 142 26.14 9.95 -9.67
N ALA H 143 25.73 8.69 -9.68
CA ALA H 143 24.40 8.32 -9.23
C ALA H 143 24.47 6.95 -8.57
N GLU H 144 23.37 6.58 -7.91
CA GLU H 144 23.31 5.36 -7.11
C GLU H 144 22.72 4.18 -7.87
N ASP H 145 21.70 4.41 -8.69
CA ASP H 145 21.03 3.32 -9.40
C ASP H 145 21.92 2.78 -10.52
N GLU H 146 21.90 1.45 -10.67
CA GLU H 146 22.59 0.81 -11.78
C GLU H 146 21.83 1.01 -13.08
N ASN H 147 20.51 1.20 -13.00
CA ASN H 147 19.67 1.44 -14.17
C ASN H 147 19.97 2.78 -14.83
N VAL H 148 20.54 3.73 -14.08
CA VAL H 148 20.89 5.04 -14.61
C VAL H 148 22.03 4.93 -15.63
N ARG H 149 22.90 3.92 -15.48
CA ARG H 149 24.10 3.77 -16.30
C ARG H 149 23.78 3.58 -17.78
N LYS H 150 22.65 2.94 -18.10
CA LYS H 150 22.25 2.79 -19.50
C LYS H 150 21.86 4.12 -20.12
N LYS H 151 21.17 4.97 -19.36
CA LYS H 151 20.73 6.26 -19.88
C LYS H 151 21.90 7.23 -20.04
N VAL H 152 22.88 7.16 -19.14
CA VAL H 152 24.02 8.07 -19.20
C VAL H 152 24.93 7.75 -20.38
N LEU H 153 25.15 6.46 -20.64
CA LEU H 153 26.02 6.06 -21.74
C LEU H 153 25.37 6.33 -23.10
N ARG H 154 24.04 6.40 -23.17
CA ARG H 154 23.39 6.87 -24.38
C ARG H 154 23.68 8.36 -24.59
N SER H 155 23.79 9.12 -23.50
CA SER H 155 24.09 10.54 -23.59
C SER H 155 25.57 10.83 -23.78
N GLY H 156 26.42 9.83 -23.62
CA GLY H 156 27.85 10.03 -23.77
C GLY H 156 28.49 10.74 -22.59
N ALA H 157 28.34 10.15 -21.41
CA ALA H 157 28.99 10.67 -20.22
C ALA H 157 29.46 9.49 -19.37
N ASN H 158 30.48 9.74 -18.56
CA ASN H 158 31.17 8.69 -17.82
C ASN H 158 30.44 8.45 -16.50
N PHE H 159 29.65 7.38 -16.44
CA PHE H 159 28.92 7.08 -15.21
C PHE H 159 29.88 6.60 -14.12
N VAL H 160 29.63 7.07 -12.91
CA VAL H 160 30.40 6.69 -11.72
C VAL H 160 29.41 6.20 -10.68
N HIS H 161 29.42 4.91 -10.38
CA HIS H 161 28.51 4.35 -9.40
C HIS H 161 28.96 4.74 -7.99
N GLY H 162 28.08 5.39 -7.25
CA GLY H 162 28.41 5.80 -5.89
C GLY H 162 27.22 6.46 -5.24
N ASP H 163 27.38 6.79 -3.97
CA ASP H 163 26.35 7.49 -3.22
C ASP H 163 26.72 8.96 -3.15
N PRO H 164 25.96 9.85 -3.81
CA PRO H 164 26.39 11.26 -3.88
C PRO H 164 26.23 12.04 -2.59
N THR H 165 25.57 11.47 -1.57
CA THR H 165 25.52 12.12 -0.27
C THR H 165 26.66 11.69 0.64
N ARG H 166 27.32 10.59 0.32
CA ARG H 166 28.46 10.12 1.11
C ARG H 166 29.73 10.83 0.64
N VAL H 167 30.51 11.34 1.60
CA VAL H 167 31.75 12.05 1.26
C VAL H 167 32.79 11.07 0.72
N SER H 168 32.74 9.81 1.15
CA SER H 168 33.69 8.81 0.66
C SER H 168 33.45 8.44 -0.79
N ASP H 169 32.25 8.70 -1.32
CA ASP H 169 31.95 8.47 -2.73
C ASP H 169 31.97 9.74 -3.56
N LEU H 170 31.93 10.92 -2.92
CA LEU H 170 32.12 12.15 -3.66
C LEU H 170 33.58 12.35 -4.05
N GLU H 171 34.50 11.78 -3.28
CA GLU H 171 35.91 11.83 -3.65
C GLU H 171 36.23 10.90 -4.81
N LYS H 172 35.44 9.83 -4.98
CA LYS H 172 35.65 8.91 -6.09
C LYS H 172 35.29 9.55 -7.43
N ALA H 173 34.31 10.45 -7.43
CA ALA H 173 33.91 11.15 -8.64
C ALA H 173 34.78 12.37 -8.94
N ASN H 174 35.81 12.61 -8.12
CA ASN H 174 36.84 13.63 -8.33
C ASN H 174 36.23 15.03 -8.39
N VAL H 175 35.48 15.37 -7.33
CA VAL H 175 34.91 16.71 -7.23
C VAL H 175 35.91 17.73 -6.73
N ARG H 176 37.09 17.31 -6.28
CA ARG H 176 38.11 18.23 -5.82
C ARG H 176 38.82 18.80 -7.05
N GLY H 177 38.65 20.09 -7.28
CA GLY H 177 39.26 20.73 -8.43
C GLY H 177 38.51 20.43 -9.71
N ALA H 178 37.19 20.53 -9.66
CA ALA H 178 36.34 20.33 -10.83
C ALA H 178 35.96 21.69 -11.41
N ARG H 179 35.48 21.66 -12.65
CA ARG H 179 35.04 22.88 -13.31
C ARG H 179 33.77 23.41 -12.68
N ALA H 180 32.78 22.54 -12.50
CA ALA H 180 31.57 22.83 -11.74
C ALA H 180 30.96 21.51 -11.32
N VAL H 181 30.18 21.54 -10.24
CA VAL H 181 29.45 20.38 -9.78
C VAL H 181 27.96 20.69 -9.84
N ILE H 182 27.23 19.95 -10.65
CA ILE H 182 25.80 20.15 -10.82
C ILE H 182 25.08 19.12 -9.97
N VAL H 183 24.23 19.60 -9.05
CA VAL H 183 23.60 18.74 -8.05
C VAL H 183 22.09 18.84 -8.20
N ASP H 184 21.46 17.73 -8.55
CA ASP H 184 20.00 17.59 -8.43
C ASP H 184 19.68 16.10 -8.27
N LEU H 185 18.96 15.77 -7.22
CA LEU H 185 18.75 14.39 -6.83
C LEU H 185 17.26 14.09 -6.72
N GLU H 186 16.95 12.86 -6.30
CA GLU H 186 15.59 12.35 -6.30
C GLU H 186 14.69 13.04 -5.28
N SER H 187 15.26 13.69 -4.28
CA SER H 187 14.50 14.49 -3.34
C SER H 187 15.25 15.80 -3.12
N ASP H 188 14.70 16.64 -2.25
CA ASP H 188 15.35 17.89 -1.91
C ASP H 188 16.15 17.79 -0.63
N SER H 189 15.99 16.71 0.13
CA SER H 189 16.81 16.49 1.32
C SER H 189 18.20 16.00 0.96
N GLU H 190 18.32 15.24 -0.12
CA GLU H 190 19.63 14.78 -0.57
C GLU H 190 20.37 15.83 -1.37
N THR H 191 19.68 16.86 -1.85
CA THR H 191 20.36 17.94 -2.56
C THR H 191 21.13 18.82 -1.59
N ILE H 192 20.58 19.04 -0.39
CA ILE H 192 21.30 19.82 0.63
C ILE H 192 22.49 19.02 1.16
N HIS H 193 22.31 17.71 1.36
CA HIS H 193 23.37 16.88 1.90
C HIS H 193 24.47 16.65 0.87
N CYS H 194 24.15 16.68 -0.41
CA CYS H 194 25.19 16.55 -1.42
C CYS H 194 26.06 17.79 -1.47
N ILE H 195 25.47 18.97 -1.23
CA ILE H 195 26.24 20.21 -1.23
C ILE H 195 27.16 20.28 -0.01
N LEU H 196 26.63 19.88 1.16
CA LEU H 196 27.43 19.87 2.38
C LEU H 196 28.55 18.84 2.31
N GLY H 197 28.36 17.78 1.52
CA GLY H 197 29.44 16.82 1.33
C GLY H 197 30.55 17.38 0.46
N ILE H 198 30.19 18.19 -0.53
CA ILE H 198 31.20 18.80 -1.41
C ILE H 198 31.97 19.89 -0.67
N ARG H 199 31.27 20.66 0.17
CA ARG H 199 31.93 21.75 0.88
C ARG H 199 32.85 21.26 1.99
N LYS H 200 32.74 20.00 2.40
CA LYS H 200 33.78 19.41 3.24
C LYS H 200 35.03 19.07 2.45
N ILE H 201 34.88 18.87 1.14
CA ILE H 201 36.00 18.51 0.27
C ILE H 201 36.61 19.77 -0.33
N ASP H 202 35.81 20.52 -1.07
CA ASP H 202 36.26 21.70 -1.78
C ASP H 202 35.36 22.85 -1.37
N GLU H 203 35.96 23.91 -0.82
CA GLU H 203 35.23 25.11 -0.44
C GLU H 203 35.25 26.18 -1.52
N SER H 204 35.63 25.83 -2.74
CA SER H 204 35.79 26.80 -3.81
C SER H 204 35.16 26.39 -5.14
N VAL H 205 34.76 25.13 -5.30
CA VAL H 205 34.21 24.69 -6.58
C VAL H 205 32.77 25.19 -6.71
N ARG H 206 32.39 25.55 -7.94
CA ARG H 206 31.08 26.14 -8.20
C ARG H 206 30.03 25.04 -8.19
N ILE H 207 29.15 25.07 -7.19
CA ILE H 207 28.04 24.13 -7.09
C ILE H 207 26.80 24.79 -7.68
N ILE H 208 26.18 24.14 -8.65
CA ILE H 208 24.98 24.63 -9.29
C ILE H 208 23.87 23.66 -8.91
N ALA H 209 23.08 24.03 -7.91
CA ALA H 209 22.12 23.12 -7.32
C ALA H 209 20.79 23.17 -8.09
N GLU H 210 19.77 22.52 -7.53
CA GLU H 210 18.42 22.65 -8.04
C GLU H 210 17.44 22.46 -6.88
N ALA H 211 16.63 23.46 -6.63
CA ALA H 211 15.65 23.42 -5.56
C ALA H 211 14.33 22.86 -6.08
N GLU H 212 13.79 21.88 -5.37
CA GLU H 212 12.44 21.41 -5.68
C GLU H 212 11.41 22.33 -5.06
N ARG H 213 11.42 22.47 -3.74
CA ARG H 213 10.48 23.33 -3.03
C ARG H 213 11.01 24.75 -2.97
N TYR H 214 10.09 25.70 -2.79
CA TYR H 214 10.47 27.10 -2.69
C TYR H 214 11.16 27.41 -1.38
N GLU H 215 10.80 26.71 -0.30
CA GLU H 215 11.35 26.93 1.02
C GLU H 215 12.80 26.47 1.14
N ASN H 216 13.34 25.75 0.16
CA ASN H 216 14.67 25.19 0.23
C ASN H 216 15.69 26.00 -0.57
N ILE H 217 15.27 27.11 -1.19
CA ILE H 217 16.22 27.92 -1.95
C ILE H 217 17.20 28.61 -1.01
N GLU H 218 16.71 29.11 0.12
CA GLU H 218 17.61 29.68 1.12
C GLU H 218 18.40 28.61 1.87
N GLN H 219 17.95 27.35 1.82
CA GLN H 219 18.69 26.27 2.47
C GLN H 219 19.76 25.67 1.58
N LEU H 220 19.67 25.84 0.26
CA LEU H 220 20.77 25.44 -0.61
C LEU H 220 21.88 26.47 -0.62
N ARG H 221 21.53 27.76 -0.51
CA ARG H 221 22.55 28.79 -0.47
C ARG H 221 23.26 28.85 0.87
N MET H 222 22.55 28.50 1.96
CA MET H 222 23.22 28.38 3.25
C MET H 222 24.06 27.11 3.31
N ALA H 223 23.72 26.11 2.50
CA ALA H 223 24.53 24.90 2.44
C ALA H 223 25.83 25.13 1.69
N GLY H 224 25.82 26.00 0.69
CA GLY H 224 27.04 26.33 -0.02
C GLY H 224 26.92 26.33 -1.53
N ALA H 225 25.70 26.23 -2.05
CA ALA H 225 25.50 26.29 -3.48
C ALA H 225 25.70 27.71 -3.98
N ASP H 226 26.47 27.87 -5.05
CA ASP H 226 26.70 29.20 -5.60
C ASP H 226 25.55 29.65 -6.46
N GLN H 227 24.89 28.74 -7.17
CA GLN H 227 23.75 29.06 -8.01
C GLN H 227 22.64 28.05 -7.76
N VAL H 228 21.44 28.55 -7.50
CA VAL H 228 20.28 27.71 -7.24
C VAL H 228 19.27 27.96 -8.35
N ILE H 229 18.88 26.90 -9.06
CA ILE H 229 17.91 26.98 -10.13
C ILE H 229 16.70 26.16 -9.72
N SER H 230 15.60 26.83 -9.39
CA SER H 230 14.41 26.14 -8.92
C SER H 230 13.36 26.11 -10.03
N PRO H 231 13.21 24.99 -10.76
CA PRO H 231 12.27 24.97 -11.88
C PRO H 231 10.82 24.80 -11.47
N PHE H 232 10.54 24.19 -10.32
CA PHE H 232 9.17 23.98 -9.89
C PHE H 232 8.57 25.22 -9.23
N VAL H 233 9.39 26.18 -8.85
CA VAL H 233 8.87 27.48 -8.42
C VAL H 233 8.58 28.34 -9.63
N ILE H 234 9.41 28.23 -10.67
CA ILE H 234 9.16 28.96 -11.92
C ILE H 234 7.92 28.40 -12.60
N SER H 235 7.89 27.08 -12.82
CA SER H 235 6.73 26.46 -13.43
C SER H 235 5.52 26.41 -12.50
N GLY H 236 5.72 26.60 -11.20
CA GLY H 236 4.59 26.69 -10.30
C GLY H 236 3.90 28.03 -10.34
N ARG H 237 4.68 29.11 -10.42
CA ARG H 237 4.09 30.44 -10.52
C ARG H 237 3.56 30.72 -11.93
N LEU H 238 4.16 30.12 -12.96
CA LEU H 238 3.69 30.32 -14.32
C LEU H 238 2.39 29.58 -14.60
N MET H 239 2.03 28.59 -13.79
CA MET H 239 0.75 27.92 -13.98
C MET H 239 -0.38 28.76 -13.41
N SER H 240 -0.22 29.28 -12.19
CA SER H 240 -1.27 30.07 -11.57
C SER H 240 -1.43 31.45 -12.19
N ARG H 241 -0.40 31.95 -12.88
CA ARG H 241 -0.48 33.25 -13.54
C ARG H 241 -0.90 33.15 -14.99
N SER H 242 -1.19 31.95 -15.49
CA SER H 242 -1.61 31.77 -16.88
C SER H 242 -3.00 31.18 -16.98
N ILE H 243 -3.76 31.13 -15.88
CA ILE H 243 -5.10 30.58 -15.92
C ILE H 243 -6.04 31.52 -16.69
N ASP H 244 -5.95 32.81 -16.43
CA ASP H 244 -6.79 33.79 -17.11
C ASP H 244 -6.04 34.50 -18.24
N ASP H 245 -4.89 35.11 -17.95
CA ASP H 245 -4.23 36.00 -18.89
C ASP H 245 -3.24 35.25 -19.79
N GLY H 246 -2.19 34.67 -19.20
CA GLY H 246 -1.30 33.80 -19.94
C GLY H 246 -0.36 34.45 -20.93
N TYR H 247 0.26 35.56 -20.56
CA TYR H 247 1.25 36.18 -21.43
C TYR H 247 2.66 36.18 -20.85
N GLU H 248 2.82 35.90 -19.56
CA GLU H 248 4.16 35.77 -18.99
C GLU H 248 4.79 34.45 -19.42
N ALA H 249 4.03 33.35 -19.32
CA ALA H 249 4.53 32.04 -19.68
C ALA H 249 4.72 31.86 -21.17
N MET H 250 4.16 32.74 -22.00
CA MET H 250 4.47 32.75 -23.41
C MET H 250 5.85 33.34 -23.66
N PHE H 251 6.32 34.22 -22.78
CA PHE H 251 7.66 34.78 -22.90
C PHE H 251 8.72 33.82 -22.40
N VAL H 252 8.47 33.17 -21.25
CA VAL H 252 9.42 32.23 -20.68
C VAL H 252 9.58 31.00 -21.56
N GLN H 253 8.52 30.55 -22.21
CA GLN H 253 8.62 29.39 -23.07
C GLN H 253 9.33 29.73 -24.39
N ASP H 254 9.09 30.92 -24.93
CA ASP H 254 9.64 31.25 -26.23
C ASP H 254 11.08 31.73 -26.17
N VAL H 255 11.58 32.13 -25.01
CA VAL H 255 12.91 32.73 -24.87
C VAL H 255 13.81 31.85 -24.01
N LEU H 256 13.33 31.44 -22.84
CA LEU H 256 14.20 30.70 -21.92
C LEU H 256 14.25 29.21 -22.26
N ALA H 257 13.13 28.64 -22.69
CA ALA H 257 13.04 27.20 -22.92
C ALA H 257 13.31 26.82 -24.37
N GLU H 258 12.49 27.33 -25.29
CA GLU H 258 12.59 26.90 -26.68
C GLU H 258 13.67 27.64 -27.44
N GLU H 259 13.84 28.93 -27.14
CA GLU H 259 14.59 29.90 -27.97
C GLU H 259 14.09 29.85 -29.41
N SER H 260 12.80 30.14 -29.58
CA SER H 260 12.17 30.06 -30.88
C SER H 260 12.64 31.18 -31.80
N THR H 261 12.56 32.42 -31.32
CA THR H 261 13.11 33.53 -32.07
C THR H 261 14.04 34.40 -31.23
N ARG H 262 13.79 34.52 -29.93
CA ARG H 262 14.62 35.29 -29.02
C ARG H 262 15.32 34.36 -28.04
N ARG H 263 16.52 34.75 -27.62
CA ARG H 263 17.23 34.00 -26.61
C ARG H 263 18.02 34.96 -25.74
N MET H 264 18.15 34.60 -24.47
CA MET H 264 18.92 35.42 -23.53
C MET H 264 20.41 35.25 -23.81
N VAL H 265 21.09 36.36 -24.01
CA VAL H 265 22.49 36.35 -24.39
C VAL H 265 23.32 36.84 -23.21
N GLU H 266 24.57 36.37 -23.15
CA GLU H 266 25.55 36.83 -22.17
C GLU H 266 26.82 37.17 -22.93
N VAL H 267 27.06 38.46 -23.14
CA VAL H 267 28.23 38.93 -23.87
C VAL H 267 29.15 39.67 -22.90
N PRO H 268 30.46 39.44 -22.95
CA PRO H 268 31.38 40.23 -22.14
C PRO H 268 31.93 41.43 -22.90
N ILE H 269 32.37 42.42 -22.12
CA ILE H 269 33.05 43.59 -22.67
C ILE H 269 34.54 43.31 -22.62
N PRO H 270 35.20 43.08 -23.76
CA PRO H 270 36.64 42.80 -23.72
C PRO H 270 37.47 44.05 -23.53
N GLU H 271 38.79 43.90 -23.58
CA GLU H 271 39.71 44.94 -23.13
C GLU H 271 39.77 46.07 -24.16
N GLY H 272 39.17 47.22 -23.82
CA GLY H 272 39.30 48.42 -24.60
C GLY H 272 38.63 48.40 -25.96
N SER H 273 37.32 48.15 -25.99
CA SER H 273 36.58 48.02 -27.25
C SER H 273 35.27 48.79 -27.15
N LYS H 274 35.32 50.08 -27.50
CA LYS H 274 34.20 50.97 -27.81
C LYS H 274 33.28 51.27 -26.63
N LEU H 275 33.40 50.53 -25.53
CA LEU H 275 32.51 50.74 -24.36
C LEU H 275 33.16 51.01 -23.00
N GLU H 276 34.43 51.42 -22.98
CA GLU H 276 35.11 51.65 -21.72
C GLU H 276 34.66 52.97 -21.10
N GLY H 277 33.79 52.90 -20.10
CA GLY H 277 33.42 54.06 -19.32
C GLY H 277 32.31 54.92 -19.89
N VAL H 278 31.73 54.55 -21.03
CA VAL H 278 30.65 55.34 -21.61
C VAL H 278 29.34 54.99 -20.93
N SER H 279 28.51 56.00 -20.65
CA SER H 279 27.26 55.78 -19.96
C SER H 279 26.23 55.14 -20.90
N VAL H 280 25.15 54.64 -20.30
CA VAL H 280 24.12 53.96 -21.07
C VAL H 280 23.32 54.95 -21.92
N LEU H 281 23.15 56.18 -21.42
CA LEU H 281 22.33 57.16 -22.13
C LEU H 281 22.99 57.66 -23.41
N ASP H 282 24.30 57.50 -23.55
CA ASP H 282 24.99 57.85 -24.80
C ASP H 282 25.77 56.67 -25.37
N ALA H 283 25.36 55.44 -25.05
CA ALA H 283 25.84 54.26 -25.75
C ALA H 283 24.85 53.71 -26.76
N ASP H 284 23.58 54.09 -26.63
CA ASP H 284 22.49 53.72 -27.56
C ASP H 284 22.34 52.21 -27.68
N ILE H 285 22.40 51.54 -26.52
CA ILE H 285 22.64 50.10 -26.48
C ILE H 285 21.47 49.27 -27.01
N HIS H 286 20.26 49.81 -27.03
CA HIS H 286 19.12 49.09 -27.58
C HIS H 286 18.70 49.56 -28.96
N ASP H 287 18.56 50.87 -29.17
CA ASP H 287 17.94 51.37 -30.39
C ASP H 287 18.83 51.27 -31.62
N VAL H 288 20.13 51.01 -31.48
CA VAL H 288 20.98 50.82 -32.64
C VAL H 288 21.19 49.33 -32.94
N THR H 289 20.88 48.45 -31.98
CA THR H 289 21.13 47.03 -32.13
C THR H 289 19.85 46.21 -32.19
N GLY H 290 18.99 46.30 -31.19
CA GLY H 290 17.76 45.55 -31.18
C GLY H 290 17.69 44.55 -30.04
N VAL H 291 18.53 44.76 -29.02
CA VAL H 291 18.61 43.88 -27.87
C VAL H 291 18.10 44.62 -26.65
N ILE H 292 17.06 44.07 -26.01
CA ILE H 292 16.62 44.59 -24.72
C ILE H 292 17.67 44.27 -23.68
N ILE H 293 18.15 45.30 -22.98
CA ILE H 293 19.18 45.14 -21.97
C ILE H 293 18.48 44.95 -20.63
N ILE H 294 18.60 43.77 -20.07
CA ILE H 294 17.93 43.44 -18.80
C ILE H 294 18.79 43.82 -17.61
N GLY H 295 20.05 43.38 -17.60
CA GLY H 295 20.92 43.69 -16.50
C GLY H 295 22.37 43.59 -16.91
N VAL H 296 23.22 44.26 -16.14
CA VAL H 296 24.65 44.22 -16.33
C VAL H 296 25.26 43.41 -15.18
N GLY H 297 26.34 42.71 -15.49
CA GLY H 297 26.97 41.85 -14.51
C GLY H 297 28.41 42.19 -14.22
N ARG H 298 28.74 42.40 -12.94
CA ARG H 298 30.11 42.69 -12.54
C ARG H 298 30.37 41.98 -11.21
N GLY H 299 31.10 40.85 -11.28
CA GLY H 299 31.61 40.18 -10.11
C GLY H 299 30.58 39.58 -9.17
N ASP H 300 29.82 38.59 -9.67
CA ASP H 300 28.77 37.87 -8.92
C ASP H 300 27.71 38.82 -8.36
N GLU H 301 27.39 39.88 -9.10
CA GLU H 301 26.38 40.85 -8.70
C GLU H 301 25.67 41.32 -9.95
N LEU H 302 24.40 40.92 -10.09
CA LEU H 302 23.61 41.25 -11.27
C LEU H 302 22.77 42.48 -10.97
N ILE H 303 23.07 43.59 -11.65
CA ILE H 303 22.35 44.84 -11.46
C ILE H 303 21.28 44.90 -12.55
N ILE H 304 20.09 44.39 -12.24
CA ILE H 304 18.98 44.40 -13.19
C ILE H 304 18.47 45.82 -13.34
N ASP H 305 18.09 46.18 -14.58
CA ASP H 305 17.69 47.52 -15.02
C ASP H 305 18.76 48.53 -14.65
N PRO H 306 19.88 48.58 -15.37
CA PRO H 306 20.97 49.49 -15.00
C PRO H 306 20.58 50.93 -15.27
N PRO H 307 20.98 51.85 -14.40
CA PRO H 307 20.57 53.25 -14.54
C PRO H 307 21.41 53.97 -15.59
N ARG H 308 21.08 55.24 -15.81
CA ARG H 308 21.79 56.04 -16.80
C ARG H 308 23.21 56.36 -16.36
N ASP H 309 23.39 56.65 -15.07
CA ASP H 309 24.72 56.93 -14.52
C ASP H 309 25.42 55.62 -14.17
N TYR H 310 25.84 54.91 -15.24
CA TYR H 310 26.55 53.66 -15.10
C TYR H 310 27.55 53.55 -16.24
N SER H 311 28.78 53.17 -15.91
CA SER H 311 29.86 53.12 -16.88
C SER H 311 30.35 51.69 -17.02
N PHE H 312 30.28 51.15 -18.23
CA PHE H 312 30.77 49.80 -18.50
C PHE H 312 32.30 49.79 -18.50
N ARG H 313 32.88 48.74 -17.93
CA ARG H 313 34.32 48.56 -17.86
C ARG H 313 34.70 47.28 -18.59
N ALA H 314 35.99 46.95 -18.56
CA ALA H 314 36.50 45.76 -19.22
C ALA H 314 36.32 44.58 -18.28
N GLY H 315 35.26 43.82 -18.50
CA GLY H 315 34.98 42.65 -17.66
C GLY H 315 33.52 42.51 -17.35
N ASP H 316 32.72 43.51 -17.71
CA ASP H 316 31.29 43.48 -17.45
C ASP H 316 30.59 42.49 -18.38
N ILE H 317 29.58 41.83 -17.83
CA ILE H 317 28.72 40.92 -18.59
C ILE H 317 27.41 41.63 -18.85
N ILE H 318 27.09 41.83 -20.13
CA ILE H 318 25.81 42.41 -20.52
C ILE H 318 24.85 41.27 -20.79
N LEU H 319 23.73 41.25 -20.06
CA LEU H 319 22.72 40.21 -20.20
C LEU H 319 21.55 40.78 -20.98
N GLY H 320 21.38 40.32 -22.22
CA GLY H 320 20.40 40.89 -23.12
C GLY H 320 19.50 39.83 -23.72
N ILE H 321 18.40 40.30 -24.31
CA ILE H 321 17.41 39.47 -24.96
C ILE H 321 17.22 39.98 -26.37
N GLY H 322 17.44 39.11 -27.36
CA GLY H 322 17.28 39.51 -28.74
C GLY H 322 17.42 38.33 -29.68
N LYS H 323 17.06 38.57 -30.93
CA LYS H 323 17.17 37.56 -31.96
C LYS H 323 18.64 37.29 -32.29
N PRO H 324 18.96 36.11 -32.84
CA PRO H 324 20.36 35.84 -33.23
C PRO H 324 20.87 36.69 -34.38
N GLU H 325 20.01 37.39 -35.12
CA GLU H 325 20.52 38.40 -36.05
C GLU H 325 20.83 39.72 -35.36
N GLU H 326 20.26 39.95 -34.18
CA GLU H 326 20.58 41.15 -33.39
C GLU H 326 21.72 40.91 -32.43
N ILE H 327 21.90 39.66 -31.98
CA ILE H 327 22.98 39.32 -31.07
C ILE H 327 24.34 39.47 -31.78
N GLU H 328 24.40 39.11 -33.06
CA GLU H 328 25.62 39.32 -33.84
C GLU H 328 25.91 40.79 -34.05
N ARG H 329 24.88 41.63 -34.12
CA ARG H 329 25.09 43.07 -34.15
C ARG H 329 25.38 43.65 -32.77
N LEU H 330 25.23 42.86 -31.70
CA LEU H 330 25.63 43.33 -30.38
C LEU H 330 27.10 43.02 -30.13
N LYS H 331 27.56 41.83 -30.53
CA LYS H 331 28.97 41.49 -30.38
C LYS H 331 29.84 42.23 -31.39
N ASN H 332 29.25 42.74 -32.48
CA ASN H 332 30.00 43.61 -33.38
C ASN H 332 30.07 45.04 -32.86
N TYR H 333 29.12 45.44 -32.02
CA TYR H 333 29.17 46.77 -31.42
C TYR H 333 30.20 46.84 -30.29
N ILE H 334 30.59 45.70 -29.73
CA ILE H 334 31.63 45.66 -28.71
C ILE H 334 32.97 45.21 -29.33
N SER H 335 33.13 45.39 -30.64
CA SER H 335 34.40 45.07 -31.27
C SER H 335 35.37 46.25 -31.15
N ALA H 336 36.52 46.10 -31.78
CA ALA H 336 37.55 47.14 -31.76
C ALA H 336 37.16 48.30 -32.68
#